data_6CAP
#
_entry.id   6CAP
#
_cell.length_a   400.970
_cell.length_b   400.970
_cell.length_c   175.050
_cell.angle_alpha   90.000
_cell.angle_beta   90.000
_cell.angle_gamma   90.000
#
_symmetry.space_group_name_H-M   'P 41 21 2'
#
loop_
_entity.id
_entity.type
_entity.pdbx_description
1 polymer '16S Ribosomal RNA rRNA'
2 polymer '30S ribosomal protein S2'
3 polymer '30S ribosomal protein S3'
4 polymer '30S ribosomal protein S4'
5 polymer 'RIBOSOMAL PROTEIN S5'
6 polymer '30S ribosomal protein S6'
7 polymer '30S ribosomal protein S7'
8 polymer '30S ribosomal protein S8'
9 polymer '30S ribosomal protein S9'
10 polymer '30S ribosomal protein S10'
11 polymer '30S ribosomal protein S11'
12 polymer '30S ribosomal protein S12'
13 polymer '30S ribosomal protein S13'
14 polymer '30S ribosomal protein S14 type Z'
15 polymer '30S ribosomal protein S15'
16 polymer '30S ribosomal protein S16'
17 polymer '30S ribosomal protein S17'
18 polymer '30S ribosomal protein S18'
19 polymer '30S ribosomal protein S19'
20 polymer '30S ribosomal protein S20'
21 polymer '30S ribosomal protein Thx'
22 polymer "RNA (5'-R(*UP*UP*UP*UP*UP*U)-3')"
23 polymer "RNA (5'-R(*GP*GP*GP*AP*UP*UP*GP*AP*AP*AP*AP*UP*CP*CP*C)-3')"
24 non-polymer 'MAGNESIUM ION'
25 non-polymer '(1S,2S,3R,4S,6R)-4,6-diamino-3-{[(2S,3R)-3-amino-6-(aminomethyl)-3,4-dihydro-2H-pyran-2-yl]oxy}-2-hydroxycyclohexyl 3-deoxy-4-C-methyl-3-(methylamino)-beta-L-arabinopyranoside'
26 non-polymer 'ZINC ION'
27 water water
#
loop_
_entity_poly.entity_id
_entity_poly.type
_entity_poly.pdbx_seq_one_letter_code
_entity_poly.pdbx_strand_id
1 'polyribonucleotide'
;UUUGUUGGAGAGUCUGAUCCUGGCUCAGGGUGAACGCUGGCGGCGUGCCUAAGACAUGCAAGUCGUGCGGGCCGCGGGGU
UUUACUCCGUGGUCAGCGGCGGACGGGUGAGUAACGCGUGGGUGACCUACCCGGAAGAGGGGGACAACCCGGGGAAACUC
GGGCUAAUCCCCCAUGUGGACCCGCCCCUUGGGGUGUGUCCAAAGGGCUUUGCCCGCUUCCGGAUGGGCCCGCGUCCCAU
CAGCUAGUUGGUGGGGUAAUGGCCCACCAAGGCGACGACGGGUAGCCGGUCUGAGAGGAUGGCCGGCCACAGGGGCACUG
AGACACGGGCCCCACUCCUACGGGAGGCAGCAGUUAGGAAUCUUCCGCAAUGGGCGCAAGCCUGACGGAGCGACGCCGCU
UGGAGGAAGAAGCCCUUCGGGGUGUAAACUCCUGAACCCGGGACGAAACCCCCGACGAGGGGACUGACGGUACCGGGGUA
AUAGCGCCGGCCAACUCCG(PSU)GCCAGCAGCC(G7M)CGGUAAUACGGAGGGCGCGAGCGUUACCCGGAUUCACUGGG
CGUAAAGGGCGUGUAGGCGGCCUGGGGCGUCCCAUGUGAAAGACCACGGCUCAACCGUGGGGGAGCGUGGGAUACGCUCA
GGCUAGACGGUGGGAGAGGGUGGUGGAAUUCCCGGAGUAGCGGUGAAAUGCGCAGAUACCGGGAGGAACGCCGAUGGCGA
AGGCAGCCACCUGGUCCACCCGUGACGCUGAGGCGCGAAAGCGUGGGGAGCAAACCGGAUUAGAUACCCGGGUAGUCCAC
GCCCUAAACGAUGCGCGCUAGGUCUCUGGGUCUCCUGGGGGCCGAAGCUAACGCGUUAAGCGCGCCGCCUGGGGAGUACG
GCCGCAAGGCUGAAACUCAAAGGAAUUGACGGGGGCCCGCACAAGCGGUGGAGCAUGUGGUUUAAUUCGAA(M2G)
(5MC)AACGCGAAGAACCUUACCAGGCCUUGACAUGCUAGGGAACCCGGGUGAAAGCCUGGGGUGCCCCGCGAGGGGAGC
CCUAGCACAGGUGCUGCAUGGCCGUCGUCAGCUCGUGCCGUGAGGUGUUGGGUUAAGUCCCGCAACGAGCGCAACCCCCG
CCGUUAGUUGCCAGCGGUUCGGCCGGGCACUCUAACGGGACUGCCCGCGAAAGCGGGAGGAAGGAGGGGACGACGUCUGG
UCAGCAUG(2MG)CCCUUACGGCCUGGGCGACACACGUGCUACAAUGCCCACUACAAAGCGAUGCCACCCGGCAACGGGG
AGCUAAUCGCAAAAAGGUGGGCCCAGUUCGGAUUGGGGUCUGCAACCCGACCCCAUGAAGCCGGAAUCGCUAGUAAUCGC
GGAUCAGCCAUGCCGCGGUGAAUACGUUCCCGGGCCUUGUACACAC(5MC)G(4OC)C(5MC)GU(5MC)ACGCCAUGGG
AGCGGGCUCUACCCGAAGUCGCCGGGAGCCUACGGGCAGGCGCCGAGGGUAGGGCCCGUGACUGGGGCGAAGUCG(UR3)
AACAAGGUAGCUGUACCGG(MA6)(MA6)GGUGCGGCUGGAUCACCUCC(PSU)(PSU)UCU
;
A
2 'polypeptide(L)'
;VKELLEAGVHFGHERKRWNPKFARYIYAERNGIHIIDLQKTMEELERTFRFIEDLAMRGGTILFVGTKKQAQDIVRMEAE
RAGMPYVNQRWLGGMLTNFKTISQRVHRLEELEALFASPEIEERPKKEQVRLKHELERLQKYLSGFRLLKRLPDAIFVVD
PTKEAIAVREARKLFIPVIALADTDSDPDLVDYIIPGNDDAIRSIQLILSRAVDLIIQARGGVVEPSPSYALVQ
;
B
3 'polypeptide(L)'
;GNKIHPIGFRLGITRDWESRWYAGKKQYRHLLLEDQRIRGLLEKELYSAGLARVDIERAADNVAVTVHVAKPGVVIGRGG
ERIRVLREELAKLTGKNVALNVQEVQNPNLSAPLVAQRVAEQIERRFAVRRAIKQAVQRVMESGAKGAKVIVSGRIGGAE
QARTEWAAQGRVPLHTLRANIDYGFALARTTYGVLGVKAYIFLGEV
;
C
4 'polypeptide(L)'
;GRYIGPVCRLCRREGVKLYLKGERCYSPKCAMERRPYPPGQHGQKRARRPSDYAVRLREKQKLRRIYGISERQFRNLFEE
ASKKKGVTGSVFLGLLESRLDNVVYRLGFAVSRRQARQLVRHGHITVNGRRVDLPSYRVRPGDEIAVAEKSRNLELIRQN
LEAMKGRKVGPWLSLDVEGMKGKFLRLPDREDLALPVNEQLVIEFYSR
;
D
5 'polypeptide(L)'
;DFEEKMILIRRTARMQAGGRRFRFGALVVVGDRQGRVGLGFGKAPEVPLAVQKAGYYARRNMVEVPLQNGTIPHEIEVEF
GASKIVLKPAAPGTGVIAGAVPRAILELAGVTDILTKELGSRNPINIAYATMEALRQLRTKADVERLRKG
;
E
6 'polypeptide(L)'
;MRRYEVNIVLNPNLDQSQLALEKEIIQRALENYGARVEKVEELGLRRLAYPIAKDPQGYFLWYQVEMPEDRVNDLARELR
IRDNVRRVMVVKSQEPFLANA
;
F
7 'polypeptide(L)'
;ARRRRAEVRQLQPDLVYGDVLVTAFINKIMRDGKKNLAARIFYDACKIIQEKTGQEPLKVFKQAVENVKPRMEVRSRRVG
GANYQVPMEVSPRRQQSLALRWLVQAANQRPERRAAVRIAHELMDAAEGKGGAVKKKEDVERMAEANRAYAHYRW
;
G
8 'polypeptide(L)'
;MLTDPIADMLTRIRNATRVYKESTDVPASRFKEEILRILAREGFIKGYERVDVDGKPYLRVYLKYGPRRQGPDPRPEQVI
HHIRRISKPGRRVYVGVKEIPRVRRGLGIAILSTSKGVLTDREARKLGVGGELICEVW
;
H
9 'polypeptide(L)'
;EQYYGTGRRKEAVARVFLRPGNGKVTVNGQDFNEYFQGLVRAVAALEPLRAVDALGHFDAYITVRGGGKSGQIDAIKLGI
ARALVQYNPDYRAKLKPLGFLTRDARVVERKKYGKHKARRAPQYSKR
;
I
10 'polypeptide(L)'
;KIRIKLRGFDHKTLDASAQKIVEAARRSGAQVSGPIPLPTRVRRFTVIRGPFKHKDSREHFELRTHNRLVDIINPNRKTI
EQLMTLDLPTGVEIEIKT
;
J
11 'polypeptide(L)'
;KRQVASGRAYIHASYNNTIVTITDPDGNPITWSSGGVIGYKGSRKGTPYAAQLAALDAAKKAMAYGMQSVDVIVRGTGAG
REQAIRALQASGLQVKSIVDDTPVPHNGCRPKKKFR
;
K
12 'polypeptide(L)'
;PTINQLVRKGREKVRKKSKVPALKGAPFRRGVCTVVRTVTPKKPNSALRKVAKVRLTSGYEVTAYIPGEGHNLQEHSVVL
IRGGRVK(0TD)LPGVRYHIVRGVYDAAGVKDRKKSRSKYGTKKPKEA
;
L
13 'polypeptide(L)'
;ARIAGVEIPRNKRVDVALTYIYGIGKARAKEALEKTGINPATRVKDLTEAEVVRLREYVENTWKLEGELRAEVAANIKRL
MDIGCYRGLRHRRGLPVRGQRTRTNARTRKGPRKTVAG
;
M
14 'polypeptide(L)' ARKALIEKAKRTPKFKVRAYTRCVRCGRARSVYRFFGLCRICLRELAHKGQLPGVRKASW N
15 'polypeptide(L)'
;PITKEEKQKVIQEFARFPGDTGSTEVQVALLTLRINRLSEHLKVHKKDHHSHRGLLMMVGQRRRLLRYLQREDPERYRAL
IEKLGIR
;
O
16 'polypeptide(L)'
;MVKIRLARFGSKHNPHYRIVVTDARRKRDGKYIEKIGYYDPRKTTPDWLKVDVERARYWLSVGAQPTDTARRLLRQAGVF
RQE
;
P
17 'polypeptide(L)'
;PKKVLTGVVVSDKMQKTVTVLVERQFPHPLYGKVIKRSKKYLAHDPEEKYKLGDVVEIIESRPISKRKRFRVLRLVESGR
MDLVEKYLIRRQNYQSLSK
;
Q
18 'polypeptide(L)' KAKVKATLGEFDLRDYRNVEVLKRFLSETGKILPRRRTGLSAKEQRILAKTIKRARILGLLPFTEKLVRK R
19 'polypeptide(L)' PRSLKKGVFVDDHLLEKVLELNAKGEKRLIKTWSRRSTIVPEMVGHTIAVYNGKQHVPVYITENMVGHKLGEFAPTRTYR S
20 'polypeptide(L)'
;RNLSALKRHRQSLKRRLRNKAKKSAIKTLSKKAIQLAQEGKAEEALKIMRKAESLIDKAAKGSTLHKNAAARRKSRLMRK
VRQLLEAAGAPLIGGGLSA
;
T
21 'polypeptide(L)' GKGDRRTRRGKIWRGTYGKYRPRK U
22 'polyribonucleotide' UUUUUU Y
23 'polyribonucleotide' GGGAUUGAAAAUCCC W
#
# COMPACT_ATOMS: atom_id res chain seq x y z
N VAL B 1 41.02 -46.63 -5.50
CA VAL B 1 40.12 -45.49 -5.63
C VAL B 1 40.90 -44.18 -5.60
N LYS B 2 41.38 -43.78 -6.78
CA LYS B 2 42.12 -42.53 -6.96
C LYS B 2 42.34 -42.34 -8.46
N GLU B 3 42.87 -41.18 -8.83
CA GLU B 3 43.44 -41.02 -10.16
C GLU B 3 44.48 -39.93 -10.15
N LEU B 4 45.50 -40.10 -10.98
CA LEU B 4 46.66 -39.24 -11.03
C LEU B 4 46.86 -38.59 -12.39
N LEU B 5 46.86 -39.41 -13.45
CA LEU B 5 47.07 -39.02 -14.84
C LEU B 5 45.84 -38.40 -15.46
N GLU B 6 44.92 -37.87 -14.65
CA GLU B 6 43.68 -37.37 -15.20
C GLU B 6 43.73 -35.92 -15.59
N ALA B 7 44.94 -35.35 -15.73
CA ALA B 7 45.09 -34.19 -16.60
C ALA B 7 44.76 -34.51 -18.04
N GLY B 8 44.70 -35.80 -18.39
CA GLY B 8 44.30 -36.26 -19.70
C GLY B 8 42.83 -36.06 -20.02
N VAL B 9 42.04 -35.54 -19.09
CA VAL B 9 40.64 -35.20 -19.37
C VAL B 9 40.28 -33.78 -18.95
N HIS B 10 40.58 -33.42 -17.70
CA HIS B 10 39.84 -32.40 -16.95
C HIS B 10 40.62 -31.11 -16.69
N PHE B 11 41.51 -30.71 -17.60
CA PHE B 11 42.48 -29.66 -17.29
C PHE B 11 41.81 -28.38 -16.79
N GLY B 12 40.94 -27.76 -17.59
CA GLY B 12 40.38 -26.47 -17.22
C GLY B 12 39.15 -26.14 -18.02
N HIS B 13 38.61 -24.94 -17.75
CA HIS B 13 37.31 -24.54 -18.29
C HIS B 13 37.17 -23.02 -18.24
N GLU B 14 36.11 -22.51 -18.87
CA GLU B 14 35.55 -21.19 -18.56
C GLU B 14 36.46 -19.98 -18.75
N ARG B 15 36.66 -19.54 -20.00
CA ARG B 15 37.71 -18.60 -20.40
C ARG B 15 37.97 -17.43 -19.44
N LYS B 16 37.05 -16.45 -19.32
CA LYS B 16 37.14 -15.50 -18.19
C LYS B 16 35.75 -14.92 -17.89
N ARG B 17 34.96 -15.71 -17.16
CA ARG B 17 33.79 -15.27 -16.43
C ARG B 17 34.01 -15.58 -14.96
N TRP B 18 35.28 -15.71 -14.60
CA TRP B 18 35.71 -16.31 -13.35
C TRP B 18 35.11 -15.60 -12.15
N ASN B 19 34.67 -16.37 -11.19
CA ASN B 19 34.48 -15.85 -9.87
C ASN B 19 35.86 -15.65 -9.26
N PRO B 20 36.26 -14.44 -8.90
CA PRO B 20 37.61 -14.24 -8.35
C PRO B 20 37.88 -15.04 -7.09
N LYS B 21 36.84 -15.46 -6.37
CA LYS B 21 37.03 -16.34 -5.22
C LYS B 21 37.63 -17.68 -5.62
N PHE B 22 37.58 -18.02 -6.90
CA PHE B 22 38.15 -19.26 -7.43
C PHE B 22 39.62 -19.13 -7.77
N ALA B 23 40.25 -18.00 -7.43
CA ALA B 23 41.61 -17.73 -7.89
C ALA B 23 42.64 -18.68 -7.29
N ARG B 24 42.38 -19.19 -6.10
CA ARG B 24 43.34 -20.09 -5.47
C ARG B 24 43.53 -21.35 -6.31
N TYR B 25 42.46 -21.84 -6.95
CA TYR B 25 42.47 -23.13 -7.64
C TYR B 25 42.85 -23.04 -9.11
N ILE B 26 43.31 -21.88 -9.57
CA ILE B 26 43.68 -21.69 -10.97
C ILE B 26 45.17 -21.90 -11.14
N TYR B 27 45.54 -22.61 -12.19
CA TYR B 27 46.95 -22.74 -12.54
C TYR B 27 47.43 -21.52 -13.32
N ALA B 28 46.81 -21.24 -14.45
CA ALA B 28 47.16 -20.10 -15.29
C ALA B 28 46.03 -19.89 -16.31
N GLU B 29 46.25 -18.96 -17.23
CA GLU B 29 45.30 -18.67 -18.31
C GLU B 29 45.99 -18.99 -19.63
N ARG B 30 45.69 -20.16 -20.20
CA ARG B 30 46.35 -20.66 -21.40
C ARG B 30 45.39 -20.51 -22.57
N ASN B 31 45.83 -19.79 -23.60
CA ASN B 31 45.03 -19.53 -24.81
C ASN B 31 43.70 -18.86 -24.47
N GLY B 32 43.74 -17.94 -23.50
CA GLY B 32 42.54 -17.24 -23.09
C GLY B 32 41.52 -18.08 -22.35
N ILE B 33 41.95 -19.19 -21.72
CA ILE B 33 41.06 -20.06 -20.96
C ILE B 33 41.71 -20.32 -19.60
N HIS B 34 40.88 -20.31 -18.54
CA HIS B 34 41.35 -20.61 -17.20
C HIS B 34 41.56 -22.11 -17.04
N ILE B 35 42.76 -22.51 -16.63
CA ILE B 35 43.09 -23.91 -16.42
C ILE B 35 43.35 -24.12 -14.94
N ILE B 36 42.81 -25.20 -14.41
CA ILE B 36 42.76 -25.46 -12.97
C ILE B 36 44.04 -26.15 -12.53
N ASP B 37 44.58 -25.75 -11.37
CA ASP B 37 45.77 -26.40 -10.83
C ASP B 37 45.46 -27.86 -10.53
N LEU B 38 46.17 -28.74 -11.22
CA LEU B 38 45.81 -30.15 -11.19
C LEU B 38 46.13 -30.77 -9.83
N GLN B 39 47.30 -30.44 -9.27
CA GLN B 39 47.64 -30.94 -7.94
C GLN B 39 46.66 -30.40 -6.90
N LYS B 40 46.29 -29.12 -7.02
CA LYS B 40 45.28 -28.55 -6.12
C LYS B 40 44.00 -29.35 -6.15
N THR B 41 43.67 -29.97 -7.29
CA THR B 41 42.46 -30.78 -7.37
C THR B 41 42.59 -32.02 -6.50
N MET B 42 43.64 -32.82 -6.74
CA MET B 42 43.80 -34.08 -6.01
C MET B 42 43.78 -33.86 -4.51
N GLU B 43 44.35 -32.76 -4.05
CA GLU B 43 44.34 -32.47 -2.61
C GLU B 43 42.91 -32.35 -2.10
N GLU B 44 42.05 -31.64 -2.84
CA GLU B 44 40.68 -31.48 -2.38
C GLU B 44 39.86 -32.76 -2.55
N LEU B 45 40.24 -33.61 -3.52
CA LEU B 45 39.53 -34.87 -3.72
C LEU B 45 39.68 -35.79 -2.51
N GLU B 46 40.89 -35.90 -1.98
CA GLU B 46 41.14 -36.74 -0.82
C GLU B 46 40.30 -36.28 0.37
N ARG B 47 40.34 -34.97 0.66
CA ARG B 47 39.55 -34.44 1.76
C ARG B 47 38.07 -34.67 1.52
N THR B 48 37.64 -34.54 0.27
CA THR B 48 36.26 -34.83 -0.09
C THR B 48 35.97 -36.32 0.06
N PHE B 49 36.80 -37.18 -0.54
CA PHE B 49 36.53 -38.61 -0.52
C PHE B 49 36.66 -39.21 0.88
N ARG B 50 37.47 -38.59 1.75
CA ARG B 50 37.50 -39.01 3.15
C ARG B 50 36.13 -38.83 3.79
N PHE B 51 35.54 -37.66 3.60
CA PHE B 51 34.18 -37.41 4.09
C PHE B 51 33.16 -38.32 3.42
N ILE B 52 33.38 -38.68 2.16
CA ILE B 52 32.43 -39.51 1.43
C ILE B 52 32.42 -40.92 2.01
N GLU B 53 33.59 -41.57 2.03
CA GLU B 53 33.68 -42.91 2.61
C GLU B 53 33.15 -42.93 4.04
N ASP B 54 33.58 -41.96 4.85
CA ASP B 54 33.13 -41.88 6.23
C ASP B 54 31.61 -41.79 6.32
N LEU B 55 30.99 -41.01 5.44
CA LEU B 55 29.53 -40.90 5.45
C LEU B 55 28.89 -42.13 4.82
N ALA B 56 29.53 -42.70 3.80
CA ALA B 56 28.94 -43.84 3.11
C ALA B 56 28.93 -45.08 4.00
N MET B 57 30.08 -45.41 4.59
CA MET B 57 30.13 -46.55 5.50
C MET B 57 29.31 -46.31 6.75
N ARG B 58 29.07 -45.05 7.12
CA ARG B 58 28.15 -44.75 8.21
C ARG B 58 26.71 -45.07 7.84
N GLY B 59 26.39 -45.04 6.55
CA GLY B 59 25.04 -45.31 6.09
C GLY B 59 24.20 -44.10 5.77
N GLY B 60 24.82 -42.97 5.46
CA GLY B 60 24.07 -41.74 5.23
C GLY B 60 23.60 -41.60 3.79
N THR B 61 22.46 -40.93 3.64
CA THR B 61 21.92 -40.66 2.31
C THR B 61 22.62 -39.45 1.69
N ILE B 62 22.85 -39.51 0.38
CA ILE B 62 23.43 -38.41 -0.37
C ILE B 62 22.54 -38.09 -1.55
N LEU B 63 22.22 -36.81 -1.72
CA LEU B 63 21.43 -36.36 -2.85
C LEU B 63 22.37 -35.91 -3.96
N PHE B 64 22.24 -36.54 -5.13
CA PHE B 64 22.98 -36.14 -6.32
C PHE B 64 22.10 -35.20 -7.13
N VAL B 65 22.58 -33.98 -7.36
CA VAL B 65 21.79 -32.95 -8.02
C VAL B 65 22.59 -32.43 -9.20
N GLY B 66 22.07 -32.61 -10.40
CA GLY B 66 22.65 -32.03 -11.60
C GLY B 66 21.64 -31.85 -12.71
N THR B 67 21.43 -30.59 -13.12
CA THR B 67 20.43 -30.29 -14.15
C THR B 67 21.03 -29.79 -15.44
N LYS B 68 22.35 -29.55 -15.48
CA LYS B 68 23.01 -29.26 -16.74
C LYS B 68 22.65 -30.32 -17.77
N LYS B 69 22.40 -29.88 -19.00
CA LYS B 69 22.15 -30.85 -20.06
C LYS B 69 23.36 -31.74 -20.32
N GLN B 70 24.53 -31.38 -19.79
CA GLN B 70 25.72 -32.21 -19.93
C GLN B 70 25.74 -33.34 -18.90
N ALA B 71 25.09 -33.16 -17.76
CA ALA B 71 25.19 -34.12 -16.66
C ALA B 71 23.87 -34.80 -16.35
N GLN B 72 22.84 -34.60 -17.16
CA GLN B 72 21.51 -35.10 -16.82
C GLN B 72 21.50 -36.62 -16.67
N ASP B 73 22.01 -37.34 -17.67
CA ASP B 73 21.89 -38.79 -17.69
C ASP B 73 23.03 -39.51 -16.99
N ILE B 74 24.12 -38.83 -16.66
CA ILE B 74 25.12 -39.47 -15.80
C ILE B 74 24.61 -39.53 -14.37
N VAL B 75 23.99 -38.45 -13.90
CA VAL B 75 23.39 -38.46 -12.57
C VAL B 75 22.28 -39.50 -12.49
N ARG B 76 21.60 -39.77 -13.61
CA ARG B 76 20.56 -40.80 -13.60
C ARG B 76 21.15 -42.17 -13.31
N MET B 77 22.17 -42.58 -14.05
CA MET B 77 22.68 -43.94 -13.90
C MET B 77 23.60 -44.08 -12.70
N GLU B 78 24.51 -43.13 -12.48
CA GLU B 78 25.50 -43.29 -11.41
C GLU B 78 24.84 -43.21 -10.04
N ALA B 79 23.86 -42.32 -9.87
CA ALA B 79 23.15 -42.28 -8.60
C ALA B 79 22.27 -43.51 -8.43
N GLU B 80 21.83 -44.11 -9.52
CA GLU B 80 21.14 -45.39 -9.43
C GLU B 80 22.10 -46.52 -9.07
N ARG B 81 23.37 -46.40 -9.49
CA ARG B 81 24.37 -47.41 -9.14
C ARG B 81 24.61 -47.46 -7.63
N ALA B 82 24.42 -46.34 -6.94
CA ALA B 82 24.34 -46.31 -5.50
C ALA B 82 22.88 -46.30 -5.08
N GLY B 83 22.62 -46.34 -3.78
CA GLY B 83 21.26 -46.28 -3.31
C GLY B 83 20.76 -44.87 -3.15
N MET B 84 21.34 -43.94 -3.91
CA MET B 84 21.16 -42.54 -3.58
C MET B 84 20.15 -41.88 -4.50
N PRO B 85 19.19 -41.13 -3.95
CA PRO B 85 18.29 -40.34 -4.79
C PRO B 85 19.03 -39.29 -5.60
N TYR B 86 18.41 -38.85 -6.69
CA TYR B 86 19.01 -37.84 -7.54
C TYR B 86 17.97 -36.79 -7.95
N VAL B 87 18.46 -35.71 -8.54
CA VAL B 87 17.63 -34.66 -9.12
C VAL B 87 18.11 -34.39 -10.52
N ASN B 88 17.22 -34.56 -11.50
CA ASN B 88 17.61 -34.65 -12.90
C ASN B 88 17.03 -33.56 -13.78
N GLN B 89 15.71 -33.35 -13.75
CA GLN B 89 15.05 -32.52 -14.76
C GLN B 89 15.02 -31.05 -14.38
N ARG B 90 14.75 -30.77 -13.10
CA ARG B 90 14.73 -29.42 -12.57
C ARG B 90 14.78 -29.54 -11.05
N TRP B 91 15.37 -28.54 -10.41
CA TRP B 91 15.37 -28.47 -8.96
C TRP B 91 14.22 -27.58 -8.51
N LEU B 92 13.44 -28.07 -7.56
CA LEU B 92 12.16 -27.47 -7.21
C LEU B 92 12.26 -26.69 -5.91
N GLY B 93 11.69 -25.49 -5.92
CA GLY B 93 11.69 -24.65 -4.74
C GLY B 93 11.09 -25.32 -3.53
N GLY B 94 11.94 -25.64 -2.56
CA GLY B 94 11.51 -26.25 -1.33
C GLY B 94 11.66 -27.75 -1.25
N MET B 95 12.49 -28.34 -2.12
CA MET B 95 12.74 -29.78 -1.98
C MET B 95 13.39 -30.10 -0.65
N LEU B 96 14.11 -29.15 -0.05
CA LEU B 96 14.64 -29.32 1.28
C LEU B 96 13.84 -28.55 2.34
N THR B 97 13.65 -27.24 2.13
CA THR B 97 13.01 -26.41 3.16
C THR B 97 11.50 -26.68 3.25
N ASN B 98 10.88 -27.04 2.13
CA ASN B 98 9.48 -27.43 2.12
C ASN B 98 9.31 -28.93 1.99
N PHE B 99 10.36 -29.70 2.27
CA PHE B 99 10.42 -31.15 2.08
C PHE B 99 9.18 -31.88 2.57
N LYS B 100 8.58 -31.40 3.65
CA LYS B 100 7.33 -31.99 4.11
C LYS B 100 6.22 -31.86 3.06
N THR B 101 6.17 -30.72 2.37
CA THR B 101 5.15 -30.52 1.36
C THR B 101 5.47 -31.28 0.07
N ILE B 102 6.72 -31.27 -0.36
CA ILE B 102 7.12 -32.01 -1.54
C ILE B 102 6.90 -33.50 -1.33
N SER B 103 7.08 -33.97 -0.08
CA SER B 103 6.83 -35.38 0.20
C SER B 103 5.38 -35.75 0.01
N GLN B 104 4.47 -34.79 0.11
CA GLN B 104 3.06 -35.06 -0.17
C GLN B 104 2.82 -35.32 -1.65
N ARG B 105 3.69 -34.82 -2.53
CA ARG B 105 3.57 -35.13 -3.94
C ARG B 105 4.19 -36.48 -4.30
N VAL B 106 5.02 -37.04 -3.43
CA VAL B 106 5.43 -38.44 -3.60
C VAL B 106 4.37 -39.38 -3.06
N HIS B 107 3.54 -38.93 -2.11
CA HIS B 107 2.40 -39.75 -1.69
C HIS B 107 1.37 -39.88 -2.81
N ARG B 108 1.17 -38.82 -3.60
CA ARG B 108 0.27 -38.90 -4.73
C ARG B 108 0.84 -39.79 -5.82
N LEU B 109 2.16 -39.77 -6.01
CA LEU B 109 2.80 -40.63 -6.99
C LEU B 109 2.55 -42.10 -6.66
N GLU B 110 2.91 -42.51 -5.43
CA GLU B 110 2.74 -43.91 -5.02
C GLU B 110 1.27 -44.32 -4.99
N GLU B 111 0.38 -43.40 -4.63
CA GLU B 111 -1.05 -43.70 -4.63
C GLU B 111 -1.55 -44.02 -6.03
N LEU B 112 -1.11 -43.24 -7.03
CA LEU B 112 -1.62 -43.41 -8.39
C LEU B 112 -0.96 -44.59 -9.11
N GLU B 113 0.25 -44.97 -8.72
CA GLU B 113 0.82 -46.21 -9.24
C GLU B 113 0.07 -47.43 -8.70
N ALA B 114 -0.22 -47.43 -7.40
CA ALA B 114 -0.99 -48.52 -6.80
C ALA B 114 -2.37 -48.63 -7.43
N LEU B 115 -2.94 -47.51 -7.87
CA LEU B 115 -4.23 -47.52 -8.54
C LEU B 115 -4.10 -47.67 -10.06
N PHE B 116 -2.87 -47.63 -10.59
CA PHE B 116 -2.62 -48.05 -11.96
C PHE B 116 -2.12 -49.49 -12.06
N ALA B 117 -1.71 -50.09 -10.94
CA ALA B 117 -1.40 -51.50 -10.89
C ALA B 117 -2.62 -52.35 -10.53
N SER B 118 -3.70 -51.72 -10.11
CA SER B 118 -4.95 -52.36 -9.74
C SER B 118 -5.84 -52.51 -10.97
N PRO B 119 -6.84 -53.38 -10.92
CA PRO B 119 -7.80 -53.47 -12.04
C PRO B 119 -8.69 -52.25 -12.19
N GLU B 120 -8.64 -51.31 -11.26
CA GLU B 120 -9.59 -50.20 -11.20
C GLU B 120 -9.23 -49.03 -12.08
N ILE B 121 -8.27 -49.18 -12.99
CA ILE B 121 -7.86 -48.05 -13.83
C ILE B 121 -8.97 -47.68 -14.81
N GLU B 122 -9.61 -48.67 -15.43
CA GLU B 122 -10.71 -48.41 -16.34
C GLU B 122 -12.04 -48.20 -15.61
N GLU B 123 -12.06 -48.32 -14.29
CA GLU B 123 -13.30 -48.12 -13.55
C GLU B 123 -13.73 -46.65 -13.57
N ARG B 124 -12.78 -45.74 -13.72
CA ARG B 124 -13.06 -44.32 -13.82
C ARG B 124 -13.36 -43.93 -15.26
N PRO B 125 -14.05 -42.80 -15.47
CA PRO B 125 -14.37 -42.39 -16.85
C PRO B 125 -13.12 -42.17 -17.69
N LYS B 126 -13.34 -42.18 -19.01
CA LYS B 126 -12.22 -42.03 -19.95
C LYS B 126 -11.51 -40.69 -19.77
N LYS B 127 -12.21 -39.67 -19.27
CA LYS B 127 -11.62 -38.33 -19.15
C LYS B 127 -10.73 -38.21 -17.92
N GLU B 128 -11.15 -38.79 -16.78
CA GLU B 128 -10.24 -38.91 -15.66
C GLU B 128 -9.12 -39.90 -15.96
N GLN B 129 -9.34 -40.82 -16.90
CA GLN B 129 -8.31 -41.78 -17.28
C GLN B 129 -7.12 -41.09 -17.93
N VAL B 130 -7.35 -39.99 -18.65
CA VAL B 130 -6.24 -39.21 -19.20
C VAL B 130 -5.74 -38.18 -18.21
N ARG B 131 -6.61 -37.63 -17.37
CA ARG B 131 -6.20 -36.67 -16.35
C ARG B 131 -5.16 -37.28 -15.42
N LEU B 132 -5.55 -38.31 -14.68
CA LEU B 132 -4.63 -38.98 -13.78
C LEU B 132 -3.55 -39.75 -14.52
N LYS B 133 -3.66 -39.88 -15.84
CA LYS B 133 -2.53 -40.33 -16.63
C LYS B 133 -1.44 -39.28 -16.66
N HIS B 134 -1.81 -38.03 -16.96
CA HIS B 134 -0.83 -36.95 -17.05
C HIS B 134 -0.10 -36.72 -15.73
N GLU B 135 -0.80 -36.90 -14.61
CA GLU B 135 -0.14 -36.70 -13.31
C GLU B 135 1.02 -37.67 -13.13
N LEU B 136 0.76 -38.97 -13.31
CA LEU B 136 1.81 -39.97 -13.12
C LEU B 136 2.98 -39.77 -14.07
N GLU B 137 2.71 -39.30 -15.29
CA GLU B 137 3.78 -39.11 -16.27
C GLU B 137 4.76 -38.05 -15.79
N ARG B 138 4.27 -36.86 -15.47
CA ARG B 138 5.17 -35.78 -15.06
C ARG B 138 5.70 -35.97 -13.66
N LEU B 139 4.94 -36.63 -12.78
CA LEU B 139 5.49 -36.97 -11.47
C LEU B 139 6.71 -37.86 -11.60
N GLN B 140 6.64 -38.87 -12.48
CA GLN B 140 7.79 -39.72 -12.73
C GLN B 140 8.87 -39.03 -13.54
N LYS B 141 8.58 -37.88 -14.16
CA LYS B 141 9.64 -37.13 -14.83
C LYS B 141 10.56 -36.46 -13.81
N TYR B 142 9.98 -35.71 -12.87
CA TYR B 142 10.80 -34.95 -11.93
C TYR B 142 11.20 -35.79 -10.72
N LEU B 143 10.31 -36.64 -10.24
CA LEU B 143 10.51 -37.32 -8.96
C LEU B 143 11.07 -38.73 -9.10
N SER B 144 11.54 -39.11 -10.29
CA SER B 144 12.08 -40.45 -10.48
C SER B 144 13.30 -40.69 -9.59
N GLY B 145 14.12 -39.67 -9.40
CA GLY B 145 15.26 -39.75 -8.51
C GLY B 145 14.94 -39.28 -7.11
N PHE B 146 14.08 -38.26 -7.00
CA PHE B 146 13.67 -37.72 -5.71
C PHE B 146 12.71 -38.64 -4.96
N ARG B 147 12.32 -39.75 -5.58
CA ARG B 147 11.28 -40.62 -5.05
C ARG B 147 11.63 -41.15 -3.66
N LEU B 148 12.87 -41.59 -3.47
CA LEU B 148 13.23 -42.49 -2.38
C LEU B 148 13.84 -41.78 -1.17
N LEU B 149 13.84 -40.45 -1.14
CA LEU B 149 14.34 -39.76 0.04
C LEU B 149 13.39 -39.97 1.21
N LYS B 150 13.80 -40.79 2.18
CA LYS B 150 12.95 -41.06 3.34
C LYS B 150 12.89 -39.85 4.26
N ARG B 151 14.06 -39.31 4.63
CA ARG B 151 14.12 -38.03 5.34
C ARG B 151 15.07 -37.11 4.59
N LEU B 152 15.31 -35.93 5.14
CA LEU B 152 16.25 -35.00 4.51
C LEU B 152 17.63 -35.64 4.42
N PRO B 153 18.35 -35.45 3.33
CA PRO B 153 19.56 -36.22 3.11
C PRO B 153 20.69 -35.72 3.99
N ASP B 154 21.60 -36.62 4.32
CA ASP B 154 22.72 -36.28 5.17
C ASP B 154 23.85 -35.60 4.41
N ALA B 155 23.75 -35.53 3.09
CA ALA B 155 24.72 -34.80 2.28
C ALA B 155 24.05 -34.46 0.96
N ILE B 156 24.71 -33.57 0.21
CA ILE B 156 24.21 -33.11 -1.08
C ILE B 156 25.39 -33.01 -2.04
N PHE B 157 25.25 -33.64 -3.22
CA PHE B 157 26.26 -33.56 -4.27
C PHE B 157 25.66 -32.80 -5.46
N VAL B 158 26.32 -31.71 -5.83
CA VAL B 158 25.89 -30.89 -6.96
C VAL B 158 27.01 -30.89 -7.99
N VAL B 159 26.62 -30.72 -9.25
CA VAL B 159 27.57 -30.78 -10.37
C VAL B 159 27.82 -29.42 -11.01
N ASP B 160 27.01 -28.41 -10.72
CA ASP B 160 27.37 -27.03 -11.02
C ASP B 160 26.72 -26.14 -9.97
N PRO B 161 27.45 -25.85 -8.89
CA PRO B 161 26.88 -25.02 -7.81
C PRO B 161 26.52 -23.62 -8.25
N THR B 162 26.88 -23.22 -9.48
CA THR B 162 26.36 -22.00 -10.05
C THR B 162 24.93 -22.19 -10.53
N LYS B 163 24.68 -23.26 -11.28
CA LYS B 163 23.35 -23.46 -11.84
C LYS B 163 22.40 -24.08 -10.83
N GLU B 164 22.91 -24.89 -9.90
CA GLU B 164 22.10 -25.47 -8.85
C GLU B 164 22.19 -24.70 -7.54
N ALA B 165 22.51 -23.40 -7.62
CA ALA B 165 22.68 -22.61 -6.40
C ALA B 165 21.40 -22.50 -5.60
N ILE B 166 20.24 -22.47 -6.28
CA ILE B 166 18.95 -22.48 -5.59
C ILE B 166 18.83 -23.71 -4.70
N ALA B 167 19.49 -24.81 -5.08
CA ALA B 167 19.52 -25.99 -4.23
C ALA B 167 20.52 -25.81 -3.08
N VAL B 168 21.70 -25.28 -3.37
CA VAL B 168 22.71 -25.10 -2.34
C VAL B 168 22.22 -24.14 -1.27
N ARG B 169 21.49 -23.10 -1.67
CA ARG B 169 21.00 -22.13 -0.70
C ARG B 169 20.15 -22.82 0.37
N GLU B 170 19.45 -23.89 0.00
CA GLU B 170 18.62 -24.63 0.96
C GLU B 170 19.46 -25.57 1.82
N ALA B 171 20.33 -26.37 1.18
CA ALA B 171 21.24 -27.23 1.94
C ALA B 171 22.04 -26.43 2.96
N ARG B 172 22.58 -25.28 2.52
CA ARG B 172 23.12 -24.29 3.44
C ARG B 172 22.16 -24.06 4.60
N LYS B 173 20.95 -23.58 4.29
CA LYS B 173 20.00 -23.14 5.31
C LYS B 173 19.66 -24.25 6.30
N LEU B 174 19.57 -25.49 5.82
CA LEU B 174 19.27 -26.63 6.69
C LEU B 174 20.52 -27.32 7.21
N PHE B 175 21.70 -26.71 7.01
CA PHE B 175 22.96 -27.22 7.54
C PHE B 175 23.40 -28.53 6.89
N ILE B 176 22.88 -28.84 5.71
CA ILE B 176 23.23 -30.05 4.98
C ILE B 176 24.56 -29.84 4.26
N PRO B 177 25.57 -30.65 4.54
CA PRO B 177 26.87 -30.46 3.88
C PRO B 177 26.75 -30.50 2.37
N VAL B 178 27.46 -29.58 1.71
CA VAL B 178 27.40 -29.42 0.26
C VAL B 178 28.67 -29.99 -0.34
N ILE B 179 28.52 -30.91 -1.28
CA ILE B 179 29.62 -31.42 -2.09
C ILE B 179 29.41 -30.93 -3.52
N ALA B 180 30.46 -30.40 -4.14
CA ALA B 180 30.30 -29.79 -5.44
C ALA B 180 31.44 -30.18 -6.37
N LEU B 181 31.11 -30.19 -7.66
CA LEU B 181 32.07 -30.21 -8.76
C LEU B 181 31.98 -28.85 -9.41
N ALA B 182 32.97 -27.98 -9.17
CA ALA B 182 32.85 -26.57 -9.49
C ALA B 182 34.03 -26.09 -10.31
N ASP B 183 33.77 -25.56 -11.50
CA ASP B 183 34.81 -24.90 -12.27
C ASP B 183 34.78 -23.39 -12.00
N THR B 184 35.47 -22.65 -12.86
CA THR B 184 35.91 -21.29 -12.58
C THR B 184 34.78 -20.28 -12.38
N ASP B 185 33.53 -20.63 -12.69
CA ASP B 185 32.44 -19.67 -12.54
C ASP B 185 31.78 -19.73 -11.17
N SER B 186 32.29 -20.53 -10.25
CA SER B 186 31.60 -20.87 -9.02
C SER B 186 32.22 -20.16 -7.82
N ASP B 187 31.39 -19.91 -6.80
CA ASP B 187 31.87 -19.35 -5.55
C ASP B 187 32.26 -20.51 -4.64
N PRO B 188 33.55 -20.74 -4.40
CA PRO B 188 33.96 -21.93 -3.64
C PRO B 188 33.59 -21.87 -2.17
N ASP B 189 33.31 -20.69 -1.61
CA ASP B 189 33.06 -20.58 -0.18
C ASP B 189 31.77 -21.30 0.21
N LEU B 190 30.75 -21.28 -0.65
CA LEU B 190 29.48 -21.94 -0.36
C LEU B 190 29.57 -23.45 -0.36
N VAL B 191 30.71 -24.02 -0.73
CA VAL B 191 30.87 -25.47 -0.84
C VAL B 191 31.67 -25.97 0.36
N ASP B 192 31.16 -27.02 0.99
CA ASP B 192 31.82 -27.55 2.18
C ASP B 192 32.99 -28.45 1.82
N TYR B 193 32.81 -29.34 0.84
CA TYR B 193 33.88 -30.18 0.33
C TYR B 193 33.86 -30.09 -1.18
N ILE B 194 34.87 -29.44 -1.77
CA ILE B 194 34.83 -29.04 -3.17
C ILE B 194 35.73 -29.97 -3.98
N ILE B 195 35.39 -30.11 -5.25
CA ILE B 195 36.20 -30.81 -6.25
C ILE B 195 36.32 -29.92 -7.48
N PRO B 196 37.39 -29.15 -7.65
CA PRO B 196 37.46 -28.22 -8.79
C PRO B 196 37.63 -28.96 -10.11
N GLY B 197 36.78 -28.61 -11.09
CA GLY B 197 36.83 -29.17 -12.44
C GLY B 197 35.68 -28.78 -13.36
N ASN B 198 35.84 -29.02 -14.66
CA ASN B 198 34.84 -28.69 -15.69
C ASN B 198 33.44 -29.14 -15.30
N ASP B 199 32.51 -28.18 -15.26
CA ASP B 199 31.10 -28.54 -15.12
C ASP B 199 30.47 -28.91 -16.46
N ASP B 200 31.08 -28.51 -17.58
CA ASP B 200 30.79 -29.06 -18.88
C ASP B 200 31.75 -30.22 -19.15
N ALA B 201 31.83 -30.67 -20.40
CA ALA B 201 32.79 -31.69 -20.83
C ALA B 201 32.53 -33.04 -20.14
N ILE B 202 31.44 -33.68 -20.56
CA ILE B 202 30.95 -34.96 -20.06
C ILE B 202 32.09 -35.95 -19.76
N ARG B 203 33.09 -36.01 -20.65
CA ARG B 203 34.19 -36.96 -20.46
C ARG B 203 34.80 -36.87 -19.08
N SER B 204 34.73 -35.68 -18.47
CA SER B 204 35.29 -35.43 -17.15
C SER B 204 34.25 -35.50 -16.04
N ILE B 205 32.96 -35.49 -16.35
CA ILE B 205 31.96 -35.74 -15.32
C ILE B 205 31.83 -37.23 -15.06
N GLN B 206 31.80 -38.04 -16.14
CA GLN B 206 31.73 -39.48 -15.98
C GLN B 206 32.90 -40.01 -15.16
N LEU B 207 34.05 -39.33 -15.25
CA LEU B 207 35.21 -39.75 -14.48
C LEU B 207 34.96 -39.57 -12.99
N ILE B 208 34.50 -38.38 -12.59
CA ILE B 208 34.38 -38.08 -11.17
C ILE B 208 33.27 -38.92 -10.53
N LEU B 209 32.07 -38.84 -11.08
CA LEU B 209 30.92 -39.44 -10.41
C LEU B 209 30.98 -40.97 -10.43
N SER B 210 31.53 -41.55 -11.49
CA SER B 210 31.75 -42.99 -11.46
C SER B 210 32.68 -43.37 -10.31
N ARG B 211 33.84 -42.71 -10.24
CA ARG B 211 34.76 -42.94 -9.12
C ARG B 211 34.10 -42.59 -7.79
N ALA B 212 33.25 -41.57 -7.76
CA ALA B 212 32.60 -41.16 -6.53
C ALA B 212 31.66 -42.26 -6.01
N VAL B 213 30.90 -42.88 -6.90
CA VAL B 213 30.04 -43.98 -6.47
C VAL B 213 30.87 -45.22 -6.15
N ASP B 214 31.96 -45.45 -6.90
CA ASP B 214 32.85 -46.58 -6.62
C ASP B 214 33.35 -46.52 -5.19
N LEU B 215 33.80 -45.34 -4.75
CA LEU B 215 34.24 -45.18 -3.37
C LEU B 215 33.10 -45.41 -2.39
N ILE B 216 31.88 -45.05 -2.76
CA ILE B 216 30.73 -45.29 -1.88
C ILE B 216 30.51 -46.78 -1.68
N ILE B 217 30.35 -47.51 -2.79
CA ILE B 217 30.10 -48.94 -2.70
C ILE B 217 31.32 -49.65 -2.12
N GLN B 218 32.51 -49.06 -2.25
CA GLN B 218 33.67 -49.63 -1.59
C GLN B 218 33.53 -49.58 -0.07
N ALA B 219 32.92 -48.51 0.45
CA ALA B 219 32.74 -48.40 1.89
C ALA B 219 31.85 -49.53 2.42
N ARG B 220 30.76 -49.84 1.72
CA ARG B 220 29.83 -50.86 2.14
C ARG B 220 30.18 -52.25 1.61
N GLY B 221 31.33 -52.39 0.96
CA GLY B 221 31.84 -53.70 0.55
C GLY B 221 31.00 -54.43 -0.48
N GLY B 222 30.46 -53.70 -1.45
CA GLY B 222 29.64 -54.29 -2.49
C GLY B 222 30.25 -54.18 -3.88
N VAL B 223 31.56 -54.44 -3.98
CA VAL B 223 32.40 -54.11 -5.12
C VAL B 223 31.71 -54.35 -6.46
N VAL B 224 31.86 -53.41 -7.39
CA VAL B 224 31.05 -53.32 -8.60
C VAL B 224 31.96 -53.32 -9.82
N GLU B 225 31.40 -53.77 -10.95
CA GLU B 225 32.05 -53.83 -12.26
C GLU B 225 32.14 -52.44 -12.86
N PRO B 226 32.71 -52.29 -14.07
CA PRO B 226 32.67 -51.00 -14.76
C PRO B 226 31.27 -50.41 -14.81
N SER B 227 31.20 -49.10 -14.63
CA SER B 227 29.93 -48.41 -14.60
C SER B 227 29.25 -48.45 -15.97
N PRO B 228 27.93 -48.61 -16.03
CA PRO B 228 27.24 -48.57 -17.33
C PRO B 228 27.31 -47.23 -18.03
N SER B 229 27.81 -46.18 -17.37
CA SER B 229 27.74 -44.82 -17.89
C SER B 229 28.91 -44.45 -18.80
N TYR B 230 29.85 -45.36 -19.06
CA TYR B 230 30.93 -45.02 -19.97
C TYR B 230 30.52 -45.10 -21.44
N ALA B 231 29.46 -45.86 -21.76
CA ALA B 231 28.91 -45.83 -23.11
C ALA B 231 28.13 -44.55 -23.39
N LEU B 232 27.90 -43.71 -22.38
CA LEU B 232 27.32 -42.39 -22.54
C LEU B 232 28.37 -41.31 -22.82
N VAL B 233 29.58 -41.71 -23.24
CA VAL B 233 30.62 -40.74 -23.56
C VAL B 233 30.42 -40.18 -24.96
N GLN B 234 30.09 -41.03 -25.93
CA GLN B 234 30.08 -40.63 -27.34
C GLN B 234 28.80 -39.92 -27.76
N GLY C 1 -26.61 -10.38 -1.98
CA GLY C 1 -27.87 -11.11 -1.99
C GLY C 1 -27.92 -12.22 -3.02
N ASN C 2 -27.33 -13.36 -2.67
CA ASN C 2 -27.13 -14.46 -3.59
C ASN C 2 -27.17 -15.76 -2.80
N LYS C 3 -26.65 -16.84 -3.38
CA LYS C 3 -26.45 -18.11 -2.69
C LYS C 3 -27.76 -18.72 -2.16
N ILE C 4 -28.58 -19.19 -3.12
CA ILE C 4 -29.87 -19.80 -2.78
C ILE C 4 -29.68 -20.99 -1.82
N HIS C 5 -30.79 -21.35 -1.19
CA HIS C 5 -30.81 -22.35 -0.13
C HIS C 5 -30.13 -23.65 -0.58
N PRO C 6 -29.20 -24.19 0.21
CA PRO C 6 -28.59 -25.46 -0.18
C PRO C 6 -29.51 -26.66 -0.04
N ILE C 7 -30.34 -26.73 1.00
CA ILE C 7 -31.26 -27.87 1.13
C ILE C 7 -32.32 -27.81 0.04
N GLY C 8 -32.90 -26.63 -0.18
CA GLY C 8 -33.91 -26.51 -1.23
C GLY C 8 -33.36 -26.73 -2.63
N PHE C 9 -32.07 -26.44 -2.82
CA PHE C 9 -31.41 -26.76 -4.09
C PHE C 9 -31.43 -28.27 -4.34
N ARG C 10 -31.32 -29.06 -3.27
CA ARG C 10 -31.07 -30.50 -3.37
C ARG C 10 -32.30 -31.34 -3.06
N LEU C 11 -33.50 -30.73 -3.03
CA LEU C 11 -34.71 -31.50 -2.76
C LEU C 11 -34.89 -32.64 -3.74
N GLY C 12 -34.44 -32.47 -4.98
CA GLY C 12 -34.55 -33.52 -5.98
C GLY C 12 -33.71 -34.73 -5.65
N ILE C 13 -32.40 -34.54 -5.50
CA ILE C 13 -31.48 -35.64 -5.28
C ILE C 13 -30.55 -35.27 -4.12
N THR C 14 -30.06 -36.29 -3.42
CA THR C 14 -29.19 -36.17 -2.23
C THR C 14 -29.88 -35.43 -1.09
N ARG C 15 -31.21 -35.40 -1.11
CA ARG C 15 -32.02 -34.91 0.00
C ARG C 15 -33.45 -35.35 -0.28
N ASP C 16 -34.22 -35.52 0.79
CA ASP C 16 -35.61 -35.90 0.67
C ASP C 16 -36.46 -34.90 1.45
N TRP C 17 -37.76 -34.92 1.17
CA TRP C 17 -38.68 -34.00 1.80
C TRP C 17 -38.89 -34.35 3.27
N GLU C 18 -39.09 -33.33 4.09
CA GLU C 18 -39.48 -33.54 5.47
C GLU C 18 -40.93 -33.99 5.61
N SER C 19 -41.69 -33.97 4.52
CA SER C 19 -43.04 -34.53 4.47
C SER C 19 -43.18 -35.25 3.14
N ARG C 20 -43.51 -36.54 3.19
CA ARG C 20 -43.72 -37.36 1.99
C ARG C 20 -45.08 -38.02 2.06
N TRP C 21 -46.04 -37.49 1.31
CA TRP C 21 -47.37 -38.05 1.18
C TRP C 21 -48.00 -37.45 -0.05
N TYR C 22 -49.23 -37.87 -0.35
CA TYR C 22 -49.97 -37.42 -1.52
C TYR C 22 -51.27 -36.77 -1.09
N ALA C 23 -51.72 -35.79 -1.88
CA ALA C 23 -52.96 -35.09 -1.58
C ALA C 23 -53.47 -34.41 -2.84
N GLY C 24 -54.79 -34.27 -2.92
CA GLY C 24 -55.41 -33.56 -4.01
C GLY C 24 -55.36 -32.05 -3.78
N LYS C 25 -56.14 -31.34 -4.58
CA LYS C 25 -56.29 -29.90 -4.39
C LYS C 25 -57.18 -29.57 -3.20
N LYS C 26 -58.07 -30.49 -2.81
CA LYS C 26 -58.97 -30.28 -1.69
C LYS C 26 -58.33 -30.63 -0.36
N GLN C 27 -57.21 -31.35 -0.37
CA GLN C 27 -56.59 -31.90 0.82
C GLN C 27 -55.29 -31.20 1.21
N TYR C 28 -54.41 -30.98 0.22
CA TYR C 28 -53.06 -30.50 0.49
C TYR C 28 -53.03 -29.30 1.43
N ARG C 29 -54.02 -28.40 1.34
CA ARG C 29 -54.08 -27.22 2.20
C ARG C 29 -53.92 -27.57 3.67
N HIS C 30 -54.86 -28.36 4.22
CA HIS C 30 -54.89 -28.59 5.66
C HIS C 30 -54.00 -29.74 6.11
N LEU C 31 -53.60 -30.63 5.20
CA LEU C 31 -52.53 -31.57 5.54
C LEU C 31 -51.20 -30.85 5.72
N LEU C 32 -50.97 -29.79 4.95
CA LEU C 32 -49.77 -28.98 5.12
C LEU C 32 -49.85 -28.11 6.36
N LEU C 33 -51.06 -27.67 6.74
CA LEU C 33 -51.23 -26.93 7.97
C LEU C 33 -51.00 -27.82 9.18
N GLU C 34 -51.39 -29.09 9.07
CA GLU C 34 -51.16 -30.03 10.17
C GLU C 34 -49.67 -30.26 10.40
N ASP C 35 -48.90 -30.42 9.32
CA ASP C 35 -47.45 -30.62 9.46
C ASP C 35 -46.80 -29.44 10.17
N GLN C 36 -47.27 -28.23 9.90
CA GLN C 36 -46.67 -27.05 10.53
C GLN C 36 -47.07 -26.94 12.00
N ARG C 37 -48.29 -27.32 12.35
CA ARG C 37 -48.68 -27.38 13.76
C ARG C 37 -47.84 -28.41 14.50
N ILE C 38 -47.41 -29.46 13.81
CA ILE C 38 -46.65 -30.53 14.43
C ILE C 38 -45.21 -30.09 14.68
N ARG C 39 -44.49 -29.75 13.60
CA ARG C 39 -43.12 -29.29 13.73
C ARG C 39 -43.00 -28.12 14.68
N GLY C 40 -44.03 -27.27 14.75
CA GLY C 40 -44.07 -26.20 15.72
C GLY C 40 -44.02 -26.70 17.14
N LEU C 41 -45.01 -27.50 17.56
CA LEU C 41 -45.07 -27.95 18.95
C LEU C 41 -43.88 -28.83 19.33
N LEU C 42 -43.18 -29.41 18.35
CA LEU C 42 -41.98 -30.19 18.66
C LEU C 42 -40.78 -29.29 18.94
N GLU C 43 -40.57 -28.27 18.10
CA GLU C 43 -39.51 -27.31 18.35
C GLU C 43 -39.76 -26.46 19.61
N LYS C 44 -40.94 -26.57 20.22
CA LYS C 44 -41.14 -25.98 21.55
C LYS C 44 -40.59 -26.91 22.63
N GLU C 45 -41.16 -28.10 22.73
CA GLU C 45 -40.91 -28.98 23.88
C GLU C 45 -39.57 -29.70 23.77
N LEU C 46 -39.08 -29.96 22.56
CA LEU C 46 -37.94 -30.84 22.37
C LEU C 46 -36.63 -30.10 22.14
N TYR C 47 -36.62 -28.77 22.19
CA TYR C 47 -35.35 -28.05 22.03
C TYR C 47 -34.35 -28.46 23.10
N SER C 48 -34.84 -28.79 24.30
CA SER C 48 -33.95 -29.30 25.35
C SER C 48 -33.28 -30.60 24.90
N ALA C 49 -34.06 -31.53 24.32
CA ALA C 49 -33.52 -32.78 23.80
C ALA C 49 -32.72 -32.61 22.52
N GLY C 50 -32.74 -31.43 21.90
CA GLY C 50 -31.93 -31.16 20.73
C GLY C 50 -32.38 -31.90 19.48
N LEU C 51 -33.54 -31.52 18.94
CA LEU C 51 -34.06 -32.17 17.75
C LEU C 51 -33.44 -31.57 16.49
N ALA C 52 -33.24 -32.43 15.50
CA ALA C 52 -32.64 -32.01 14.24
C ALA C 52 -33.64 -32.03 13.10
N ARG C 53 -34.31 -33.16 12.89
CA ARG C 53 -35.26 -33.31 11.80
C ARG C 53 -36.56 -33.90 12.32
N VAL C 54 -37.66 -33.54 11.65
CA VAL C 54 -38.98 -34.08 11.92
C VAL C 54 -39.55 -34.50 10.58
N ASP C 55 -39.67 -35.80 10.36
CA ASP C 55 -40.15 -36.37 9.11
C ASP C 55 -41.56 -36.91 9.31
N ILE C 56 -42.50 -36.43 8.51
CA ILE C 56 -43.92 -36.75 8.67
C ILE C 56 -44.38 -37.46 7.41
N GLU C 57 -44.90 -38.68 7.57
CA GLU C 57 -45.42 -39.48 6.49
C GLU C 57 -46.89 -39.80 6.75
N ARG C 58 -47.66 -39.93 5.65
CA ARG C 58 -49.06 -40.29 5.73
C ARG C 58 -49.38 -41.27 4.61
N ALA C 59 -49.98 -42.40 4.94
CA ALA C 59 -50.55 -43.29 3.95
C ALA C 59 -52.04 -43.05 3.77
N ALA C 60 -52.82 -43.26 4.83
CA ALA C 60 -54.25 -43.05 4.78
C ALA C 60 -54.75 -42.83 6.21
N ASP C 61 -54.94 -41.57 6.58
CA ASP C 61 -55.45 -41.17 7.90
C ASP C 61 -54.44 -41.49 9.00
N ASN C 62 -53.35 -42.15 8.65
CA ASN C 62 -52.28 -42.46 9.58
C ASN C 62 -51.18 -41.42 9.47
N VAL C 63 -50.49 -41.19 10.58
CA VAL C 63 -49.42 -40.20 10.68
C VAL C 63 -48.19 -40.89 11.24
N ALA C 64 -47.07 -40.82 10.51
CA ALA C 64 -45.90 -41.65 10.76
C ALA C 64 -44.71 -40.85 11.26
N VAL C 65 -44.95 -39.80 12.05
CA VAL C 65 -43.90 -38.87 12.44
C VAL C 65 -42.76 -39.60 13.13
N THR C 66 -41.53 -39.29 12.72
CA THR C 66 -40.32 -39.85 13.30
C THR C 66 -39.34 -38.71 13.55
N VAL C 67 -38.99 -38.51 14.82
CA VAL C 67 -38.11 -37.42 15.24
C VAL C 67 -36.69 -37.94 15.37
N HIS C 68 -35.72 -37.11 14.98
CA HIS C 68 -34.30 -37.44 15.11
C HIS C 68 -33.69 -36.52 16.15
N VAL C 69 -33.24 -37.10 17.26
CA VAL C 69 -32.78 -36.35 18.42
C VAL C 69 -31.36 -36.79 18.77
N ALA C 70 -30.60 -35.87 19.35
CA ALA C 70 -29.24 -36.19 19.78
C ALA C 70 -29.26 -37.13 20.97
N LYS C 71 -30.06 -36.82 21.99
CA LYS C 71 -30.24 -37.67 23.17
C LYS C 71 -31.68 -38.16 23.18
N PRO C 72 -31.94 -39.35 22.64
CA PRO C 72 -33.29 -39.93 22.76
C PRO C 72 -33.73 -40.15 24.21
N GLY C 73 -32.83 -40.01 25.19
CA GLY C 73 -33.21 -40.21 26.58
C GLY C 73 -34.21 -39.18 27.07
N VAL C 74 -33.96 -37.90 26.76
CA VAL C 74 -34.88 -36.83 27.18
C VAL C 74 -36.26 -37.05 26.59
N VAL C 75 -36.30 -37.61 25.37
CA VAL C 75 -37.57 -37.78 24.67
C VAL C 75 -38.46 -38.76 25.42
N ILE C 76 -37.97 -39.98 25.63
CA ILE C 76 -38.80 -41.03 26.23
C ILE C 76 -39.19 -40.66 27.66
N GLY C 77 -38.28 -40.02 28.38
CA GLY C 77 -38.47 -39.82 29.81
C GLY C 77 -38.21 -41.12 30.57
N ARG C 78 -38.34 -41.03 31.88
CA ARG C 78 -38.09 -42.20 32.73
C ARG C 78 -39.25 -43.19 32.60
N GLY C 79 -38.96 -44.37 32.06
CA GLY C 79 -39.97 -45.39 31.87
C GLY C 79 -41.05 -45.07 30.86
N GLY C 80 -40.76 -44.20 29.90
CA GLY C 80 -41.76 -43.80 28.93
C GLY C 80 -42.73 -42.76 29.42
N GLU C 81 -42.27 -41.81 30.24
CA GLU C 81 -43.16 -40.84 30.87
C GLU C 81 -43.49 -39.68 29.94
N ARG C 82 -42.46 -39.04 29.37
CA ARG C 82 -42.70 -37.89 28.50
C ARG C 82 -43.34 -38.29 27.18
N ILE C 83 -43.05 -39.50 26.69
CA ILE C 83 -43.56 -39.94 25.40
C ILE C 83 -45.03 -40.34 25.58
N ARG C 84 -45.53 -40.30 26.81
CA ARG C 84 -46.95 -40.47 27.06
C ARG C 84 -47.67 -39.11 27.11
N VAL C 85 -47.08 -38.17 27.85
CA VAL C 85 -47.70 -36.86 28.06
C VAL C 85 -47.95 -36.17 26.73
N LEU C 86 -46.89 -35.93 25.97
CA LEU C 86 -47.02 -35.09 24.77
C LEU C 86 -47.53 -35.88 23.56
N ARG C 87 -47.33 -37.20 23.52
CA ARG C 87 -47.87 -37.99 22.42
C ARG C 87 -49.39 -38.13 22.50
N GLU C 88 -49.98 -37.96 23.69
CA GLU C 88 -51.43 -37.78 23.77
C GLU C 88 -51.81 -36.34 23.44
N GLU C 89 -51.02 -35.38 23.93
CA GLU C 89 -51.26 -33.97 23.65
C GLU C 89 -51.28 -33.68 22.15
N LEU C 90 -50.60 -34.52 21.37
CA LEU C 90 -50.59 -34.36 19.92
C LEU C 90 -51.90 -34.81 19.29
N ALA C 91 -52.46 -35.91 19.78
CA ALA C 91 -53.72 -36.43 19.24
C ALA C 91 -54.92 -35.61 19.68
N LYS C 92 -54.75 -34.62 20.55
CA LYS C 92 -55.83 -33.71 20.92
C LYS C 92 -55.93 -32.53 19.97
N LEU C 93 -54.79 -31.98 19.56
CA LEU C 93 -54.77 -30.93 18.55
C LEU C 93 -55.35 -31.45 17.24
N THR C 94 -54.72 -32.47 16.67
CA THR C 94 -55.20 -33.14 15.47
C THR C 94 -55.86 -34.45 15.86
N GLY C 95 -57.10 -34.65 15.44
CA GLY C 95 -57.82 -35.84 15.82
C GLY C 95 -57.39 -37.10 15.12
N LYS C 96 -56.17 -37.11 14.56
CA LYS C 96 -55.73 -38.22 13.73
C LYS C 96 -55.44 -39.50 14.52
N ASN C 97 -55.42 -39.45 15.85
CA ASN C 97 -55.14 -40.62 16.68
C ASN C 97 -53.80 -41.24 16.26
N VAL C 98 -52.77 -40.41 16.30
CA VAL C 98 -51.52 -40.64 15.58
C VAL C 98 -50.49 -41.27 16.50
N ALA C 99 -49.67 -42.16 15.94
CA ALA C 99 -48.58 -42.81 16.66
C ALA C 99 -47.27 -42.07 16.44
N LEU C 100 -46.19 -42.56 17.05
CA LEU C 100 -44.95 -41.82 17.15
C LEU C 100 -43.75 -42.77 17.25
N ASN C 101 -42.62 -42.34 16.69
CA ASN C 101 -41.37 -43.09 16.73
C ASN C 101 -40.21 -42.15 16.97
N VAL C 102 -39.13 -42.68 17.56
CA VAL C 102 -37.96 -41.90 17.95
C VAL C 102 -36.71 -42.52 17.32
N GLN C 103 -35.72 -41.67 17.05
CA GLN C 103 -34.44 -42.11 16.48
C GLN C 103 -33.29 -41.34 17.10
N GLU C 104 -32.18 -42.04 17.34
CA GLU C 104 -30.97 -41.40 17.80
C GLU C 104 -30.26 -40.73 16.62
N VAL C 105 -29.32 -39.86 16.96
CA VAL C 105 -28.41 -39.27 15.98
C VAL C 105 -27.00 -39.52 16.48
N GLN C 106 -26.23 -40.29 15.72
CA GLN C 106 -24.83 -40.48 16.04
C GLN C 106 -24.03 -39.25 15.62
N ASN C 107 -23.11 -38.83 16.48
CA ASN C 107 -22.37 -37.59 16.30
C ASN C 107 -23.30 -36.41 16.10
N PRO C 108 -23.92 -35.90 17.17
CA PRO C 108 -24.71 -34.67 17.05
C PRO C 108 -23.94 -33.54 16.38
N ASN C 109 -22.61 -33.51 16.50
CA ASN C 109 -21.79 -32.52 15.82
C ASN C 109 -21.74 -32.72 14.31
N LEU C 110 -22.46 -33.69 13.76
CA LEU C 110 -22.45 -33.94 12.32
C LEU C 110 -23.77 -33.60 11.64
N SER C 111 -24.79 -33.20 12.40
CA SER C 111 -26.04 -32.71 11.83
C SER C 111 -26.00 -31.19 11.88
N ALA C 112 -25.90 -30.57 10.71
CA ALA C 112 -25.78 -29.11 10.64
C ALA C 112 -26.81 -28.34 11.46
N PRO C 113 -28.10 -28.71 11.48
CA PRO C 113 -29.03 -27.99 12.38
C PRO C 113 -28.65 -28.10 13.85
N LEU C 114 -28.05 -29.22 14.25
CA LEU C 114 -27.58 -29.37 15.62
C LEU C 114 -26.32 -28.55 15.88
N VAL C 115 -25.50 -28.34 14.85
CA VAL C 115 -24.28 -27.57 15.03
C VAL C 115 -24.60 -26.09 15.16
N ALA C 116 -25.52 -25.59 14.33
CA ALA C 116 -25.95 -24.21 14.45
C ALA C 116 -26.57 -23.95 15.83
N GLN C 117 -27.47 -24.83 16.27
CA GLN C 117 -28.06 -24.69 17.60
C GLN C 117 -26.98 -24.63 18.67
N ARG C 118 -25.91 -25.41 18.50
CA ARG C 118 -24.82 -25.42 19.48
C ARG C 118 -24.06 -24.10 19.45
N VAL C 119 -23.79 -23.57 18.26
CA VAL C 119 -23.12 -22.28 18.16
C VAL C 119 -24.00 -21.17 18.73
N ALA C 120 -25.27 -21.16 18.32
CA ALA C 120 -26.19 -20.12 18.80
C ALA C 120 -26.37 -20.19 20.30
N GLU C 121 -26.42 -21.40 20.86
CA GLU C 121 -26.50 -21.56 22.31
C GLU C 121 -25.37 -20.82 23.01
N GLN C 122 -24.14 -20.96 22.50
CA GLN C 122 -23.01 -20.29 23.13
C GLN C 122 -23.10 -18.78 22.99
N ILE C 123 -23.74 -18.29 21.92
CA ILE C 123 -23.80 -16.84 21.70
C ILE C 123 -24.77 -16.18 22.68
N GLU C 124 -25.86 -16.86 23.00
CA GLU C 124 -26.82 -16.30 23.96
C GLU C 124 -26.23 -16.21 25.35
N ARG C 125 -25.14 -16.92 25.62
CA ARG C 125 -24.35 -16.76 26.83
C ARG C 125 -23.13 -15.87 26.60
N ARG C 126 -23.00 -15.29 25.41
CA ARG C 126 -21.93 -14.35 25.08
C ARG C 126 -20.55 -14.99 25.25
N PHE C 127 -20.29 -15.98 24.40
CA PHE C 127 -18.95 -16.51 24.22
C PHE C 127 -18.30 -15.87 23.01
N ALA C 128 -16.98 -15.78 23.04
CA ALA C 128 -16.22 -15.25 21.92
C ALA C 128 -16.57 -16.01 20.66
N VAL C 129 -17.01 -15.28 19.63
CA VAL C 129 -17.67 -15.96 18.53
C VAL C 129 -16.66 -16.71 17.67
N ARG C 130 -15.46 -16.15 17.45
CA ARG C 130 -14.56 -16.78 16.50
C ARG C 130 -13.96 -18.06 17.05
N ARG C 131 -13.69 -18.11 18.36
CA ARG C 131 -13.43 -19.39 19.00
C ARG C 131 -14.63 -20.31 18.85
N ALA C 132 -15.82 -19.81 19.19
CA ALA C 132 -17.04 -20.61 19.06
C ALA C 132 -17.24 -21.12 17.65
N ILE C 133 -16.72 -20.41 16.65
CA ILE C 133 -16.88 -20.83 15.27
C ILE C 133 -15.85 -21.87 14.88
N LYS C 134 -14.56 -21.50 14.95
CA LYS C 134 -13.53 -22.45 14.55
C LYS C 134 -13.55 -23.71 15.40
N GLN C 135 -14.04 -23.60 16.65
CA GLN C 135 -14.23 -24.80 17.46
C GLN C 135 -15.34 -25.67 16.89
N ALA C 136 -16.50 -25.07 16.61
CA ALA C 136 -17.59 -25.84 15.99
C ALA C 136 -17.11 -26.56 14.73
N VAL C 137 -16.33 -25.86 13.89
CA VAL C 137 -15.79 -26.51 12.70
C VAL C 137 -14.89 -27.67 13.09
N GLN C 138 -14.18 -27.56 14.20
CA GLN C 138 -13.36 -28.68 14.66
C GLN C 138 -14.24 -29.88 15.03
N ARG C 139 -15.21 -29.69 15.92
CA ARG C 139 -16.13 -30.76 16.29
C ARG C 139 -16.77 -31.41 15.07
N VAL C 140 -16.96 -30.63 14.00
CA VAL C 140 -17.45 -31.19 12.75
C VAL C 140 -16.30 -31.81 11.96
N MET C 141 -15.22 -31.05 11.76
CA MET C 141 -14.12 -31.53 10.93
C MET C 141 -13.40 -32.73 11.55
N GLU C 142 -13.36 -32.81 12.88
CA GLU C 142 -12.64 -33.89 13.54
C GLU C 142 -13.37 -35.23 13.43
N SER C 143 -14.52 -35.27 12.78
CA SER C 143 -15.24 -36.53 12.58
C SER C 143 -15.83 -36.54 11.17
N GLY C 144 -15.21 -37.31 10.28
CA GLY C 144 -15.68 -37.38 8.89
C GLY C 144 -15.60 -36.03 8.22
N ALA C 145 -16.69 -35.62 7.56
CA ALA C 145 -16.91 -34.22 7.21
C ALA C 145 -15.78 -33.68 6.33
N LYS C 146 -15.76 -34.13 5.07
CA LYS C 146 -14.78 -33.63 4.10
C LYS C 146 -14.88 -32.12 3.87
N GLY C 147 -15.88 -31.46 4.43
CA GLY C 147 -15.94 -30.01 4.40
C GLY C 147 -16.86 -29.48 5.46
N ALA C 148 -16.60 -28.24 5.90
CA ALA C 148 -17.41 -27.61 6.95
C ALA C 148 -17.28 -26.09 6.87
N LYS C 149 -18.38 -25.38 7.17
CA LYS C 149 -18.43 -23.93 7.15
C LYS C 149 -19.47 -23.42 8.15
N VAL C 150 -19.11 -22.38 8.90
CA VAL C 150 -20.01 -21.77 9.89
C VAL C 150 -20.04 -20.27 9.67
N ILE C 151 -21.24 -19.70 9.63
CA ILE C 151 -21.44 -18.27 9.39
C ILE C 151 -22.21 -17.68 10.56
N VAL C 152 -21.75 -16.52 11.05
CA VAL C 152 -22.47 -15.75 12.06
C VAL C 152 -22.71 -14.35 11.50
N SER C 153 -23.87 -13.79 11.81
CA SER C 153 -24.38 -12.56 11.21
C SER C 153 -23.99 -11.35 12.04
N GLY C 154 -24.67 -10.23 11.84
CA GLY C 154 -24.25 -8.95 12.42
C GLY C 154 -24.43 -8.84 13.92
N ARG C 155 -23.81 -7.78 14.46
CA ARG C 155 -23.77 -7.47 15.90
C ARG C 155 -22.93 -8.48 16.67
N ILE C 156 -21.80 -8.90 16.08
CA ILE C 156 -20.90 -9.83 16.75
C ILE C 156 -20.43 -9.24 18.08
N GLY C 157 -20.61 -10.00 19.16
CA GLY C 157 -20.23 -9.52 20.47
C GLY C 157 -21.00 -8.31 20.94
N GLY C 158 -22.13 -8.03 20.31
CA GLY C 158 -22.92 -6.87 20.68
C GLY C 158 -22.39 -5.55 20.17
N ALA C 159 -21.63 -5.57 19.08
CA ALA C 159 -21.08 -4.34 18.54
C ALA C 159 -22.18 -3.49 17.91
N GLU C 160 -21.93 -2.18 17.83
CA GLU C 160 -22.89 -1.28 17.20
C GLU C 160 -23.07 -1.63 15.73
N GLN C 161 -21.96 -1.75 14.99
CA GLN C 161 -22.01 -2.14 13.59
C GLN C 161 -22.20 -3.65 13.46
N ALA C 162 -22.93 -4.04 12.42
CA ALA C 162 -23.11 -5.45 12.10
C ALA C 162 -21.91 -5.99 11.34
N ARG C 163 -21.54 -7.24 11.63
CA ARG C 163 -20.39 -7.88 11.02
C ARG C 163 -20.78 -9.26 10.53
N THR C 164 -19.83 -9.97 9.92
CA THR C 164 -20.07 -11.30 9.39
C THR C 164 -18.83 -12.16 9.61
N GLU C 165 -19.01 -13.36 10.15
CA GLU C 165 -17.90 -14.22 10.49
C GLU C 165 -17.94 -15.54 9.71
N TRP C 166 -16.98 -16.41 10.02
CA TRP C 166 -16.25 -17.07 8.96
C TRP C 166 -15.69 -18.44 9.29
N ALA C 167 -14.54 -18.73 8.67
CA ALA C 167 -13.69 -19.86 9.03
C ALA C 167 -14.29 -21.21 8.71
N ALA C 168 -14.47 -21.47 7.42
CA ALA C 168 -14.68 -22.83 6.94
C ALA C 168 -13.35 -23.58 6.84
N GLN C 169 -13.44 -24.91 6.90
CA GLN C 169 -12.31 -25.81 6.65
C GLN C 169 -12.77 -26.93 5.72
N GLY C 170 -11.80 -27.56 5.06
CA GLY C 170 -12.12 -28.62 4.11
C GLY C 170 -12.57 -28.06 2.78
N ARG C 171 -13.61 -28.66 2.20
CA ARG C 171 -14.19 -28.16 0.95
C ARG C 171 -15.70 -28.16 1.06
N VAL C 172 -16.32 -26.99 0.87
CA VAL C 172 -17.78 -26.84 0.94
C VAL C 172 -18.29 -26.32 -0.39
N PRO C 173 -18.50 -27.20 -1.38
CA PRO C 173 -18.88 -26.78 -2.75
C PRO C 173 -20.37 -26.66 -3.04
N LEU C 174 -20.97 -25.55 -2.58
CA LEU C 174 -22.41 -25.35 -2.76
C LEU C 174 -22.80 -25.40 -4.23
N HIS C 175 -21.88 -25.07 -5.13
CA HIS C 175 -22.19 -24.92 -6.55
C HIS C 175 -22.39 -26.24 -7.25
N THR C 176 -21.79 -27.31 -6.75
CA THR C 176 -21.99 -28.65 -7.27
C THR C 176 -23.03 -29.35 -6.42
N LEU C 177 -24.03 -29.90 -7.08
CA LEU C 177 -25.05 -30.71 -6.42
C LEU C 177 -24.73 -32.18 -6.65
N ARG C 178 -23.70 -32.65 -5.95
CA ARG C 178 -23.37 -34.07 -6.00
C ARG C 178 -23.35 -34.66 -4.62
N ALA C 179 -22.71 -33.98 -3.68
CA ALA C 179 -22.06 -34.65 -2.56
C ALA C 179 -22.68 -34.35 -1.20
N ASN C 180 -23.98 -34.04 -1.17
CA ASN C 180 -24.79 -34.09 0.05
C ASN C 180 -24.24 -33.18 1.15
N ILE C 181 -24.35 -31.88 0.89
CA ILE C 181 -24.06 -30.90 1.93
C ILE C 181 -25.29 -30.78 2.82
N ASP C 182 -25.08 -30.80 4.13
CA ASP C 182 -26.15 -30.60 5.10
C ASP C 182 -26.14 -29.16 5.58
N TYR C 183 -27.32 -28.60 5.79
CA TYR C 183 -27.47 -27.20 6.16
C TYR C 183 -28.42 -27.06 7.34
N GLY C 184 -28.10 -26.16 8.24
CA GLY C 184 -28.91 -25.94 9.41
C GLY C 184 -28.88 -24.48 9.80
N PHE C 185 -29.96 -24.02 10.40
CA PHE C 185 -30.07 -22.63 10.81
C PHE C 185 -30.42 -22.54 12.27
N ALA C 186 -29.86 -21.55 12.95
CA ALA C 186 -30.18 -21.30 14.35
C ALA C 186 -30.20 -19.80 14.60
N LEU C 187 -31.13 -19.39 15.45
CA LEU C 187 -31.35 -17.99 15.79
C LEU C 187 -30.91 -17.76 17.23
N ALA C 188 -30.06 -16.77 17.44
CA ALA C 188 -29.66 -16.35 18.77
C ALA C 188 -30.27 -14.98 19.03
N ARG C 189 -31.07 -14.88 20.09
CA ARG C 189 -31.69 -13.63 20.50
C ARG C 189 -31.07 -13.17 21.81
N THR C 190 -30.60 -11.92 21.83
CA THR C 190 -29.87 -11.35 22.96
C THR C 190 -30.39 -9.95 23.24
N THR C 191 -29.90 -9.35 24.32
CA THR C 191 -30.30 -8.00 24.66
C THR C 191 -29.94 -7.02 23.57
N TYR C 192 -28.86 -7.27 22.83
CA TYR C 192 -28.51 -6.36 21.74
C TYR C 192 -29.39 -6.59 20.51
N GLY C 193 -29.87 -7.80 20.29
CA GLY C 193 -30.79 -8.02 19.19
C GLY C 193 -30.70 -9.46 18.68
N VAL C 194 -30.87 -9.59 17.35
CA VAL C 194 -30.98 -10.88 16.67
C VAL C 194 -29.65 -11.23 16.03
N LEU C 195 -29.36 -12.52 15.95
CA LEU C 195 -28.11 -13.02 15.39
C LEU C 195 -28.37 -14.33 14.65
N GLY C 196 -28.08 -14.37 13.36
CA GLY C 196 -28.32 -15.55 12.54
C GLY C 196 -27.11 -16.47 12.43
N VAL C 197 -27.35 -17.76 12.60
CA VAL C 197 -26.29 -18.76 12.63
C VAL C 197 -26.55 -19.78 11.52
N LYS C 198 -25.64 -19.84 10.55
CA LYS C 198 -25.71 -20.78 9.44
C LYS C 198 -24.62 -21.83 9.57
N ALA C 199 -24.96 -23.08 9.32
CA ALA C 199 -24.04 -24.20 9.43
C ALA C 199 -24.10 -25.06 8.16
N TYR C 200 -22.93 -25.36 7.61
CA TYR C 200 -22.79 -26.21 6.43
C TYR C 200 -21.87 -27.38 6.76
N ILE C 201 -22.28 -28.59 6.42
CA ILE C 201 -21.48 -29.79 6.65
C ILE C 201 -21.51 -30.65 5.39
N PHE C 202 -20.34 -31.15 5.01
CA PHE C 202 -20.12 -31.77 3.71
C PHE C 202 -19.68 -33.22 3.91
N LEU C 203 -20.38 -34.15 3.27
CA LEU C 203 -20.13 -35.56 3.50
C LEU C 203 -20.64 -36.39 2.33
N GLY C 204 -19.80 -37.32 1.86
CA GLY C 204 -20.15 -38.19 0.75
C GLY C 204 -19.87 -37.53 -0.59
N GLU C 205 -19.82 -38.36 -1.63
CA GLU C 205 -19.68 -37.85 -3.00
C GLU C 205 -20.85 -38.25 -3.91
N VAL C 206 -21.07 -39.54 -4.15
CA VAL C 206 -22.08 -39.93 -5.15
C VAL C 206 -23.40 -40.24 -4.47
N GLY D 1 -1.62 9.24 58.99
CA GLY D 1 -2.25 8.03 59.50
C GLY D 1 -2.43 6.95 58.46
N ARG D 2 -2.09 5.72 58.84
CA ARG D 2 -2.09 4.61 57.91
C ARG D 2 -3.50 4.31 57.42
N TYR D 3 -3.59 3.37 56.49
CA TYR D 3 -4.88 2.99 55.93
C TYR D 3 -5.78 2.44 57.03
N ILE D 4 -6.98 2.99 57.14
CA ILE D 4 -7.97 2.58 58.14
C ILE D 4 -9.27 2.27 57.42
N GLY D 5 -9.63 0.99 57.36
CA GLY D 5 -10.83 0.58 56.68
C GLY D 5 -10.83 -0.92 56.47
N PRO D 6 -11.73 -1.40 55.60
CA PRO D 6 -11.80 -2.85 55.35
C PRO D 6 -10.48 -3.41 54.84
N VAL D 7 -10.18 -4.65 55.25
CA VAL D 7 -8.88 -5.27 55.00
C VAL D 7 -9.02 -6.61 54.30
N CYS D 8 -9.87 -7.51 54.82
CA CYS D 8 -10.11 -8.77 54.12
C CYS D 8 -10.68 -8.54 52.73
N ARG D 9 -10.96 -7.28 52.37
CA ARG D 9 -11.20 -6.89 50.98
C ARG D 9 -9.90 -6.82 50.17
N LEU D 10 -8.81 -6.35 50.79
CA LEU D 10 -7.55 -6.24 50.07
C LEU D 10 -6.81 -7.57 49.97
N CYS D 11 -7.12 -8.50 50.90
CA CYS D 11 -6.81 -9.91 50.66
C CYS D 11 -7.19 -10.25 49.22
N ARG D 12 -8.32 -9.72 48.74
CA ARG D 12 -8.88 -10.12 47.46
C ARG D 12 -8.17 -9.45 46.29
N ARG D 13 -8.07 -8.12 46.31
CA ARG D 13 -7.56 -7.42 45.13
C ARG D 13 -6.14 -7.83 44.76
N GLU D 14 -5.34 -8.21 45.75
CA GLU D 14 -4.01 -8.72 45.43
C GLU D 14 -4.07 -10.14 44.89
N GLY D 15 -5.12 -10.90 45.21
CA GLY D 15 -5.24 -12.27 44.77
C GLY D 15 -4.59 -13.28 45.67
N VAL D 16 -3.74 -12.85 46.61
CA VAL D 16 -3.09 -13.74 47.56
C VAL D 16 -3.65 -13.45 48.95
N LYS D 17 -3.80 -14.48 49.75
CA LYS D 17 -4.26 -14.31 51.13
C LYS D 17 -3.40 -13.30 51.85
N LEU D 18 -4.03 -12.26 52.36
CA LEU D 18 -3.37 -11.36 53.29
C LEU D 18 -3.82 -11.73 54.69
N TYR D 19 -2.89 -11.59 55.64
CA TYR D 19 -3.15 -11.96 57.02
C TYR D 19 -3.31 -10.76 57.93
N LEU D 20 -3.55 -9.57 57.35
CA LEU D 20 -3.65 -8.37 58.16
C LEU D 20 -4.79 -8.43 59.17
N LYS D 21 -5.80 -9.26 58.92
CA LYS D 21 -6.88 -9.44 59.88
C LYS D 21 -6.45 -10.23 61.12
N GLY D 22 -5.25 -10.81 61.12
CA GLY D 22 -4.82 -11.64 62.23
C GLY D 22 -5.42 -13.03 62.16
N GLU D 23 -6.14 -13.44 63.20
CA GLU D 23 -6.99 -14.62 63.09
C GLU D 23 -8.11 -14.33 62.09
N ARG D 24 -8.84 -15.38 61.71
CA ARG D 24 -9.97 -15.28 60.80
C ARG D 24 -9.51 -14.95 59.38
N CYS D 25 -8.23 -14.61 59.22
CA CYS D 25 -7.56 -14.90 57.96
C CYS D 25 -7.08 -16.35 57.95
N TYR D 26 -7.28 -17.06 59.06
CA TYR D 26 -7.04 -18.49 59.22
C TYR D 26 -8.33 -19.29 59.23
N SER D 27 -9.30 -18.91 60.07
CA SER D 27 -10.59 -19.60 60.09
C SER D 27 -11.28 -19.39 58.74
N PRO D 28 -12.09 -20.36 58.28
CA PRO D 28 -12.62 -20.28 56.92
C PRO D 28 -13.63 -19.16 56.75
N LYS D 29 -13.16 -17.93 57.01
CA LYS D 29 -13.91 -16.73 56.70
C LYS D 29 -13.09 -15.62 56.03
N CYS D 30 -11.80 -15.84 55.73
CA CYS D 30 -10.90 -14.76 55.28
C CYS D 30 -11.43 -13.98 54.09
N ALA D 31 -12.49 -14.48 53.47
CA ALA D 31 -13.09 -14.06 52.22
C ALA D 31 -12.16 -14.44 51.08
N MET D 32 -10.93 -14.86 51.38
CA MET D 32 -10.17 -15.61 50.41
C MET D 32 -10.71 -17.02 50.31
N GLU D 33 -11.50 -17.43 51.30
CA GLU D 33 -12.29 -18.64 51.21
C GLU D 33 -13.59 -18.31 50.48
N ARG D 34 -13.84 -19.03 49.38
CA ARG D 34 -15.06 -18.92 48.59
C ARG D 34 -15.32 -17.50 48.10
N ARG D 35 -14.28 -16.67 48.00
CA ARG D 35 -14.39 -15.41 47.29
C ARG D 35 -13.01 -14.90 46.87
N PRO D 36 -12.26 -15.67 46.08
CA PRO D 36 -10.87 -15.28 45.78
C PRO D 36 -10.76 -14.11 44.83
N TYR D 37 -11.82 -13.76 44.11
CA TYR D 37 -11.75 -12.74 43.09
C TYR D 37 -11.73 -11.34 43.70
N PRO D 38 -11.14 -10.37 43.00
CA PRO D 38 -11.01 -9.01 43.56
C PRO D 38 -12.36 -8.36 43.78
N PRO D 39 -12.42 -7.25 44.55
CA PRO D 39 -13.72 -6.65 44.89
C PRO D 39 -14.36 -5.90 43.75
N GLY D 40 -15.54 -5.33 44.01
CA GLY D 40 -16.20 -4.47 43.06
C GLY D 40 -17.19 -5.18 42.17
N GLN D 41 -18.02 -4.38 41.50
CA GLN D 41 -19.06 -4.90 40.62
C GLN D 41 -18.46 -5.78 39.53
N HIS D 42 -17.25 -5.48 39.09
CA HIS D 42 -16.60 -6.20 38.01
C HIS D 42 -15.61 -7.24 38.51
N GLY D 43 -15.63 -7.54 39.81
CA GLY D 43 -14.70 -8.51 40.36
C GLY D 43 -14.88 -9.91 39.81
N GLN D 44 -16.11 -10.25 39.43
CA GLN D 44 -16.40 -11.56 38.87
C GLN D 44 -16.22 -11.63 37.36
N LYS D 45 -15.86 -10.52 36.71
CA LYS D 45 -15.63 -10.55 35.29
C LYS D 45 -14.22 -11.05 34.98
N ARG D 46 -14.06 -11.57 33.76
CA ARG D 46 -12.76 -12.08 33.32
C ARG D 46 -11.80 -10.92 33.08
N ALA D 47 -10.66 -10.95 33.76
CA ALA D 47 -9.72 -9.83 33.72
C ALA D 47 -8.84 -9.91 32.48
N ARG D 48 -8.50 -8.74 31.96
CA ARG D 48 -7.60 -8.66 30.82
C ARG D 48 -6.16 -8.90 31.25
N ARG D 49 -5.36 -9.39 30.31
CA ARG D 49 -3.94 -9.62 30.54
C ARG D 49 -3.30 -8.35 31.06
N PRO D 50 -2.70 -8.35 32.26
CA PRO D 50 -2.20 -7.10 32.83
C PRO D 50 -1.03 -6.55 32.01
N SER D 51 -0.98 -5.23 31.92
CA SER D 51 0.13 -4.56 31.25
C SER D 51 1.41 -4.73 32.08
N ASP D 52 2.55 -4.56 31.39
CA ASP D 52 3.83 -4.70 32.08
C ASP D 52 3.91 -3.82 33.32
N TYR D 53 3.35 -2.61 33.25
CA TYR D 53 3.26 -1.78 34.44
C TYR D 53 2.34 -2.40 35.48
N ALA D 54 1.20 -2.93 35.04
CA ALA D 54 0.18 -3.38 35.97
C ALA D 54 0.73 -4.38 36.97
N VAL D 55 1.61 -5.28 36.52
CA VAL D 55 2.13 -6.33 37.40
C VAL D 55 3.05 -5.74 38.46
N ARG D 56 3.98 -4.88 38.03
CA ARG D 56 4.90 -4.24 38.97
C ARG D 56 4.17 -3.42 40.02
N LEU D 57 3.01 -2.85 39.68
CA LEU D 57 2.26 -2.04 40.63
C LEU D 57 1.56 -2.91 41.66
N ARG D 58 0.87 -3.96 41.21
CA ARG D 58 0.18 -4.82 42.16
C ARG D 58 1.16 -5.53 43.07
N GLU D 59 2.40 -5.73 42.62
CA GLU D 59 3.38 -6.44 43.44
C GLU D 59 3.86 -5.56 44.60
N LYS D 60 4.07 -4.27 44.34
CA LYS D 60 4.45 -3.38 45.43
C LYS D 60 3.30 -3.16 46.40
N GLN D 61 2.10 -2.91 45.86
CA GLN D 61 0.92 -2.81 46.72
C GLN D 61 0.76 -4.07 47.56
N LYS D 62 1.05 -5.23 46.96
CA LYS D 62 1.05 -6.48 47.71
C LYS D 62 2.01 -6.42 48.89
N LEU D 63 3.17 -5.80 48.69
CA LEU D 63 4.19 -5.75 49.74
C LEU D 63 3.91 -4.61 50.71
N ARG D 64 3.60 -3.42 50.18
CA ARG D 64 3.31 -2.28 51.02
C ARG D 64 2.13 -2.56 51.94
N ARG D 65 1.09 -3.21 51.41
CA ARG D 65 -0.12 -3.42 52.21
C ARG D 65 0.05 -4.49 53.27
N ILE D 66 1.03 -5.40 53.10
CA ILE D 66 1.22 -6.45 54.11
C ILE D 66 1.76 -5.87 55.40
N TYR D 67 2.65 -4.88 55.29
CA TYR D 67 3.28 -4.28 56.46
C TYR D 67 2.51 -3.09 57.01
N GLY D 68 1.42 -2.68 56.35
CA GLY D 68 0.60 -1.59 56.84
C GLY D 68 1.33 -0.27 56.90
N ILE D 69 1.89 0.14 55.77
CA ILE D 69 2.73 1.33 55.68
C ILE D 69 2.18 2.25 54.60
N SER D 70 2.30 3.55 54.85
CA SER D 70 2.00 4.53 53.81
C SER D 70 3.13 4.60 52.79
N GLU D 71 2.82 5.10 51.60
CA GLU D 71 3.82 5.17 50.55
C GLU D 71 5.04 5.96 51.00
N ARG D 72 4.81 7.07 51.71
CA ARG D 72 5.91 7.94 52.15
C ARG D 72 6.97 7.15 52.91
N GLN D 73 6.61 6.57 54.06
CA GLN D 73 7.57 5.76 54.79
C GLN D 73 8.08 4.60 53.94
N PHE D 74 7.25 4.10 53.03
CA PHE D 74 7.62 2.96 52.21
C PHE D 74 8.71 3.33 51.22
N ARG D 75 8.51 4.39 50.44
CA ARG D 75 9.49 4.77 49.41
C ARG D 75 10.79 5.27 50.05
N ASN D 76 10.69 6.02 51.15
CA ASN D 76 11.90 6.45 51.85
C ASN D 76 12.69 5.26 52.34
N LEU D 77 11.99 4.23 52.83
CA LEU D 77 12.65 3.00 53.24
C LEU D 77 13.38 2.34 52.06
N PHE D 78 12.77 2.38 50.88
CA PHE D 78 13.36 1.73 49.72
C PHE D 78 14.60 2.46 49.24
N GLU D 79 14.48 3.78 49.04
CA GLU D 79 15.63 4.54 48.56
C GLU D 79 16.82 4.43 49.51
N GLU D 80 16.59 3.99 50.75
CA GLU D 80 17.70 3.72 51.67
C GLU D 80 18.46 2.45 51.26
N ALA D 81 17.75 1.44 50.76
CA ALA D 81 18.39 0.19 50.41
C ALA D 81 19.23 0.32 49.14
N SER D 82 18.75 1.09 48.15
CA SER D 82 19.51 1.26 46.92
C SER D 82 20.88 1.86 47.18
N LYS D 83 21.00 2.66 48.25
CA LYS D 83 22.27 3.28 48.60
C LYS D 83 23.15 2.36 49.43
N LYS D 84 22.54 1.53 50.27
CA LYS D 84 23.31 0.72 51.19
C LYS D 84 24.06 -0.38 50.46
N LYS D 85 25.22 -0.75 51.02
CA LYS D 85 26.00 -1.86 50.50
C LYS D 85 25.20 -3.15 50.62
N GLY D 86 25.05 -3.86 49.51
CA GLY D 86 24.31 -5.10 49.49
C GLY D 86 23.11 -5.04 48.57
N VAL D 87 22.50 -6.22 48.39
CA VAL D 87 21.41 -6.35 47.42
C VAL D 87 20.23 -5.49 47.84
N THR D 88 19.91 -4.49 47.02
CA THR D 88 18.77 -3.63 47.30
C THR D 88 17.52 -4.44 47.61
N GLY D 89 17.34 -5.58 46.95
CA GLY D 89 16.17 -6.39 47.19
C GLY D 89 16.04 -6.88 48.62
N SER D 90 16.97 -7.73 49.06
CA SER D 90 16.85 -8.33 50.38
C SER D 90 17.14 -7.32 51.50
N VAL D 91 17.88 -6.25 51.21
CA VAL D 91 18.11 -5.25 52.25
C VAL D 91 16.81 -4.55 52.62
N PHE D 92 15.97 -4.27 51.62
CA PHE D 92 14.66 -3.66 51.88
C PHE D 92 13.84 -4.51 52.85
N LEU D 93 13.82 -5.83 52.63
CA LEU D 93 13.02 -6.70 53.48
C LEU D 93 13.48 -6.65 54.93
N GLY D 94 14.79 -6.87 55.16
CA GLY D 94 15.33 -6.80 56.51
C GLY D 94 15.07 -5.48 57.21
N LEU D 95 14.86 -4.40 56.45
CA LEU D 95 14.53 -3.11 57.06
C LEU D 95 13.06 -3.03 57.46
N LEU D 96 12.17 -3.62 56.66
CA LEU D 96 10.77 -3.70 57.04
C LEU D 96 10.59 -4.61 58.25
N GLU D 97 11.28 -5.75 58.25
CA GLU D 97 11.23 -6.66 59.39
C GLU D 97 11.84 -6.06 60.65
N SER D 98 12.64 -5.01 60.51
CA SER D 98 13.21 -4.35 61.67
C SER D 98 12.27 -3.36 62.34
N ARG D 99 11.11 -3.08 61.73
CA ARG D 99 10.14 -2.21 62.36
C ARG D 99 9.67 -2.81 63.68
N LEU D 100 9.60 -1.98 64.71
CA LEU D 100 9.16 -2.46 66.02
C LEU D 100 7.72 -2.96 65.96
N ASP D 101 6.86 -2.31 65.17
CA ASP D 101 5.49 -2.79 65.06
C ASP D 101 5.45 -4.19 64.45
N ASN D 102 6.28 -4.45 63.45
CA ASN D 102 6.32 -5.77 62.84
C ASN D 102 6.98 -6.79 63.74
N VAL D 103 8.04 -6.37 64.45
CA VAL D 103 8.71 -7.27 65.39
C VAL D 103 7.74 -7.78 66.44
N VAL D 104 6.90 -6.89 66.96
CA VAL D 104 5.92 -7.28 67.98
C VAL D 104 5.00 -8.37 67.43
N TYR D 105 4.49 -8.16 66.22
CA TYR D 105 3.66 -9.19 65.59
C TYR D 105 4.46 -10.46 65.39
N ARG D 106 5.64 -10.34 64.76
CA ARG D 106 6.46 -11.51 64.48
C ARG D 106 6.78 -12.31 65.75
N LEU D 107 6.76 -11.66 66.91
CA LEU D 107 7.05 -12.31 68.19
C LEU D 107 5.83 -12.96 68.82
N GLY D 108 4.65 -12.84 68.21
CA GLY D 108 3.45 -13.39 68.82
C GLY D 108 2.86 -12.58 69.95
N PHE D 109 3.41 -11.41 70.25
CA PHE D 109 2.78 -10.52 71.24
C PHE D 109 1.43 -10.02 70.78
N ALA D 110 1.16 -10.04 69.47
CA ALA D 110 -0.07 -9.51 68.91
C ALA D 110 -0.53 -10.40 67.76
N VAL D 111 -1.86 -10.49 67.63
CA VAL D 111 -2.47 -11.38 66.64
C VAL D 111 -2.10 -10.93 65.23
N SER D 112 -2.18 -9.64 64.96
CA SER D 112 -2.00 -9.08 63.63
C SER D 112 -1.03 -7.91 63.69
N ARG D 113 -0.57 -7.49 62.50
CA ARG D 113 0.26 -6.31 62.41
C ARG D 113 -0.47 -5.09 62.95
N ARG D 114 -1.75 -4.93 62.57
CA ARG D 114 -2.53 -3.78 63.03
C ARG D 114 -2.62 -3.76 64.54
N GLN D 115 -2.89 -4.91 65.16
CA GLN D 115 -2.96 -4.99 66.62
C GLN D 115 -1.61 -4.64 67.23
N ALA D 116 -0.52 -5.17 66.67
CA ALA D 116 0.81 -4.81 67.15
C ALA D 116 1.07 -3.31 67.02
N ARG D 117 0.53 -2.70 65.97
CA ARG D 117 0.73 -1.27 65.78
C ARG D 117 0.09 -0.47 66.90
N GLN D 118 -1.04 -0.94 67.44
CA GLN D 118 -1.67 -0.23 68.55
C GLN D 118 -0.93 -0.47 69.86
N LEU D 119 -0.32 -1.65 70.02
CA LEU D 119 0.37 -1.97 71.27
C LEU D 119 1.57 -1.07 71.49
N VAL D 120 2.38 -0.85 70.45
CA VAL D 120 3.50 0.07 70.55
C VAL D 120 2.97 1.47 70.84
N ARG D 121 2.00 1.92 70.05
CA ARG D 121 1.48 3.29 70.19
C ARG D 121 0.98 3.58 71.60
N HIS D 122 0.44 2.59 72.29
CA HIS D 122 -0.08 2.79 73.63
C HIS D 122 0.94 2.44 74.71
N GLY D 123 2.18 2.17 74.33
CA GLY D 123 3.29 2.06 75.27
C GLY D 123 3.49 0.72 75.93
N HIS D 124 2.74 -0.30 75.52
CA HIS D 124 2.85 -1.58 76.21
C HIS D 124 4.14 -2.32 75.90
N ILE D 125 5.04 -1.76 75.10
CA ILE D 125 6.24 -2.46 74.67
C ILE D 125 7.48 -1.80 75.25
N THR D 126 8.34 -2.62 75.84
CA THR D 126 9.64 -2.21 76.36
C THR D 126 10.73 -2.63 75.39
N VAL D 127 11.69 -1.73 75.16
CA VAL D 127 12.83 -2.02 74.30
C VAL D 127 14.08 -1.80 75.15
N ASN D 128 14.73 -2.91 75.54
CA ASN D 128 15.90 -2.87 76.40
C ASN D 128 15.59 -2.15 77.71
N GLY D 129 14.37 -2.35 78.22
CA GLY D 129 13.93 -1.71 79.44
C GLY D 129 13.17 -0.41 79.25
N ARG D 130 13.45 0.32 78.18
CA ARG D 130 12.79 1.58 77.90
C ARG D 130 11.47 1.34 77.19
N ARG D 131 10.47 2.15 77.52
CA ARG D 131 9.25 2.16 76.73
C ARG D 131 9.50 2.87 75.41
N VAL D 132 9.01 2.28 74.32
CA VAL D 132 9.04 2.89 73.00
C VAL D 132 7.63 2.83 72.43
N ASP D 133 7.09 3.99 72.04
CA ASP D 133 5.73 4.10 71.53
C ASP D 133 5.67 4.44 70.04
N LEU D 134 6.76 4.23 69.31
CA LEU D 134 6.80 4.50 67.88
C LEU D 134 6.88 3.17 67.12
N PRO D 135 5.94 2.89 66.22
CA PRO D 135 6.01 1.64 65.46
C PRO D 135 7.09 1.65 64.40
N SER D 136 7.55 2.83 63.98
CA SER D 136 8.58 2.96 62.96
C SER D 136 9.99 2.81 63.53
N TYR D 137 10.12 2.55 64.83
CA TYR D 137 11.43 2.37 65.44
C TYR D 137 12.16 1.19 64.80
N ARG D 138 13.38 1.43 64.33
CA ARG D 138 14.20 0.37 63.76
C ARG D 138 14.84 -0.42 64.87
N VAL D 139 14.49 -1.70 64.97
CA VAL D 139 15.10 -2.59 65.94
C VAL D 139 16.49 -2.97 65.46
N ARG D 140 17.44 -2.84 66.32
CA ARG D 140 18.78 -3.28 66.03
C ARG D 140 18.98 -4.71 66.51
N PRO D 141 19.92 -5.44 65.93
CA PRO D 141 20.26 -6.78 66.44
C PRO D 141 20.83 -6.70 67.85
N GLY D 142 20.27 -7.50 68.75
CA GLY D 142 20.65 -7.52 70.15
C GLY D 142 19.64 -6.87 71.07
N ASP D 143 18.72 -6.08 70.53
CA ASP D 143 17.74 -5.38 71.36
C ASP D 143 16.77 -6.37 72.00
N GLU D 144 16.38 -6.09 73.24
CA GLU D 144 15.45 -6.93 73.99
C GLU D 144 14.08 -6.28 73.98
N ILE D 145 13.12 -6.90 73.30
CA ILE D 145 11.77 -6.38 73.19
C ILE D 145 10.91 -7.13 74.20
N ALA D 146 10.63 -6.48 75.32
CA ALA D 146 9.81 -7.08 76.36
C ALA D 146 8.41 -6.49 76.31
N VAL D 147 7.59 -6.90 77.29
CA VAL D 147 6.29 -6.30 77.54
C VAL D 147 6.40 -5.51 78.84
N ALA D 148 5.73 -4.36 78.88
CA ALA D 148 5.70 -3.58 80.11
C ALA D 148 4.98 -4.34 81.20
N GLU D 149 5.66 -4.56 82.33
CA GLU D 149 5.06 -5.25 83.46
C GLU D 149 3.78 -4.57 83.94
N LYS D 150 3.58 -3.31 83.56
CA LYS D 150 2.32 -2.65 83.83
C LYS D 150 1.15 -3.40 83.21
N SER D 151 1.27 -3.73 81.93
CA SER D 151 0.24 -4.44 81.18
C SER D 151 0.43 -5.96 81.17
N ARG D 152 1.53 -6.47 81.74
CA ARG D 152 1.74 -7.91 81.79
C ARG D 152 0.56 -8.66 82.40
N ASN D 153 -0.24 -7.99 83.21
CA ASN D 153 -1.45 -8.57 83.76
C ASN D 153 -2.67 -8.29 82.91
N LEU D 154 -2.55 -7.48 81.86
CA LEU D 154 -3.66 -7.23 80.95
C LEU D 154 -4.06 -8.52 80.25
N GLU D 155 -5.36 -8.78 80.18
CA GLU D 155 -5.83 -10.08 79.72
C GLU D 155 -5.55 -10.32 78.25
N LEU D 156 -5.40 -9.27 77.43
CA LEU D 156 -5.10 -9.50 76.02
C LEU D 156 -3.68 -10.01 75.81
N ILE D 157 -2.75 -9.63 76.69
CA ILE D 157 -1.38 -10.14 76.58
C ILE D 157 -1.32 -11.60 76.98
N ARG D 158 -1.86 -11.92 78.16
CA ARG D 158 -1.94 -13.31 78.59
C ARG D 158 -2.72 -14.16 77.61
N GLN D 159 -3.59 -13.55 76.80
CA GLN D 159 -4.36 -14.29 75.82
C GLN D 159 -3.47 -14.81 74.69
N ASN D 160 -2.63 -13.94 74.14
CA ASN D 160 -1.78 -14.35 73.03
C ASN D 160 -0.68 -15.30 73.49
N LEU D 161 -0.04 -14.98 74.61
CA LEU D 161 1.04 -15.81 75.10
C LEU D 161 0.56 -17.12 75.72
N GLU D 162 -0.75 -17.30 75.87
CA GLU D 162 -1.29 -18.61 76.14
C GLU D 162 -1.32 -19.47 74.88
N ALA D 163 -1.66 -18.86 73.74
CA ALA D 163 -1.57 -19.53 72.45
C ALA D 163 -0.15 -19.58 71.90
N MET D 164 0.79 -18.87 72.51
CA MET D 164 2.18 -18.88 72.07
C MET D 164 3.02 -19.94 72.76
N LYS D 165 2.48 -20.62 73.77
CA LYS D 165 3.14 -21.80 74.30
C LYS D 165 3.20 -22.86 73.22
N GLY D 166 4.39 -23.43 73.01
CA GLY D 166 4.58 -24.48 72.03
C GLY D 166 4.71 -24.01 70.60
N ARG D 167 4.47 -22.74 70.33
CA ARG D 167 4.66 -22.20 68.98
C ARG D 167 6.12 -21.88 68.74
N LYS D 168 6.62 -22.26 67.57
CA LYS D 168 7.98 -21.93 67.17
C LYS D 168 8.01 -20.52 66.57
N VAL D 169 9.16 -19.86 66.73
CA VAL D 169 9.34 -18.49 66.26
C VAL D 169 10.52 -18.45 65.30
N GLY D 170 10.63 -17.34 64.56
CA GLY D 170 11.55 -17.22 63.45
C GLY D 170 13.01 -17.44 63.80
N PRO D 171 13.78 -17.97 62.85
CA PRO D 171 15.20 -18.25 63.10
C PRO D 171 16.04 -17.02 63.37
N TRP D 172 15.50 -15.82 63.20
CA TRP D 172 16.15 -14.58 63.62
C TRP D 172 15.52 -14.03 64.88
N LEU D 173 14.65 -14.80 65.54
CA LEU D 173 13.94 -14.37 66.73
C LEU D 173 14.00 -15.46 67.80
N SER D 174 13.79 -15.03 69.04
CA SER D 174 13.55 -15.94 70.16
C SER D 174 12.83 -15.14 71.23
N LEU D 175 12.05 -15.83 72.06
CA LEU D 175 11.28 -15.14 73.09
C LEU D 175 11.11 -16.04 74.30
N ASP D 176 11.01 -15.41 75.45
CA ASP D 176 10.60 -16.06 76.68
C ASP D 176 9.12 -15.78 76.91
N VAL D 177 8.34 -16.84 77.13
CA VAL D 177 6.89 -16.69 77.11
C VAL D 177 6.35 -16.25 78.49
N GLU D 178 6.99 -16.66 79.58
CA GLU D 178 6.47 -16.34 80.91
C GLU D 178 6.75 -14.89 81.30
N GLY D 179 8.03 -14.50 81.34
CA GLY D 179 8.39 -13.11 81.56
C GLY D 179 8.07 -12.19 80.41
N MET D 180 7.52 -12.72 79.31
CA MET D 180 7.07 -11.95 78.16
C MET D 180 8.21 -11.16 77.52
N LYS D 181 9.43 -11.72 77.58
CA LYS D 181 10.60 -11.12 76.98
C LYS D 181 10.73 -11.59 75.53
N GLY D 182 11.75 -11.07 74.84
CA GLY D 182 12.00 -11.43 73.46
C GLY D 182 13.20 -10.70 72.90
N LYS D 183 13.90 -11.32 71.95
CA LYS D 183 15.13 -10.73 71.43
C LYS D 183 15.15 -10.81 69.91
N PHE D 184 15.81 -9.82 69.30
CA PHE D 184 16.00 -9.70 67.85
C PHE D 184 17.40 -10.19 67.53
N LEU D 185 17.51 -11.46 67.12
CA LEU D 185 18.82 -12.11 67.07
C LEU D 185 19.69 -11.52 65.97
N ARG D 186 19.14 -11.38 64.77
CA ARG D 186 19.83 -10.85 63.61
C ARG D 186 18.80 -10.44 62.57
N LEU D 187 19.27 -9.91 61.46
CA LEU D 187 18.37 -9.53 60.37
C LEU D 187 17.98 -10.77 59.57
N PRO D 188 16.74 -10.83 59.08
CA PRO D 188 16.30 -11.99 58.31
C PRO D 188 16.79 -11.98 56.87
N ASP D 189 16.90 -13.17 56.32
CA ASP D 189 17.39 -13.40 54.97
C ASP D 189 16.22 -13.54 54.00
N ARG D 190 16.54 -13.60 52.70
CA ARG D 190 15.51 -13.90 51.71
C ARG D 190 14.83 -15.23 52.03
N GLU D 191 15.61 -16.31 52.17
CA GLU D 191 15.04 -17.60 52.51
C GLU D 191 14.32 -17.59 53.86
N ASP D 192 14.70 -16.67 54.77
CA ASP D 192 14.07 -16.60 56.08
C ASP D 192 12.63 -16.13 56.02
N LEU D 193 12.25 -15.38 54.97
CA LEU D 193 10.92 -14.80 54.85
C LEU D 193 10.05 -15.63 53.92
N ALA D 194 8.77 -15.73 54.28
CA ALA D 194 7.81 -16.51 53.49
C ALA D 194 6.92 -15.64 52.62
N LEU D 195 7.20 -14.34 52.53
CA LEU D 195 6.29 -13.42 51.86
C LEU D 195 6.05 -13.84 50.42
N PRO D 196 4.83 -13.77 49.96
CA PRO D 196 4.47 -14.24 48.61
C PRO D 196 4.72 -13.17 47.53
N VAL D 197 5.92 -12.60 47.54
CA VAL D 197 6.21 -11.38 46.82
C VAL D 197 7.54 -11.50 46.08
N ASN D 198 7.55 -11.09 44.81
CA ASN D 198 8.77 -10.98 44.03
C ASN D 198 9.35 -9.59 44.24
N GLU D 199 10.50 -9.52 44.94
CA GLU D 199 11.13 -8.23 45.17
C GLU D 199 11.66 -7.62 43.87
N GLN D 200 12.28 -8.43 43.00
CA GLN D 200 12.80 -7.93 41.73
C GLN D 200 11.75 -7.24 40.89
N LEU D 201 10.47 -7.50 41.17
CA LEU D 201 9.39 -6.72 40.54
C LEU D 201 9.33 -5.31 41.12
N VAL D 202 9.46 -5.21 42.44
CA VAL D 202 9.31 -3.92 43.11
C VAL D 202 10.53 -3.03 42.88
N ILE D 203 11.73 -3.62 42.87
CA ILE D 203 12.90 -2.86 42.43
C ILE D 203 12.65 -2.28 41.05
N GLU D 204 12.18 -3.11 40.12
CA GLU D 204 11.92 -2.67 38.76
C GLU D 204 10.79 -1.65 38.68
N PHE D 205 9.92 -1.62 39.69
CA PHE D 205 8.81 -0.66 39.69
C PHE D 205 9.28 0.76 39.93
N TYR D 206 10.41 0.92 40.63
CA TYR D 206 10.96 2.24 40.92
C TYR D 206 12.02 2.68 39.92
N SER D 207 12.39 1.83 38.96
CA SER D 207 13.30 2.27 37.91
C SER D 207 12.66 3.34 37.06
N ARG D 208 11.34 3.35 36.97
CA ARG D 208 10.59 4.41 36.33
C ARG D 208 10.59 5.64 37.24
N ASP E 1 9.13 -26.74 29.91
CA ASP E 1 10.35 -26.67 29.12
C ASP E 1 10.55 -25.32 28.43
N PHE E 2 9.46 -24.74 27.91
CA PHE E 2 9.53 -23.53 27.09
C PHE E 2 8.43 -22.56 27.46
N GLU E 3 8.79 -21.29 27.60
CA GLU E 3 7.87 -20.21 27.94
C GLU E 3 7.90 -19.15 26.86
N GLU E 4 6.73 -18.58 26.55
CA GLU E 4 6.63 -17.56 25.51
C GLU E 4 5.92 -16.32 26.04
N LYS E 5 6.41 -15.15 25.61
CA LYS E 5 5.89 -13.86 26.02
C LYS E 5 5.72 -12.99 24.79
N MET E 6 4.50 -12.49 24.59
CA MET E 6 4.10 -11.86 23.35
C MET E 6 4.41 -10.36 23.37
N ILE E 7 5.16 -9.89 22.36
CA ILE E 7 5.65 -8.51 22.31
C ILE E 7 4.55 -7.54 21.89
N LEU E 8 4.07 -7.67 20.64
CA LEU E 8 3.02 -6.80 20.15
C LEU E 8 2.23 -7.52 19.06
N ILE E 9 1.06 -6.98 18.77
CA ILE E 9 0.19 -7.49 17.70
C ILE E 9 -0.39 -6.27 16.99
N ARG E 10 -0.49 -6.33 15.66
CA ARG E 10 -0.88 -5.17 14.88
C ARG E 10 -1.85 -5.53 13.75
N ARG E 11 -2.37 -4.50 13.09
CA ARG E 11 -3.52 -4.61 12.18
C ARG E 11 -3.16 -4.72 10.71
N THR E 12 -2.11 -4.02 10.24
CA THR E 12 -1.50 -4.23 8.93
C THR E 12 -2.49 -4.50 7.79
N ALA E 13 -3.31 -3.50 7.44
CA ALA E 13 -4.28 -3.65 6.38
C ALA E 13 -3.70 -3.35 4.99
N ARG E 14 -4.08 -4.17 4.02
CA ARG E 14 -3.73 -4.01 2.62
C ARG E 14 -4.98 -3.66 1.82
N MET E 15 -4.81 -2.90 0.75
CA MET E 15 -5.93 -2.33 0.01
C MET E 15 -6.34 -3.21 -1.17
N GLN E 16 -7.66 -3.31 -1.37
CA GLN E 16 -8.20 -4.03 -2.52
C GLN E 16 -9.45 -3.30 -2.98
N ALA E 17 -9.87 -3.60 -4.22
CA ALA E 17 -11.10 -3.00 -4.72
C ALA E 17 -12.27 -3.39 -3.82
N GLY E 18 -13.12 -2.41 -3.55
CA GLY E 18 -14.24 -2.61 -2.65
C GLY E 18 -13.93 -2.30 -1.20
N GLY E 19 -12.69 -2.41 -0.78
CA GLY E 19 -12.32 -2.00 0.55
C GLY E 19 -11.08 -2.72 1.03
N ARG E 20 -10.75 -2.46 2.29
CA ARG E 20 -9.54 -3.02 2.88
C ARG E 20 -9.71 -4.52 3.14
N ARG E 21 -8.57 -5.20 3.23
CA ARG E 21 -8.51 -6.59 3.65
C ARG E 21 -7.14 -6.80 4.29
N PHE E 22 -7.12 -7.33 5.51
CA PHE E 22 -5.96 -7.21 6.38
C PHE E 22 -5.49 -8.55 6.92
N ARG E 23 -4.20 -8.59 7.26
CA ARG E 23 -3.59 -9.65 8.04
C ARG E 23 -3.34 -9.15 9.47
N PHE E 24 -2.68 -9.97 10.28
CA PHE E 24 -2.32 -9.59 11.64
C PHE E 24 -0.87 -9.98 11.88
N GLY E 25 -0.06 -9.01 12.31
CA GLY E 25 1.33 -9.28 12.68
C GLY E 25 1.47 -9.60 14.15
N ALA E 26 2.27 -10.63 14.44
CA ALA E 26 2.41 -11.14 15.80
C ALA E 26 3.88 -11.36 16.13
N LEU E 27 4.34 -10.69 17.20
CA LEU E 27 5.70 -10.84 17.70
C LEU E 27 5.69 -11.64 18.99
N VAL E 28 6.54 -12.66 19.07
CA VAL E 28 6.58 -13.55 20.21
C VAL E 28 8.03 -13.83 20.58
N VAL E 29 8.34 -13.77 21.88
CA VAL E 29 9.63 -14.19 22.41
C VAL E 29 9.45 -15.53 23.09
N VAL E 30 10.39 -16.44 22.84
CA VAL E 30 10.43 -17.73 23.49
C VAL E 30 11.74 -17.84 24.25
N GLY E 31 11.66 -18.22 25.53
CA GLY E 31 12.86 -18.39 26.33
C GLY E 31 12.65 -19.41 27.42
N ASP E 32 13.75 -20.01 27.87
CA ASP E 32 13.75 -20.97 28.97
C ASP E 32 14.32 -20.38 30.25
N ARG E 33 14.78 -19.13 30.23
CA ARG E 33 15.46 -18.47 31.35
C ARG E 33 16.73 -19.20 31.79
N GLN E 34 17.28 -20.05 30.92
CA GLN E 34 18.57 -20.69 31.17
C GLN E 34 19.65 -20.17 30.23
N GLY E 35 19.36 -19.12 29.48
CA GLY E 35 20.29 -18.60 28.49
C GLY E 35 19.92 -18.89 27.06
N ARG E 36 18.74 -19.44 26.79
CA ARG E 36 18.28 -19.73 25.44
C ARG E 36 17.01 -18.94 25.15
N VAL E 37 17.10 -18.00 24.22
CA VAL E 37 15.94 -17.23 23.77
C VAL E 37 15.80 -17.34 22.26
N GLY E 38 14.61 -17.01 21.79
CA GLY E 38 14.33 -16.98 20.37
C GLY E 38 13.25 -15.97 20.07
N LEU E 39 13.31 -15.41 18.86
CA LEU E 39 12.36 -14.41 18.43
C LEU E 39 11.66 -14.91 17.16
N GLY E 40 10.38 -14.57 17.04
CA GLY E 40 9.58 -15.05 15.93
C GLY E 40 8.46 -14.10 15.60
N PHE E 41 8.15 -13.98 14.31
CA PHE E 41 7.17 -13.03 13.81
C PHE E 41 6.29 -13.74 12.78
N GLY E 42 5.02 -13.94 13.13
CA GLY E 42 4.08 -14.57 12.22
C GLY E 42 3.02 -13.62 11.72
N LYS E 43 2.35 -14.00 10.63
CA LYS E 43 1.30 -13.20 10.04
C LYS E 43 0.19 -14.13 9.58
N ALA E 44 -1.06 -13.73 9.75
CA ALA E 44 -2.20 -14.59 9.44
C ALA E 44 -3.46 -13.74 9.39
N PRO E 45 -4.51 -14.23 8.72
CA PRO E 45 -5.77 -13.46 8.63
C PRO E 45 -6.59 -13.46 9.90
N GLU E 46 -6.31 -14.33 10.86
CA GLU E 46 -6.93 -14.25 12.16
C GLU E 46 -5.83 -14.20 13.22
N VAL E 47 -6.12 -13.51 14.33
CA VAL E 47 -5.08 -13.18 15.30
C VAL E 47 -4.45 -14.39 15.98
N PRO E 48 -5.21 -15.36 16.49
CA PRO E 48 -4.54 -16.49 17.18
C PRO E 48 -3.58 -17.24 16.27
N LEU E 49 -3.97 -17.53 15.03
CA LEU E 49 -3.10 -18.26 14.12
C LEU E 49 -1.82 -17.48 13.82
N ALA E 50 -1.86 -16.16 13.96
CA ALA E 50 -0.64 -15.36 13.79
C ALA E 50 0.28 -15.51 14.99
N VAL E 51 -0.32 -15.56 16.19
CA VAL E 51 0.47 -15.86 17.39
C VAL E 51 1.14 -17.21 17.27
N GLN E 52 0.42 -18.19 16.72
CA GLN E 52 0.97 -19.54 16.57
C GLN E 52 2.24 -19.52 15.72
N LYS E 53 2.14 -18.99 14.49
CA LYS E 53 3.29 -18.99 13.59
C LYS E 53 4.50 -18.32 14.22
N ALA E 54 4.27 -17.27 15.01
CA ALA E 54 5.37 -16.67 15.77
C ALA E 54 5.97 -17.67 16.74
N GLY E 55 5.13 -18.29 17.59
CA GLY E 55 5.62 -19.27 18.54
C GLY E 55 6.38 -20.41 17.89
N TYR E 56 6.07 -20.71 16.63
CA TYR E 56 6.81 -21.72 15.89
C TYR E 56 8.08 -21.15 15.28
N TYR E 57 8.01 -19.95 14.72
CA TYR E 57 9.22 -19.30 14.21
C TYR E 57 10.19 -18.96 15.31
N ALA E 58 9.72 -18.81 16.54
CA ALA E 58 10.60 -18.44 17.63
C ALA E 58 11.45 -19.60 18.10
N ARG E 59 10.96 -20.83 17.96
CA ARG E 59 11.78 -21.98 18.31
C ARG E 59 12.84 -22.25 17.25
N ARG E 60 12.57 -21.93 16.00
CA ARG E 60 13.67 -21.71 15.08
C ARG E 60 14.30 -20.37 15.42
N ASN E 61 15.53 -20.14 14.94
CA ASN E 61 16.20 -18.86 15.20
C ASN E 61 16.33 -18.62 16.70
N MET E 62 17.15 -19.48 17.33
CA MET E 62 17.43 -19.40 18.76
C MET E 62 18.86 -18.92 19.00
N VAL E 63 19.07 -18.29 20.15
CA VAL E 63 20.34 -17.65 20.50
C VAL E 63 20.81 -18.22 21.83
N GLU E 64 22.08 -18.62 21.88
CA GLU E 64 22.72 -19.06 23.11
C GLU E 64 23.31 -17.84 23.81
N VAL E 65 22.72 -17.45 24.94
CA VAL E 65 23.15 -16.26 25.68
C VAL E 65 24.12 -16.70 26.77
N PRO E 66 25.32 -16.19 26.82
CA PRO E 66 26.25 -16.58 27.87
C PRO E 66 26.07 -15.82 29.17
N LEU E 67 25.17 -16.27 30.05
CA LEU E 67 24.92 -15.57 31.29
C LEU E 67 26.08 -15.72 32.28
N GLN E 68 26.53 -14.60 32.81
CA GLN E 68 27.54 -14.58 33.87
C GLN E 68 26.89 -14.01 35.13
N ASN E 69 26.30 -14.88 35.95
CA ASN E 69 25.64 -14.50 37.20
C ASN E 69 24.43 -13.60 36.92
N GLY E 70 23.51 -14.12 36.10
CA GLY E 70 22.29 -13.40 35.77
C GLY E 70 22.49 -12.11 35.01
N THR E 71 23.64 -11.92 34.38
CA THR E 71 23.90 -10.71 33.62
C THR E 71 24.76 -11.09 32.41
N ILE E 72 25.40 -10.09 31.83
CA ILE E 72 25.99 -10.19 30.51
C ILE E 72 27.51 -10.06 30.63
N PRO E 73 28.28 -10.77 29.81
CA PRO E 73 29.76 -10.71 29.96
C PRO E 73 30.36 -9.37 29.55
N HIS E 74 29.74 -8.61 28.65
CA HIS E 74 30.27 -7.29 28.30
C HIS E 74 29.15 -6.42 27.75
N GLU E 75 29.47 -5.14 27.57
CA GLU E 75 28.57 -4.18 26.96
C GLU E 75 28.70 -4.22 25.43
N ILE E 76 27.58 -3.99 24.72
CA ILE E 76 27.63 -3.90 23.26
C ILE E 76 26.56 -2.92 22.77
N GLU E 77 26.80 -2.36 21.59
CA GLU E 77 25.83 -1.54 20.88
C GLU E 77 25.58 -2.16 19.52
N VAL E 78 24.30 -2.28 19.15
CA VAL E 78 23.91 -2.92 17.90
C VAL E 78 23.02 -1.97 17.11
N GLU E 79 23.47 -1.61 15.91
CA GLU E 79 22.66 -0.84 14.97
C GLU E 79 21.98 -1.85 14.05
N PHE E 80 20.65 -1.88 14.09
CA PHE E 80 19.83 -2.63 13.15
C PHE E 80 19.00 -1.60 12.39
N GLY E 81 19.48 -1.22 11.21
CA GLY E 81 18.84 -0.12 10.51
C GLY E 81 19.12 1.19 11.22
N ALA E 82 18.06 1.94 11.52
CA ALA E 82 18.22 3.14 12.33
C ALA E 82 17.88 2.90 13.80
N SER E 83 17.76 1.63 14.21
CA SER E 83 17.46 1.27 15.59
C SER E 83 18.72 0.77 16.27
N LYS E 84 19.08 1.41 17.38
CA LYS E 84 20.25 1.05 18.15
C LYS E 84 19.82 0.58 19.53
N ILE E 85 20.44 -0.51 19.98
CA ILE E 85 20.24 -1.02 21.32
C ILE E 85 21.57 -0.89 22.05
N VAL E 86 21.49 -0.70 23.36
CA VAL E 86 22.67 -0.51 24.20
C VAL E 86 22.53 -1.41 25.41
N LEU E 87 23.38 -2.43 25.49
CA LEU E 87 23.44 -3.31 26.65
C LEU E 87 24.73 -3.05 27.41
N LYS E 88 24.63 -3.03 28.74
CA LYS E 88 25.77 -2.91 29.63
C LYS E 88 25.51 -3.80 30.84
N PRO E 89 26.53 -4.52 31.32
CA PRO E 89 26.29 -5.51 32.39
C PRO E 89 25.98 -4.85 33.72
N ALA E 90 25.24 -5.57 34.56
CA ALA E 90 24.76 -5.02 35.83
C ALA E 90 25.09 -5.94 37.00
N ALA E 91 25.39 -5.34 38.14
CA ALA E 91 25.58 -6.10 39.36
C ALA E 91 24.22 -6.58 39.88
N PRO E 92 24.22 -7.65 40.67
CA PRO E 92 22.96 -8.17 41.22
C PRO E 92 22.26 -7.17 42.12
N GLY E 93 20.94 -7.37 42.28
CA GLY E 93 20.09 -6.43 42.99
C GLY E 93 19.67 -5.22 42.19
N THR E 94 20.17 -5.08 40.96
CA THR E 94 19.79 -3.94 40.13
C THR E 94 18.44 -4.17 39.46
N GLY E 95 18.30 -5.30 38.78
CA GLY E 95 17.11 -5.62 38.02
C GLY E 95 17.30 -5.40 36.54
N VAL E 96 16.29 -5.80 35.78
CA VAL E 96 16.27 -5.55 34.34
C VAL E 96 15.72 -4.14 34.14
N ILE E 97 16.58 -3.24 33.65
CA ILE E 97 16.19 -1.87 33.35
C ILE E 97 16.23 -1.73 31.83
N ALA E 98 15.06 -1.74 31.19
CA ALA E 98 15.02 -1.76 29.75
C ALA E 98 13.68 -1.26 29.25
N GLY E 99 13.62 -0.95 27.97
CA GLY E 99 12.36 -0.64 27.34
C GLY E 99 11.38 -1.78 27.48
N ALA E 100 10.13 -1.49 27.09
CA ALA E 100 9.10 -2.52 27.10
C ALA E 100 9.58 -3.80 26.42
N VAL E 101 10.09 -3.66 25.20
CA VAL E 101 10.45 -4.78 24.32
C VAL E 101 11.74 -5.48 24.76
N PRO E 102 12.87 -4.78 24.90
CA PRO E 102 14.09 -5.50 25.31
C PRO E 102 13.93 -6.21 26.63
N ARG E 103 13.13 -5.66 27.54
CA ARG E 103 12.86 -6.33 28.80
C ARG E 103 12.27 -7.72 28.57
N ALA E 104 11.28 -7.80 27.69
CA ALA E 104 10.61 -9.09 27.46
C ALA E 104 11.55 -10.13 26.86
N ILE E 105 12.60 -9.70 26.17
CA ILE E 105 13.58 -10.65 25.65
C ILE E 105 14.56 -11.08 26.74
N LEU E 106 15.15 -10.10 27.44
CA LEU E 106 16.16 -10.41 28.44
C LEU E 106 15.57 -11.14 29.64
N GLU E 107 14.31 -10.87 29.96
CA GLU E 107 13.67 -11.65 31.01
C GLU E 107 13.64 -13.13 30.67
N LEU E 108 13.35 -13.45 29.39
CA LEU E 108 13.28 -14.84 28.99
C LEU E 108 14.66 -15.43 28.69
N ALA E 109 15.64 -14.60 28.37
CA ALA E 109 17.01 -15.11 28.30
C ALA E 109 17.51 -15.55 29.66
N GLY E 110 16.84 -15.15 30.73
CA GLY E 110 17.29 -15.41 32.08
C GLY E 110 17.98 -14.25 32.75
N VAL E 111 18.37 -13.22 31.99
CA VAL E 111 19.02 -12.06 32.57
C VAL E 111 18.15 -11.48 33.68
N THR E 112 18.71 -11.35 34.88
CA THR E 112 18.00 -10.75 35.99
C THR E 112 18.51 -9.36 36.32
N ASP E 113 19.66 -8.94 35.79
CA ASP E 113 20.20 -7.62 36.07
C ASP E 113 20.96 -7.14 34.84
N ILE E 114 20.51 -6.03 34.26
CA ILE E 114 21.17 -5.43 33.10
C ILE E 114 20.66 -4.00 32.95
N LEU E 115 21.44 -3.18 32.23
CA LEU E 115 21.06 -1.80 31.87
C LEU E 115 20.88 -1.69 30.36
N THR E 116 20.11 -0.68 29.94
CA THR E 116 19.61 -0.63 28.57
C THR E 116 19.37 0.81 28.15
N LYS E 117 19.48 1.07 26.85
CA LYS E 117 18.88 2.28 26.27
C LYS E 117 18.59 2.03 24.81
N GLU E 118 17.31 1.99 24.44
CA GLU E 118 16.95 2.09 23.04
C GLU E 118 17.38 3.46 22.50
N LEU E 119 17.86 3.48 21.26
CA LEU E 119 18.38 4.71 20.67
C LEU E 119 18.01 4.78 19.20
N GLY E 120 17.96 6.01 18.68
CA GLY E 120 17.56 6.20 17.31
C GLY E 120 16.09 5.89 17.14
N SER E 121 15.78 5.12 16.09
CA SER E 121 14.40 4.69 15.89
C SER E 121 13.99 3.69 16.95
N ARG E 122 12.88 3.96 17.62
CA ARG E 122 12.44 3.16 18.76
C ARG E 122 11.48 2.04 18.35
N ASN E 123 11.38 1.75 17.05
CA ASN E 123 10.33 0.87 16.53
C ASN E 123 10.42 -0.53 17.14
N PRO E 124 9.31 -1.08 17.68
CA PRO E 124 9.41 -2.32 18.48
C PRO E 124 9.93 -3.52 17.71
N ILE E 125 9.81 -3.53 16.39
CA ILE E 125 10.34 -4.65 15.62
C ILE E 125 11.86 -4.56 15.54
N ASN E 126 12.36 -3.48 14.94
CA ASN E 126 13.81 -3.35 14.79
C ASN E 126 14.52 -3.37 16.13
N ILE E 127 13.87 -2.89 17.19
CA ILE E 127 14.45 -2.99 18.51
C ILE E 127 14.62 -4.46 18.91
N ALA E 128 13.55 -5.24 18.77
CA ALA E 128 13.61 -6.64 19.15
C ALA E 128 14.67 -7.37 18.33
N TYR E 129 14.66 -7.17 17.00
CA TYR E 129 15.67 -7.76 16.14
C TYR E 129 17.07 -7.36 16.57
N ALA E 130 17.27 -6.08 16.90
CA ALA E 130 18.60 -5.60 17.29
C ALA E 130 19.02 -6.13 18.64
N THR E 131 18.06 -6.36 19.55
CA THR E 131 18.40 -6.97 20.83
C THR E 131 18.86 -8.42 20.64
N MET E 132 18.20 -9.15 19.74
CA MET E 132 18.64 -10.48 19.40
C MET E 132 20.07 -10.48 18.87
N GLU E 133 20.32 -9.68 17.83
CA GLU E 133 21.66 -9.60 17.27
C GLU E 133 22.68 -9.09 18.28
N ALA E 134 22.24 -8.40 19.34
CA ALA E 134 23.14 -8.07 20.43
C ALA E 134 23.59 -9.33 21.16
N LEU E 135 22.65 -10.26 21.38
CA LEU E 135 22.97 -11.47 22.13
C LEU E 135 23.74 -12.47 21.27
N ARG E 136 23.60 -12.39 19.94
CA ARG E 136 24.40 -13.24 19.06
C ARG E 136 25.86 -12.82 19.01
N GLN E 137 26.17 -11.61 19.46
CA GLN E 137 27.54 -11.10 19.45
C GLN E 137 28.23 -11.18 20.80
N LEU E 138 27.51 -11.56 21.85
CA LEU E 138 28.13 -11.70 23.16
C LEU E 138 29.16 -12.83 23.15
N ARG E 139 30.32 -12.58 23.75
CA ARG E 139 31.38 -13.57 23.82
C ARG E 139 31.93 -13.63 25.24
N THR E 140 32.14 -14.86 25.73
CA THR E 140 32.75 -15.10 27.02
C THR E 140 34.27 -15.00 26.93
N LYS E 141 34.91 -14.65 28.04
CA LYS E 141 36.36 -14.69 28.11
C LYS E 141 36.90 -16.02 27.62
N ALA E 142 36.17 -17.11 27.86
CA ALA E 142 36.55 -18.40 27.30
C ALA E 142 36.55 -18.36 25.79
N ASP E 143 35.57 -17.70 25.18
CA ASP E 143 35.44 -17.71 23.73
C ASP E 143 36.56 -16.90 23.08
N VAL E 144 36.86 -15.73 23.63
CA VAL E 144 37.90 -14.89 23.04
C VAL E 144 39.28 -15.47 23.28
N GLU E 145 39.46 -16.19 24.39
CA GLU E 145 40.71 -16.88 24.62
C GLU E 145 40.98 -17.89 23.51
N ARG E 146 39.98 -18.71 23.18
CA ARG E 146 40.17 -19.73 22.17
C ARG E 146 40.21 -19.18 20.76
N LEU E 147 39.85 -17.90 20.58
CA LEU E 147 39.93 -17.29 19.26
C LEU E 147 41.36 -16.86 18.94
N ARG E 148 42.04 -16.23 19.89
CA ARG E 148 43.37 -15.68 19.69
C ARG E 148 44.48 -16.66 20.05
N LYS E 149 44.14 -17.89 20.42
CA LYS E 149 45.17 -18.86 20.78
C LYS E 149 46.08 -19.16 19.60
N GLY E 150 45.49 -19.55 18.47
CA GLY E 150 46.27 -19.86 17.28
C GLY E 150 47.18 -21.07 17.43
N MET F 1 60.90 30.32 -37.23
CA MET F 1 60.14 30.10 -38.46
C MET F 1 59.47 28.75 -38.48
N ARG F 2 58.18 28.74 -38.77
CA ARG F 2 57.45 27.50 -38.99
C ARG F 2 57.23 27.32 -40.49
N ARG F 3 56.77 26.12 -40.86
CA ARG F 3 56.60 25.72 -42.25
C ARG F 3 55.11 25.57 -42.56
N TYR F 4 54.66 26.25 -43.61
CA TYR F 4 53.25 26.34 -44.00
C TYR F 4 53.05 25.81 -45.41
N GLU F 5 51.78 25.74 -45.82
CA GLU F 5 51.39 25.39 -47.17
C GLU F 5 50.38 26.42 -47.66
N VAL F 6 50.69 27.06 -48.78
CA VAL F 6 49.91 28.16 -49.34
C VAL F 6 49.10 27.64 -50.53
N ASN F 7 47.79 27.84 -50.49
CA ASN F 7 46.89 27.45 -51.57
C ASN F 7 46.27 28.70 -52.19
N ILE F 8 46.47 28.88 -53.49
CA ILE F 8 46.00 30.06 -54.21
C ILE F 8 45.24 29.61 -55.46
N VAL F 9 43.97 29.99 -55.55
CA VAL F 9 43.12 29.67 -56.69
C VAL F 9 42.77 30.99 -57.37
N LEU F 10 43.06 31.09 -58.66
CA LEU F 10 42.78 32.31 -59.40
C LEU F 10 41.98 32.00 -60.66
N ASN F 11 41.49 33.07 -61.27
CA ASN F 11 40.53 33.01 -62.36
C ASN F 11 41.11 32.31 -63.58
N PRO F 12 40.48 31.23 -64.07
CA PRO F 12 41.09 30.46 -65.16
C PRO F 12 40.78 31.01 -66.55
N ASN F 13 40.87 32.31 -66.74
CA ASN F 13 40.62 32.94 -68.03
C ASN F 13 41.80 33.79 -68.48
N LEU F 14 42.94 33.72 -67.79
CA LEU F 14 44.05 34.61 -68.05
C LEU F 14 44.86 34.14 -69.25
N ASP F 15 45.31 35.10 -70.07
CA ASP F 15 46.32 34.80 -71.07
C ASP F 15 47.67 34.77 -70.37
N GLN F 16 48.76 34.75 -71.13
CA GLN F 16 50.07 34.63 -70.50
C GLN F 16 50.54 35.94 -69.90
N SER F 17 50.24 37.07 -70.53
CA SER F 17 50.65 38.37 -70.00
C SER F 17 50.14 38.58 -68.59
N GLN F 18 48.91 38.15 -68.31
CA GLN F 18 48.28 38.30 -66.99
C GLN F 18 48.63 37.16 -66.04
N LEU F 19 48.84 35.95 -66.56
CA LEU F 19 49.22 34.83 -65.70
C LEU F 19 50.60 35.04 -65.12
N ALA F 20 51.56 35.49 -65.94
CA ALA F 20 52.88 35.81 -65.43
C ALA F 20 52.82 36.93 -64.40
N LEU F 21 52.10 38.01 -64.74
CA LEU F 21 51.98 39.14 -63.83
C LEU F 21 51.40 38.72 -62.49
N GLU F 22 50.32 37.93 -62.52
CA GLU F 22 49.66 37.53 -61.28
C GLU F 22 50.57 36.67 -60.41
N LYS F 23 51.40 35.83 -61.03
CA LYS F 23 52.26 34.94 -60.24
C LYS F 23 53.56 35.62 -59.84
N GLU F 24 54.16 36.40 -60.74
CA GLU F 24 55.29 37.23 -60.33
C GLU F 24 54.87 38.35 -59.38
N ILE F 25 53.56 38.55 -59.20
CA ILE F 25 53.06 39.36 -58.09
C ILE F 25 53.05 38.55 -56.80
N ILE F 26 52.69 37.27 -56.90
CA ILE F 26 52.73 36.38 -55.73
C ILE F 26 54.15 36.16 -55.26
N GLN F 27 55.12 36.11 -56.20
CA GLN F 27 56.52 36.11 -55.81
C GLN F 27 56.87 37.38 -55.03
N ARG F 28 56.51 38.55 -55.59
CA ARG F 28 56.88 39.83 -54.98
C ARG F 28 56.29 39.97 -53.57
N ALA F 29 55.05 39.50 -53.39
CA ALA F 29 54.44 39.57 -52.06
C ALA F 29 55.13 38.63 -51.08
N LEU F 30 55.54 37.44 -51.54
CA LEU F 30 56.24 36.51 -50.66
C LEU F 30 57.60 37.04 -50.24
N GLU F 31 58.32 37.65 -51.17
CA GLU F 31 59.63 38.22 -50.85
C GLU F 31 59.52 39.22 -49.71
N ASN F 32 58.57 40.14 -49.79
CA ASN F 32 58.44 41.19 -48.80
C ASN F 32 58.05 40.66 -47.43
N TYR F 33 57.52 39.44 -47.35
CA TYR F 33 57.10 38.86 -46.09
C TYR F 33 58.03 37.75 -45.60
N GLY F 34 59.11 37.46 -46.32
CA GLY F 34 60.15 36.57 -45.83
C GLY F 34 59.83 35.09 -45.93
N ALA F 35 59.37 34.64 -47.09
CA ALA F 35 58.97 33.26 -47.31
C ALA F 35 60.01 32.59 -48.21
N ARG F 36 60.84 31.73 -47.61
CA ARG F 36 61.69 30.84 -48.39
C ARG F 36 60.84 29.70 -48.93
N VAL F 37 60.92 29.46 -50.23
CA VAL F 37 60.06 28.50 -50.90
C VAL F 37 60.75 27.15 -50.96
N GLU F 38 60.12 26.13 -50.39
CA GLU F 38 60.73 24.82 -50.35
C GLU F 38 60.37 23.96 -51.55
N LYS F 39 59.11 24.01 -51.99
CA LYS F 39 58.72 23.34 -53.23
C LYS F 39 57.38 23.87 -53.68
N VAL F 40 57.09 23.66 -54.98
CA VAL F 40 55.91 24.19 -55.65
C VAL F 40 55.25 23.08 -56.44
N GLU F 41 53.91 23.08 -56.43
CA GLU F 41 53.10 22.19 -57.27
C GLU F 41 52.01 23.01 -57.94
N GLU F 42 52.07 23.08 -59.27
CA GLU F 42 51.12 23.89 -60.04
C GLU F 42 50.19 22.95 -60.79
N LEU F 43 48.97 22.81 -60.28
CA LEU F 43 48.01 21.89 -60.89
C LEU F 43 47.25 22.53 -62.05
N GLY F 44 46.81 23.77 -61.89
CA GLY F 44 46.14 24.46 -62.96
C GLY F 44 44.65 24.23 -63.04
N LEU F 45 44.13 24.12 -64.27
CA LEU F 45 42.69 24.00 -64.48
C LEU F 45 42.15 22.75 -63.80
N ARG F 46 41.17 22.95 -62.92
CA ARG F 46 40.55 21.86 -62.19
C ARG F 46 39.06 22.14 -62.07
N ARG F 47 38.25 21.13 -62.36
CA ARG F 47 36.80 21.28 -62.24
C ARG F 47 36.44 21.52 -60.78
N LEU F 48 35.77 22.62 -60.50
CA LEU F 48 35.38 22.93 -59.15
C LEU F 48 34.07 22.21 -58.79
N ALA F 49 33.88 22.01 -57.49
CA ALA F 49 32.70 21.32 -56.98
C ALA F 49 31.46 22.19 -56.99
N TYR F 50 31.63 23.51 -56.97
CA TYR F 50 30.53 24.45 -57.00
C TYR F 50 31.02 25.71 -57.68
N PRO F 51 30.13 26.50 -58.28
CA PRO F 51 30.56 27.74 -58.93
C PRO F 51 31.23 28.69 -57.94
N ILE F 52 32.42 29.17 -58.32
CA ILE F 52 33.14 30.20 -57.56
C ILE F 52 33.28 31.41 -58.49
N ALA F 53 32.76 32.55 -58.04
CA ALA F 53 32.80 33.79 -58.82
C ALA F 53 32.16 33.60 -60.19
N LYS F 54 31.06 32.85 -60.22
CA LYS F 54 30.26 32.49 -61.40
C LYS F 54 31.01 31.60 -62.38
N ASP F 55 32.25 31.18 -62.05
CA ASP F 55 33.13 30.42 -62.91
C ASP F 55 33.19 28.98 -62.46
N PRO F 56 32.91 28.03 -63.36
CA PRO F 56 32.82 26.61 -62.97
C PRO F 56 34.15 25.92 -62.75
N GLN F 57 35.28 26.60 -62.95
CA GLN F 57 36.61 26.03 -62.76
C GLN F 57 37.49 26.99 -61.97
N GLY F 58 38.72 26.57 -61.73
CA GLY F 58 39.69 27.40 -61.02
C GLY F 58 41.09 26.92 -61.31
N TYR F 59 42.03 27.86 -61.26
CA TYR F 59 43.44 27.57 -61.51
C TYR F 59 44.16 27.46 -60.18
N PHE F 60 44.83 26.33 -59.96
CA PHE F 60 45.29 25.93 -58.64
C PHE F 60 46.80 26.06 -58.49
N LEU F 61 47.23 26.67 -57.39
CA LEU F 61 48.63 26.80 -57.00
C LEU F 61 48.81 26.27 -55.58
N TRP F 62 50.00 25.75 -55.31
CA TRP F 62 50.34 25.23 -54.00
C TRP F 62 51.83 25.51 -53.73
N TYR F 63 52.10 26.19 -52.63
CA TYR F 63 53.47 26.49 -52.23
C TYR F 63 53.72 25.92 -50.84
N GLN F 64 54.91 25.36 -50.64
CA GLN F 64 55.39 25.00 -49.31
C GLN F 64 56.53 25.94 -48.96
N VAL F 65 56.38 26.66 -47.85
CA VAL F 65 57.32 27.71 -47.48
C VAL F 65 57.71 27.56 -46.00
N GLU F 66 58.71 28.35 -45.62
CA GLU F 66 59.11 28.53 -44.23
C GLU F 66 59.28 30.03 -44.02
N MET F 67 58.57 30.59 -43.06
CA MET F 67 58.55 32.03 -42.87
C MET F 67 58.32 32.33 -41.40
N PRO F 68 58.61 33.56 -40.96
CA PRO F 68 58.25 33.95 -39.59
C PRO F 68 56.75 33.93 -39.38
N GLU F 69 56.33 33.45 -38.21
CA GLU F 69 54.92 33.19 -37.98
C GLU F 69 54.13 34.48 -37.81
N ASP F 70 54.73 35.50 -37.20
CA ASP F 70 54.02 36.74 -36.89
C ASP F 70 53.47 37.44 -38.13
N ARG F 71 53.96 37.11 -39.32
CA ARG F 71 53.67 37.83 -40.54
C ARG F 71 52.64 37.15 -41.43
N VAL F 72 52.09 36.02 -41.01
CA VAL F 72 51.31 35.18 -41.90
C VAL F 72 50.00 35.87 -42.29
N ASN F 73 49.26 36.36 -41.32
CA ASN F 73 47.94 36.91 -41.63
C ASN F 73 48.04 38.17 -42.50
N ASP F 74 49.11 38.95 -42.33
CA ASP F 74 49.35 40.08 -43.23
C ASP F 74 49.77 39.62 -44.62
N LEU F 75 50.21 38.37 -44.75
CA LEU F 75 50.49 37.80 -46.07
C LEU F 75 49.20 37.35 -46.76
N ALA F 76 48.27 36.77 -45.99
CA ALA F 76 46.94 36.50 -46.52
C ALA F 76 46.26 37.79 -46.96
N ARG F 77 46.33 38.82 -46.12
CA ARG F 77 45.77 40.11 -46.48
C ARG F 77 46.34 40.64 -47.77
N GLU F 78 47.61 40.34 -48.05
CA GLU F 78 48.27 40.89 -49.24
C GLU F 78 47.96 40.10 -50.50
N LEU F 79 47.60 38.82 -50.37
CA LEU F 79 47.30 38.03 -51.56
C LEU F 79 45.86 38.22 -52.04
N ARG F 80 44.91 38.34 -51.11
CA ARG F 80 43.52 38.52 -51.50
C ARG F 80 43.24 39.89 -52.10
N ILE F 81 44.21 40.80 -52.09
CA ILE F 81 44.02 42.13 -52.67
C ILE F 81 43.69 42.02 -54.15
N ARG F 82 44.39 41.13 -54.85
CA ARG F 82 44.24 41.04 -56.29
C ARG F 82 42.84 40.59 -56.67
N ASP F 83 42.25 41.28 -57.64
CA ASP F 83 40.93 40.89 -58.14
C ASP F 83 40.96 39.45 -58.62
N ASN F 84 41.99 39.09 -59.39
CA ASN F 84 42.05 37.75 -59.97
C ASN F 84 42.25 36.68 -58.90
N VAL F 85 42.85 37.03 -57.77
CA VAL F 85 43.00 36.08 -56.68
C VAL F 85 41.66 35.89 -56.00
N ARG F 86 41.22 34.64 -55.90
CA ARG F 86 39.89 34.30 -55.40
C ARG F 86 39.93 33.56 -54.07
N ARG F 87 40.78 32.54 -53.97
CA ARG F 87 40.95 31.77 -52.74
C ARG F 87 42.40 31.84 -52.28
N VAL F 88 42.58 32.26 -51.04
CA VAL F 88 43.87 32.13 -50.35
C VAL F 88 43.59 31.33 -49.09
N MET F 89 44.14 30.12 -49.01
CA MET F 89 44.06 29.32 -47.80
C MET F 89 45.45 28.84 -47.42
N VAL F 90 45.93 29.28 -46.26
CA VAL F 90 47.27 28.99 -45.78
C VAL F 90 47.18 28.07 -44.58
N VAL F 91 47.81 26.90 -44.68
CA VAL F 91 47.75 25.89 -43.63
C VAL F 91 49.15 25.64 -43.12
N LYS F 92 49.28 25.48 -41.80
CA LYS F 92 50.52 25.03 -41.22
C LYS F 92 50.78 23.57 -41.63
N SER F 93 51.98 23.30 -42.14
CA SER F 93 52.33 21.97 -42.60
C SER F 93 52.19 20.94 -41.47
N GLN F 94 51.70 19.75 -41.82
CA GLN F 94 51.56 18.65 -40.88
C GLN F 94 52.17 17.38 -41.46
N GLU F 95 52.47 16.43 -40.57
CA GLU F 95 52.96 15.14 -40.99
C GLU F 95 51.87 14.38 -41.73
N PRO F 96 52.21 13.58 -42.74
CA PRO F 96 51.18 12.87 -43.50
C PRO F 96 50.58 11.69 -42.75
N PHE F 97 49.58 11.95 -41.91
CA PHE F 97 48.94 10.91 -41.13
C PHE F 97 48.31 9.84 -42.03
N LEU F 98 48.87 8.62 -41.99
CA LEU F 98 48.38 7.49 -42.78
C LEU F 98 47.22 6.80 -42.09
N ALA F 99 46.40 6.13 -42.90
CA ALA F 99 45.36 5.26 -42.38
C ALA F 99 45.27 4.05 -43.31
N ASN F 100 44.74 2.96 -42.77
CA ASN F 100 44.69 1.68 -43.49
C ASN F 100 46.09 1.24 -43.90
N ALA F 101 47.10 1.64 -43.12
CA ALA F 101 48.49 1.39 -43.44
C ALA F 101 48.87 -0.07 -43.17
N ALA G 1 -19.65 -8.47 -33.99
CA ALA G 1 -18.62 -9.48 -34.21
C ALA G 1 -17.21 -9.05 -33.80
N ARG G 2 -16.93 -9.02 -32.50
CA ARG G 2 -15.57 -8.70 -32.07
C ARG G 2 -14.63 -9.88 -32.26
N ARG G 3 -15.11 -11.09 -31.98
CA ARG G 3 -14.25 -12.27 -32.04
C ARG G 3 -14.06 -12.75 -33.47
N ARG G 4 -15.14 -13.18 -34.11
CA ARG G 4 -15.07 -14.02 -35.30
C ARG G 4 -15.39 -13.22 -36.55
N ARG G 5 -15.34 -13.92 -37.68
CA ARG G 5 -15.72 -13.32 -38.94
C ARG G 5 -17.22 -13.25 -39.11
N ALA G 6 -17.98 -13.98 -38.30
CA ALA G 6 -19.44 -13.98 -38.38
C ALA G 6 -19.91 -14.32 -39.80
N GLU G 7 -19.64 -15.58 -40.18
CA GLU G 7 -19.87 -16.08 -41.54
C GLU G 7 -21.26 -15.78 -42.05
N VAL G 8 -21.42 -15.86 -43.38
CA VAL G 8 -22.65 -15.49 -44.07
C VAL G 8 -23.72 -16.54 -43.82
N ARG G 9 -24.96 -16.09 -43.71
CA ARG G 9 -26.08 -17.01 -43.76
C ARG G 9 -26.22 -17.57 -45.17
N GLN G 10 -26.38 -18.88 -45.27
CA GLN G 10 -26.56 -19.53 -46.57
C GLN G 10 -28.06 -19.72 -46.77
N LEU G 11 -28.61 -19.04 -47.77
CA LEU G 11 -30.03 -19.11 -48.03
C LEU G 11 -30.37 -20.37 -48.83
N GLN G 12 -31.62 -20.85 -48.66
CA GLN G 12 -32.12 -22.00 -49.38
C GLN G 12 -32.44 -21.61 -50.82
N PRO G 13 -32.16 -22.49 -51.79
CA PRO G 13 -32.47 -22.17 -53.18
C PRO G 13 -33.94 -21.88 -53.36
N ASP G 14 -34.22 -21.00 -54.33
CA ASP G 14 -35.61 -20.70 -54.65
C ASP G 14 -36.37 -21.97 -54.94
N LEU G 15 -37.61 -22.02 -54.45
CA LEU G 15 -38.45 -23.19 -54.72
C LEU G 15 -38.80 -23.29 -56.19
N VAL G 16 -38.68 -22.21 -56.95
CA VAL G 16 -39.10 -22.15 -58.34
C VAL G 16 -37.89 -22.09 -59.28
N TYR G 17 -37.05 -21.09 -59.11
CA TYR G 17 -35.89 -20.89 -59.97
C TYR G 17 -34.64 -21.57 -59.45
N GLY G 18 -34.73 -22.27 -58.32
CA GLY G 18 -33.55 -22.89 -57.72
C GLY G 18 -32.45 -21.91 -57.41
N ASP G 19 -32.79 -20.64 -57.25
CA ASP G 19 -31.82 -19.56 -57.18
C ASP G 19 -31.86 -18.93 -55.79
N VAL G 20 -30.69 -18.84 -55.15
CA VAL G 20 -30.63 -18.29 -53.81
C VAL G 20 -30.91 -16.79 -53.79
N LEU G 21 -30.52 -16.07 -54.86
CA LEU G 21 -30.78 -14.64 -54.90
C LEU G 21 -32.27 -14.34 -54.91
N VAL G 22 -33.08 -15.23 -55.48
CA VAL G 22 -34.52 -15.08 -55.43
C VAL G 22 -35.00 -15.11 -53.99
N THR G 23 -34.69 -16.19 -53.27
CA THR G 23 -35.11 -16.33 -51.87
C THR G 23 -34.67 -15.12 -51.05
N ALA G 24 -33.43 -14.67 -51.23
CA ALA G 24 -32.94 -13.50 -50.50
C ALA G 24 -33.79 -12.28 -50.81
N PHE G 25 -34.22 -12.13 -52.06
CA PHE G 25 -35.11 -11.03 -52.40
C PHE G 25 -36.50 -11.23 -51.79
N ILE G 26 -37.03 -12.46 -51.84
CA ILE G 26 -38.32 -12.74 -51.24
C ILE G 26 -38.30 -12.38 -49.76
N ASN G 27 -37.18 -12.65 -49.09
CA ASN G 27 -37.09 -12.39 -47.66
C ASN G 27 -37.19 -10.89 -47.35
N LYS G 28 -36.51 -10.06 -48.14
CA LYS G 28 -36.60 -8.62 -47.93
C LYS G 28 -38.03 -8.11 -48.12
N ILE G 29 -38.82 -8.80 -48.94
CA ILE G 29 -40.23 -8.44 -49.09
C ILE G 29 -41.03 -8.86 -47.86
N MET G 30 -40.72 -10.05 -47.33
CA MET G 30 -41.47 -10.60 -46.21
C MET G 30 -41.44 -9.66 -45.03
N ARG G 31 -42.62 -9.35 -44.51
CA ARG G 31 -42.74 -8.59 -43.28
C ARG G 31 -43.59 -9.38 -42.29
N ASP G 32 -43.33 -9.17 -41.01
CA ASP G 32 -44.04 -9.79 -39.90
C ASP G 32 -43.96 -11.32 -39.95
N GLY G 33 -43.00 -11.86 -40.69
CA GLY G 33 -42.81 -13.30 -40.75
C GLY G 33 -43.75 -14.03 -41.69
N LYS G 34 -44.29 -13.34 -42.69
CA LYS G 34 -45.14 -13.94 -43.71
C LYS G 34 -44.29 -14.19 -44.95
N LYS G 35 -43.64 -15.36 -44.99
CA LYS G 35 -42.92 -15.73 -46.21
C LYS G 35 -43.89 -16.18 -47.30
N ASN G 36 -45.01 -16.78 -46.90
CA ASN G 36 -46.00 -17.23 -47.86
C ASN G 36 -46.55 -16.07 -48.68
N LEU G 37 -46.97 -15.00 -48.00
CA LEU G 37 -47.48 -13.85 -48.72
C LEU G 37 -46.40 -13.21 -49.59
N ALA G 38 -45.17 -13.11 -49.06
CA ALA G 38 -44.10 -12.44 -49.80
C ALA G 38 -43.76 -13.16 -51.09
N ALA G 39 -43.84 -14.50 -51.10
CA ALA G 39 -43.60 -15.22 -52.34
C ALA G 39 -44.72 -14.98 -53.34
N ARG G 40 -45.98 -15.11 -52.90
CA ARG G 40 -47.11 -14.86 -53.78
C ARG G 40 -47.07 -13.44 -54.35
N ILE G 41 -46.50 -12.49 -53.61
CA ILE G 41 -46.24 -11.17 -54.18
C ILE G 41 -45.22 -11.28 -55.31
N PHE G 42 -44.08 -11.91 -55.01
CA PHE G 42 -42.98 -11.95 -55.96
C PHE G 42 -43.35 -12.75 -57.21
N TYR G 43 -43.99 -13.90 -57.01
CA TYR G 43 -44.29 -14.76 -58.15
C TYR G 43 -45.42 -14.20 -58.99
N ASP G 44 -46.41 -13.59 -58.36
CA ASP G 44 -47.45 -12.91 -59.14
C ASP G 44 -46.91 -11.66 -59.81
N ALA G 45 -45.78 -11.14 -59.34
CA ALA G 45 -45.10 -10.08 -60.07
C ALA G 45 -44.29 -10.64 -61.23
N CYS G 46 -43.82 -11.88 -61.13
CA CYS G 46 -43.11 -12.51 -62.24
C CYS G 46 -44.01 -12.69 -63.45
N LYS G 47 -45.32 -12.82 -63.23
CA LYS G 47 -46.27 -12.92 -64.33
C LYS G 47 -46.50 -11.56 -64.98
N ILE G 48 -46.46 -10.49 -64.19
CA ILE G 48 -46.63 -9.14 -64.74
C ILE G 48 -45.48 -8.82 -65.69
N ILE G 49 -44.25 -9.08 -65.23
CA ILE G 49 -43.08 -8.70 -66.00
C ILE G 49 -42.94 -9.58 -67.24
N GLN G 50 -43.45 -10.82 -67.20
CA GLN G 50 -43.33 -11.73 -68.32
C GLN G 50 -44.47 -11.59 -69.33
N GLU G 51 -45.61 -11.02 -68.93
CA GLU G 51 -46.67 -10.73 -69.88
C GLU G 51 -46.49 -9.35 -70.50
N LYS G 52 -46.41 -8.32 -69.65
CA LYS G 52 -46.19 -6.96 -70.12
C LYS G 52 -44.83 -6.79 -70.79
N THR G 53 -44.00 -7.82 -70.81
CA THR G 53 -42.75 -7.84 -71.55
C THR G 53 -42.47 -9.29 -71.93
N GLY G 54 -42.15 -9.54 -73.19
CA GLY G 54 -42.00 -10.91 -73.64
C GLY G 54 -40.71 -11.57 -73.24
N GLN G 55 -40.16 -11.19 -72.09
CA GLN G 55 -38.82 -11.60 -71.68
C GLN G 55 -38.86 -12.36 -70.36
N GLU G 56 -37.92 -13.29 -70.19
CA GLU G 56 -37.86 -14.14 -69.01
C GLU G 56 -37.64 -13.31 -67.76
N PRO G 57 -38.51 -13.42 -66.75
CA PRO G 57 -38.32 -12.62 -65.53
C PRO G 57 -37.04 -12.96 -64.79
N LEU G 58 -36.53 -14.19 -64.97
CA LEU G 58 -35.26 -14.56 -64.35
C LEU G 58 -34.16 -13.60 -64.74
N LYS G 59 -33.95 -13.43 -66.05
CA LYS G 59 -32.86 -12.57 -66.52
C LYS G 59 -33.12 -11.09 -66.25
N VAL G 60 -34.39 -10.70 -66.10
CA VAL G 60 -34.65 -9.30 -65.78
C VAL G 60 -34.37 -9.02 -64.31
N PHE G 61 -34.78 -9.94 -63.43
CA PHE G 61 -34.47 -9.78 -62.01
C PHE G 61 -32.97 -9.65 -61.78
N LYS G 62 -32.18 -10.52 -62.44
CA LYS G 62 -30.73 -10.42 -62.38
C LYS G 62 -30.25 -9.07 -62.93
N GLN G 63 -30.75 -8.70 -64.12
CA GLN G 63 -30.30 -7.47 -64.77
C GLN G 63 -30.69 -6.24 -63.97
N ALA G 64 -31.82 -6.29 -63.25
CA ALA G 64 -32.21 -5.14 -62.44
C ALA G 64 -31.31 -5.01 -61.22
N VAL G 65 -31.03 -6.13 -60.54
CA VAL G 65 -30.14 -6.11 -59.38
C VAL G 65 -28.76 -5.60 -59.78
N GLU G 66 -28.26 -6.00 -60.95
CA GLU G 66 -26.93 -5.58 -61.35
C GLU G 66 -26.83 -4.07 -61.54
N ASN G 67 -27.87 -3.46 -62.11
CA ASN G 67 -27.82 -2.03 -62.38
C ASN G 67 -27.95 -1.18 -61.12
N VAL G 68 -28.33 -1.78 -59.99
CA VAL G 68 -28.46 -1.05 -58.73
C VAL G 68 -27.27 -1.28 -57.80
N LYS G 69 -26.33 -2.14 -58.18
CA LYS G 69 -25.17 -2.43 -57.35
C LYS G 69 -24.20 -1.25 -57.34
N PRO G 70 -23.92 -0.66 -56.19
CA PRO G 70 -22.98 0.47 -56.15
C PRO G 70 -21.55 -0.04 -56.06
N ARG G 71 -20.68 0.57 -56.85
CA ARG G 71 -19.28 0.19 -56.79
C ARG G 71 -18.54 0.91 -55.65
N MET G 72 -19.07 2.04 -55.17
CA MET G 72 -18.46 2.77 -54.06
C MET G 72 -19.54 3.47 -53.26
N GLU G 73 -19.23 3.75 -52.00
CA GLU G 73 -20.12 4.46 -51.08
C GLU G 73 -19.29 5.33 -50.16
N VAL G 74 -19.97 6.06 -49.28
CA VAL G 74 -19.32 6.99 -48.36
C VAL G 74 -19.54 6.53 -46.92
N ARG G 75 -18.49 6.59 -46.12
CA ARG G 75 -18.55 6.27 -44.69
C ARG G 75 -17.95 7.40 -43.88
N SER G 76 -18.41 7.51 -42.64
CA SER G 76 -17.89 8.51 -41.70
C SER G 76 -16.67 7.97 -40.98
N ARG G 77 -15.80 8.88 -40.58
CA ARG G 77 -14.62 8.54 -39.79
C ARG G 77 -14.28 9.71 -38.89
N ARG G 78 -14.22 9.45 -37.59
CA ARG G 78 -13.95 10.50 -36.60
C ARG G 78 -12.50 10.95 -36.74
N VAL G 79 -12.30 12.20 -37.17
CA VAL G 79 -10.95 12.72 -37.41
C VAL G 79 -10.90 14.19 -36.98
N GLY G 80 -10.01 14.50 -36.05
CA GLY G 80 -9.70 15.87 -35.64
C GLY G 80 -10.88 16.74 -35.32
N GLY G 81 -11.70 16.33 -34.36
CA GLY G 81 -12.96 17.02 -34.09
C GLY G 81 -14.10 16.36 -34.84
N ALA G 82 -14.83 17.16 -35.63
CA ALA G 82 -15.92 16.61 -36.42
C ALA G 82 -15.40 15.67 -37.50
N ASN G 83 -16.23 14.67 -37.82
CA ASN G 83 -15.83 13.58 -38.71
C ASN G 83 -15.95 14.01 -40.17
N TYR G 84 -15.69 13.05 -41.07
CA TYR G 84 -15.67 13.30 -42.50
C TYR G 84 -16.37 12.18 -43.26
N GLN G 85 -17.04 12.56 -44.35
CA GLN G 85 -17.62 11.61 -45.28
C GLN G 85 -16.51 11.06 -46.17
N VAL G 86 -16.16 9.79 -45.99
CA VAL G 86 -14.98 9.19 -46.60
C VAL G 86 -15.43 8.18 -47.65
N PRO G 87 -15.04 8.34 -48.90
CA PRO G 87 -15.39 7.36 -49.92
C PRO G 87 -14.50 6.12 -49.85
N MET G 88 -15.11 4.99 -50.17
CA MET G 88 -14.38 3.72 -50.29
C MET G 88 -15.24 2.75 -51.07
N GLU G 89 -14.65 1.59 -51.38
CA GLU G 89 -15.33 0.61 -52.21
C GLU G 89 -16.45 -0.08 -51.44
N VAL G 90 -17.10 -1.02 -52.11
CA VAL G 90 -18.15 -1.82 -51.50
C VAL G 90 -17.80 -3.28 -51.73
N SER G 91 -17.60 -4.01 -50.64
CA SER G 91 -17.40 -5.44 -50.74
C SER G 91 -18.57 -6.05 -51.53
N PRO G 92 -18.32 -7.06 -52.37
CA PRO G 92 -19.40 -7.61 -53.19
C PRO G 92 -20.56 -8.20 -52.38
N ARG G 93 -20.36 -8.53 -51.11
CA ARG G 93 -21.48 -8.94 -50.27
C ARG G 93 -22.40 -7.76 -49.97
N ARG G 94 -21.82 -6.58 -49.74
CA ARG G 94 -22.65 -5.42 -49.44
C ARG G 94 -23.36 -4.90 -50.68
N GLN G 95 -22.73 -4.98 -51.86
CA GLN G 95 -23.42 -4.65 -53.11
C GLN G 95 -24.72 -5.46 -53.23
N GLN G 96 -24.70 -6.70 -52.75
CA GLN G 96 -25.89 -7.55 -52.76
C GLN G 96 -26.98 -6.97 -51.86
N SER G 97 -26.64 -6.76 -50.57
CA SER G 97 -27.66 -6.36 -49.60
C SER G 97 -28.29 -5.03 -49.98
N LEU G 98 -27.46 -4.05 -50.35
CA LEU G 98 -27.97 -2.72 -50.68
C LEU G 98 -28.90 -2.76 -51.89
N ALA G 99 -28.42 -3.34 -53.00
CA ALA G 99 -29.21 -3.33 -54.23
C ALA G 99 -30.54 -4.04 -54.02
N LEU G 100 -30.54 -5.15 -53.28
CA LEU G 100 -31.79 -5.86 -53.02
C LEU G 100 -32.72 -5.04 -52.16
N ARG G 101 -32.23 -4.52 -51.03
CA ARG G 101 -33.07 -3.70 -50.16
C ARG G 101 -33.55 -2.45 -50.89
N TRP G 102 -32.73 -1.91 -51.78
CA TRP G 102 -33.10 -0.68 -52.48
C TRP G 102 -34.25 -0.94 -53.45
N LEU G 103 -34.24 -2.06 -54.16
CA LEU G 103 -35.36 -2.40 -55.03
C LEU G 103 -36.67 -2.40 -54.26
N VAL G 104 -36.68 -3.05 -53.09
CA VAL G 104 -37.93 -3.25 -52.36
C VAL G 104 -38.41 -1.94 -51.75
N GLN G 105 -37.50 -1.19 -51.12
CA GLN G 105 -37.91 0.07 -50.49
C GLN G 105 -38.35 1.10 -51.53
N ALA G 106 -37.84 0.98 -52.77
CA ALA G 106 -38.27 1.86 -53.84
C ALA G 106 -39.68 1.52 -54.30
N ALA G 107 -39.94 0.22 -54.51
CA ALA G 107 -41.23 -0.20 -55.05
C ALA G 107 -42.38 0.20 -54.14
N ASN G 108 -42.16 0.19 -52.82
CA ASN G 108 -43.23 0.61 -51.93
C ASN G 108 -43.43 2.12 -51.92
N GLN G 109 -42.45 2.86 -52.44
CA GLN G 109 -42.62 4.29 -52.68
C GLN G 109 -43.34 4.58 -53.99
N ARG G 110 -43.77 3.55 -54.71
CA ARG G 110 -44.37 3.72 -56.03
C ARG G 110 -45.85 4.09 -55.93
N PRO G 111 -46.42 4.59 -57.04
CA PRO G 111 -47.85 4.94 -57.04
C PRO G 111 -48.80 3.76 -57.21
N GLU G 112 -48.33 2.60 -57.66
CA GLU G 112 -49.22 1.51 -58.05
C GLU G 112 -49.96 0.93 -56.85
N ARG G 113 -51.17 0.42 -57.11
CA ARG G 113 -52.07 0.01 -56.05
C ARG G 113 -51.64 -1.31 -55.41
N ARG G 114 -51.59 -2.37 -56.21
CA ARG G 114 -51.30 -3.70 -55.67
C ARG G 114 -49.79 -3.91 -55.57
N ALA G 115 -49.41 -4.84 -54.68
CA ALA G 115 -48.00 -5.02 -54.34
C ALA G 115 -47.19 -5.50 -55.55
N ALA G 116 -47.60 -6.63 -56.14
CA ALA G 116 -46.81 -7.22 -57.21
C ALA G 116 -46.67 -6.30 -58.41
N VAL G 117 -47.62 -5.37 -58.60
CA VAL G 117 -47.52 -4.41 -59.71
C VAL G 117 -46.33 -3.49 -59.49
N ARG G 118 -46.18 -2.98 -58.26
CA ARG G 118 -45.07 -2.09 -57.96
C ARG G 118 -43.73 -2.79 -58.14
N ILE G 119 -43.61 -4.01 -57.62
CA ILE G 119 -42.39 -4.79 -57.75
C ILE G 119 -42.00 -4.94 -59.21
N ALA G 120 -42.91 -5.53 -60.01
CA ALA G 120 -42.61 -5.81 -61.41
C ALA G 120 -42.32 -4.53 -62.18
N HIS G 121 -43.04 -3.45 -61.89
CA HIS G 121 -42.78 -2.19 -62.57
C HIS G 121 -41.43 -1.61 -62.17
N GLU G 122 -41.12 -1.61 -60.87
CA GLU G 122 -39.82 -1.14 -60.42
C GLU G 122 -38.70 -1.99 -61.01
N LEU G 123 -38.84 -3.33 -60.91
CA LEU G 123 -37.89 -4.22 -61.55
C LEU G 123 -37.69 -3.89 -63.02
N MET G 124 -38.80 -3.76 -63.77
CA MET G 124 -38.70 -3.48 -65.19
C MET G 124 -37.95 -2.17 -65.45
N ASP G 125 -38.25 -1.13 -64.67
CA ASP G 125 -37.53 0.12 -64.82
C ASP G 125 -36.08 -0.01 -64.39
N ALA G 126 -35.84 -0.77 -63.31
CA ALA G 126 -34.49 -0.87 -62.78
C ALA G 126 -33.53 -1.52 -63.78
N ALA G 127 -33.97 -2.60 -64.42
CA ALA G 127 -33.13 -3.19 -65.47
C ALA G 127 -32.92 -2.21 -66.61
N GLU G 128 -33.93 -1.41 -66.93
CA GLU G 128 -33.81 -0.44 -68.01
C GLU G 128 -32.90 0.72 -67.67
N GLY G 129 -32.48 0.86 -66.42
CA GLY G 129 -31.59 1.93 -66.02
C GLY G 129 -32.26 3.13 -65.40
N LYS G 130 -33.56 3.06 -65.15
CA LYS G 130 -34.28 4.16 -64.53
C LYS G 130 -35.00 3.69 -63.28
N GLY G 131 -35.92 4.50 -62.78
CA GLY G 131 -36.67 4.14 -61.60
C GLY G 131 -35.92 4.48 -60.32
N GLY G 132 -36.69 4.60 -59.24
CA GLY G 132 -36.15 5.14 -58.00
C GLY G 132 -34.94 4.41 -57.46
N ALA G 133 -34.87 3.10 -57.67
CA ALA G 133 -33.78 2.31 -57.10
C ALA G 133 -32.44 2.70 -57.72
N VAL G 134 -32.39 2.84 -59.04
CA VAL G 134 -31.16 3.22 -59.71
C VAL G 134 -30.74 4.64 -59.35
N LYS G 135 -31.67 5.48 -58.86
CA LYS G 135 -31.30 6.81 -58.43
C LYS G 135 -30.55 6.78 -57.11
N LYS G 136 -30.99 5.93 -56.17
CA LYS G 136 -30.23 5.77 -54.92
C LYS G 136 -28.82 5.29 -55.21
N LYS G 137 -28.67 4.35 -56.16
CA LYS G 137 -27.34 3.89 -56.54
C LYS G 137 -26.55 5.00 -57.24
N GLU G 138 -27.18 5.71 -58.18
CA GLU G 138 -26.48 6.78 -58.88
C GLU G 138 -26.20 7.96 -57.96
N ASP G 139 -26.94 8.10 -56.85
CA ASP G 139 -26.71 9.18 -55.91
C ASP G 139 -25.61 8.83 -54.91
N VAL G 140 -25.48 7.56 -54.57
CA VAL G 140 -24.41 7.14 -53.66
C VAL G 140 -23.04 7.35 -54.31
N GLU G 141 -22.85 6.76 -55.49
CA GLU G 141 -21.61 6.97 -56.24
C GLU G 141 -21.35 8.44 -56.54
N ARG G 142 -22.36 9.30 -56.36
CA ARG G 142 -22.15 10.74 -56.43
C ARG G 142 -21.56 11.30 -55.16
N MET G 143 -21.80 10.65 -54.01
CA MET G 143 -21.14 11.06 -52.77
C MET G 143 -19.64 10.87 -52.87
N ALA G 144 -19.21 9.64 -53.16
CA ALA G 144 -17.87 9.44 -53.69
C ALA G 144 -17.70 10.28 -54.96
N GLU G 145 -16.45 10.54 -55.31
CA GLU G 145 -16.09 11.40 -56.45
C GLU G 145 -16.50 12.83 -56.17
N ALA G 146 -17.22 13.05 -55.06
CA ALA G 146 -17.49 14.38 -54.55
C ALA G 146 -16.59 14.67 -53.35
N ASN G 147 -16.66 13.82 -52.35
CA ASN G 147 -15.66 13.80 -51.29
C ASN G 147 -14.41 13.02 -51.70
N ARG G 148 -14.17 12.89 -53.00
CA ARG G 148 -12.99 12.19 -53.47
C ARG G 148 -11.71 12.75 -52.86
N ALA G 149 -11.74 13.99 -52.39
CA ALA G 149 -10.59 14.62 -51.77
C ALA G 149 -10.12 13.90 -50.50
N TYR G 150 -10.87 12.93 -50.00
CA TYR G 150 -10.52 12.20 -48.78
C TYR G 150 -10.17 10.75 -49.06
N ALA G 151 -9.86 10.42 -50.31
CA ALA G 151 -9.49 9.07 -50.72
C ALA G 151 -8.22 8.56 -50.03
N HIS G 152 -7.51 9.40 -49.29
CA HIS G 152 -6.34 8.97 -48.55
C HIS G 152 -6.69 8.44 -47.16
N TYR G 153 -7.94 8.59 -46.73
CA TYR G 153 -8.40 8.09 -45.43
C TYR G 153 -8.91 6.65 -45.50
N ARG G 154 -8.61 5.92 -46.57
CA ARG G 154 -9.33 4.70 -46.96
C ARG G 154 -9.82 3.86 -45.77
N TRP G 155 -8.95 3.62 -44.79
CA TRP G 155 -9.25 2.71 -43.68
C TRP G 155 -9.74 1.36 -44.20
N MET H 1 50.21 13.13 0.59
CA MET H 1 50.71 12.82 1.93
C MET H 1 49.64 12.12 2.75
N LEU H 2 50.07 11.16 3.55
CA LEU H 2 49.16 10.43 4.44
C LEU H 2 48.88 11.30 5.66
N THR H 3 47.61 11.55 5.92
CA THR H 3 47.25 12.52 6.96
C THR H 3 47.52 11.97 8.36
N ASP H 4 47.04 10.75 8.65
CA ASP H 4 47.32 10.08 9.91
C ASP H 4 47.76 8.66 9.61
N PRO H 5 49.06 8.38 9.61
CA PRO H 5 49.54 7.05 9.20
C PRO H 5 49.06 5.94 10.10
N ILE H 6 48.72 6.22 11.36
CA ILE H 6 48.30 5.17 12.28
C ILE H 6 46.88 4.71 11.95
N ALA H 7 45.92 5.64 11.93
CA ALA H 7 44.57 5.27 11.56
C ALA H 7 44.54 4.68 10.15
N ASP H 8 45.49 5.08 9.31
CA ASP H 8 45.63 4.46 8.00
C ASP H 8 46.01 3.00 8.15
N MET H 9 47.02 2.71 8.95
CA MET H 9 47.38 1.32 9.20
C MET H 9 46.21 0.57 9.83
N LEU H 10 45.62 1.13 10.89
CA LEU H 10 44.47 0.51 11.50
C LEU H 10 43.37 0.21 10.49
N THR H 11 43.20 1.08 9.50
CA THR H 11 42.19 0.87 8.48
C THR H 11 42.65 -0.15 7.44
N ARG H 12 43.90 -0.06 6.98
CA ARG H 12 44.44 -1.08 6.08
C ARG H 12 44.19 -2.47 6.64
N ILE H 13 44.31 -2.62 7.97
CA ILE H 13 43.98 -3.88 8.63
C ILE H 13 42.48 -4.09 8.67
N ARG H 14 41.73 -3.08 9.13
CA ARG H 14 40.29 -3.18 9.19
C ARG H 14 39.71 -3.60 7.85
N ASN H 15 40.21 -2.99 6.77
CA ASN H 15 39.70 -3.28 5.44
C ASN H 15 40.17 -4.64 4.93
N ALA H 16 41.41 -5.01 5.23
CA ALA H 16 41.91 -6.30 4.78
C ALA H 16 41.12 -7.44 5.39
N THR H 17 40.81 -7.35 6.69
CA THR H 17 40.18 -8.46 7.38
C THR H 17 38.76 -8.73 6.91
N ARG H 18 38.08 -7.74 6.32
CA ARG H 18 36.68 -7.94 5.96
C ARG H 18 36.52 -8.71 4.65
N VAL H 19 37.50 -8.62 3.74
CA VAL H 19 37.57 -9.50 2.58
C VAL H 19 38.52 -10.66 2.80
N TYR H 20 39.09 -10.76 4.01
CA TYR H 20 39.74 -11.96 4.52
C TYR H 20 41.10 -12.24 3.88
N LYS H 21 41.76 -11.19 3.40
CA LYS H 21 43.11 -11.33 2.85
C LYS H 21 44.02 -12.01 3.85
N GLU H 22 44.89 -12.88 3.33
CA GLU H 22 45.85 -13.53 4.21
C GLU H 22 46.82 -12.52 4.81
N SER H 23 47.38 -11.64 3.99
CA SER H 23 48.30 -10.62 4.45
C SER H 23 47.91 -9.29 3.84
N THR H 24 48.56 -8.25 4.35
CA THR H 24 48.37 -6.88 3.88
C THR H 24 49.60 -6.06 4.23
N ASP H 25 49.92 -5.09 3.38
CA ASP H 25 51.10 -4.26 3.56
C ASP H 25 50.69 -2.88 4.04
N VAL H 26 51.45 -2.36 5.00
CA VAL H 26 51.31 -0.98 5.45
C VAL H 26 52.71 -0.37 5.41
N PRO H 27 52.85 0.87 4.95
CA PRO H 27 54.19 1.47 4.85
C PRO H 27 54.90 1.48 6.19
N ALA H 28 56.20 1.24 6.15
CA ALA H 28 56.96 0.97 7.36
C ALA H 28 57.28 2.25 8.13
N SER H 29 57.01 2.22 9.43
CA SER H 29 57.49 3.20 10.38
C SER H 29 57.59 2.52 11.74
N ARG H 30 58.59 2.94 12.53
CA ARG H 30 58.85 2.27 13.80
C ARG H 30 57.61 2.28 14.69
N PHE H 31 56.97 3.45 14.82
CA PHE H 31 55.82 3.53 15.70
C PHE H 31 54.69 2.62 15.23
N LYS H 32 54.49 2.51 13.92
CA LYS H 32 53.58 1.50 13.41
C LYS H 32 54.00 0.12 13.89
N GLU H 33 55.29 -0.19 13.76
CA GLU H 33 55.80 -1.50 14.12
C GLU H 33 55.60 -1.79 15.60
N GLU H 34 55.76 -0.77 16.45
CA GLU H 34 55.55 -0.96 17.88
C GLU H 34 54.09 -1.24 18.21
N ILE H 35 53.15 -0.84 17.35
CA ILE H 35 51.77 -1.21 17.56
C ILE H 35 51.56 -2.68 17.21
N LEU H 36 51.99 -3.06 16.00
CA LEU H 36 51.87 -4.45 15.56
C LEU H 36 52.52 -5.42 16.54
N ARG H 37 53.55 -4.98 17.25
CA ARG H 37 54.13 -5.83 18.28
C ARG H 37 53.10 -6.13 19.37
N ILE H 38 52.28 -5.13 19.73
CA ILE H 38 51.27 -5.35 20.76
C ILE H 38 50.16 -6.26 20.23
N LEU H 39 49.77 -6.08 18.97
CA LEU H 39 48.76 -6.98 18.39
C LEU H 39 49.26 -8.41 18.35
N ALA H 40 50.44 -8.62 17.75
CA ALA H 40 51.01 -9.95 17.66
C ALA H 40 51.19 -10.57 19.03
N ARG H 41 51.50 -9.75 20.04
CA ARG H 41 51.62 -10.26 21.40
C ARG H 41 50.26 -10.65 21.97
N GLU H 42 49.19 -9.99 21.51
CA GLU H 42 47.85 -10.24 22.01
C GLU H 42 47.04 -11.19 21.14
N GLY H 43 47.65 -11.77 20.11
CA GLY H 43 46.97 -12.76 19.30
C GLY H 43 45.92 -12.22 18.34
N PHE H 44 45.96 -10.93 18.02
CA PHE H 44 45.06 -10.36 17.02
C PHE H 44 45.59 -10.55 15.61
N ILE H 45 46.88 -10.78 15.45
CA ILE H 45 47.46 -11.11 14.16
C ILE H 45 48.36 -12.33 14.32
N LYS H 46 48.39 -13.15 13.27
CA LYS H 46 49.37 -14.23 13.21
C LYS H 46 50.79 -13.70 13.41
N GLY H 47 51.04 -12.48 12.97
CA GLY H 47 52.33 -11.86 13.12
C GLY H 47 52.47 -10.70 12.17
N TYR H 48 53.72 -10.25 12.00
CA TYR H 48 54.07 -9.26 10.99
C TYR H 48 55.55 -9.43 10.67
N GLU H 49 55.95 -8.93 9.51
CA GLU H 49 57.36 -8.92 9.16
C GLU H 49 57.63 -7.79 8.18
N ARG H 50 58.90 -7.39 8.12
CA ARG H 50 59.32 -6.33 7.22
C ARG H 50 59.52 -6.87 5.82
N VAL H 51 59.29 -6.02 4.83
CA VAL H 51 59.48 -6.37 3.43
C VAL H 51 59.83 -5.10 2.69
N ASP H 52 60.42 -5.26 1.50
CA ASP H 52 60.65 -4.18 0.56
C ASP H 52 59.73 -4.41 -0.62
N VAL H 53 58.89 -3.44 -0.92
CA VAL H 53 57.96 -3.49 -2.04
C VAL H 53 58.39 -2.41 -3.02
N ASP H 54 59.10 -2.83 -4.07
CA ASP H 54 59.68 -1.94 -5.07
C ASP H 54 60.52 -0.84 -4.41
N GLY H 55 61.48 -1.29 -3.61
CA GLY H 55 62.52 -0.41 -3.10
C GLY H 55 62.17 0.35 -1.84
N LYS H 56 60.93 0.28 -1.37
CA LYS H 56 60.55 1.00 -0.17
C LYS H 56 60.01 0.03 0.88
N PRO H 57 60.28 0.29 2.16
CA PRO H 57 59.94 -0.70 3.20
C PRO H 57 58.47 -0.69 3.57
N TYR H 58 57.93 -1.88 3.80
CA TYR H 58 56.55 -2.09 4.21
C TYR H 58 56.54 -3.15 5.31
N LEU H 59 55.37 -3.33 5.91
CA LEU H 59 55.17 -4.32 6.97
C LEU H 59 54.05 -5.25 6.54
N ARG H 60 54.38 -6.52 6.31
CA ARG H 60 53.37 -7.52 5.99
C ARG H 60 52.67 -7.95 7.27
N VAL H 61 51.39 -7.68 7.38
CA VAL H 61 50.62 -8.02 8.57
C VAL H 61 49.75 -9.23 8.23
N TYR H 62 49.94 -10.31 8.99
CA TYR H 62 49.26 -11.58 8.75
C TYR H 62 48.06 -11.69 9.67
N LEU H 63 46.86 -11.70 9.10
CA LEU H 63 45.63 -11.68 9.87
C LEU H 63 45.14 -13.10 10.11
N LYS H 64 44.67 -13.35 11.33
CA LYS H 64 44.06 -14.63 11.66
C LYS H 64 42.56 -14.44 11.87
N TYR H 65 41.80 -15.46 11.49
CA TYR H 65 40.35 -15.43 11.62
C TYR H 65 39.88 -16.72 12.29
N GLY H 66 38.61 -16.74 12.67
CA GLY H 66 38.05 -17.87 13.35
C GLY H 66 37.85 -19.05 12.43
N PRO H 67 37.23 -20.10 12.95
CA PRO H 67 36.93 -21.27 12.13
C PRO H 67 35.77 -20.99 11.18
N ARG H 68 35.80 -21.66 10.03
CA ARG H 68 34.67 -21.62 9.11
C ARG H 68 33.42 -22.11 9.82
N ARG H 69 32.28 -21.53 9.46
CA ARG H 69 31.05 -21.71 10.21
C ARG H 69 30.03 -22.54 9.44
N GLN H 70 28.88 -22.74 10.07
CA GLN H 70 27.80 -23.60 9.59
C GLN H 70 27.00 -22.91 8.50
N GLY H 71 25.74 -23.32 8.31
CA GLY H 71 24.93 -22.88 7.21
C GLY H 71 24.87 -21.37 7.05
N PRO H 72 24.07 -20.89 6.07
CA PRO H 72 24.47 -19.77 5.20
C PRO H 72 25.31 -18.70 5.84
N ASP H 73 26.20 -18.11 5.03
CA ASP H 73 27.34 -17.32 5.48
C ASP H 73 28.33 -18.18 6.26
N PRO H 74 29.02 -19.10 5.57
CA PRO H 74 30.07 -19.87 6.24
C PRO H 74 31.25 -19.03 6.66
N ARG H 75 31.35 -17.80 6.16
CA ARG H 75 32.55 -17.00 6.37
C ARG H 75 32.86 -16.87 7.86
N PRO H 76 34.13 -16.93 8.25
CA PRO H 76 34.47 -17.19 9.66
C PRO H 76 34.23 -15.97 10.54
N GLU H 77 34.19 -16.23 11.85
CA GLU H 77 34.14 -15.14 12.80
C GLU H 77 35.48 -14.44 12.86
N GLN H 78 35.44 -13.12 13.02
CA GLN H 78 36.65 -12.33 12.99
C GLN H 78 37.40 -12.39 14.32
N VAL H 79 38.73 -12.32 14.24
CA VAL H 79 39.53 -12.16 15.45
C VAL H 79 39.50 -10.70 15.90
N ILE H 80 39.55 -9.77 14.96
CA ILE H 80 39.45 -8.35 15.24
C ILE H 80 38.03 -7.91 14.89
N HIS H 81 37.15 -7.89 15.90
CA HIS H 81 35.78 -7.47 15.65
C HIS H 81 35.68 -5.96 15.46
N HIS H 82 36.50 -5.21 16.18
CA HIS H 82 36.40 -3.75 16.19
C HIS H 82 37.80 -3.15 16.33
N ILE H 83 38.12 -2.22 15.45
CA ILE H 83 39.29 -1.36 15.59
C ILE H 83 38.84 0.06 15.37
N ARG H 84 39.18 0.95 16.29
CA ARG H 84 38.91 2.36 16.09
C ARG H 84 40.06 3.18 16.64
N ARG H 85 40.60 4.05 15.81
CA ARG H 85 41.54 5.06 16.28
C ARG H 85 40.83 6.01 17.24
N ILE H 86 41.53 6.37 18.32
CA ILE H 86 40.97 7.22 19.37
C ILE H 86 41.56 8.61 19.27
N SER H 87 42.86 8.73 19.53
CA SER H 87 43.51 10.04 19.59
C SER H 87 43.94 10.38 18.17
N LYS H 88 43.18 11.20 17.52
CA LYS H 88 43.50 11.58 16.16
C LYS H 88 44.21 12.93 16.12
N PRO H 89 44.89 13.25 15.01
CA PRO H 89 45.43 14.62 14.87
C PRO H 89 44.29 15.61 14.91
N GLY H 90 44.55 16.78 15.48
CA GLY H 90 43.49 17.75 15.57
C GLY H 90 42.43 17.43 16.59
N ARG H 91 42.51 16.27 17.27
CA ARG H 91 41.93 16.12 18.60
C ARG H 91 42.68 15.01 19.32
N ARG H 92 43.65 15.39 20.13
CA ARG H 92 44.52 14.44 20.78
C ARG H 92 43.94 14.04 22.13
N VAL H 93 44.13 12.78 22.50
CA VAL H 93 43.53 12.20 23.70
C VAL H 93 44.63 11.61 24.57
N TYR H 94 44.89 12.25 25.71
CA TYR H 94 45.84 11.78 26.70
C TYR H 94 45.10 11.40 27.98
N VAL H 95 45.61 10.40 28.69
CA VAL H 95 44.98 9.96 29.93
C VAL H 95 46.03 9.72 31.00
N GLY H 96 45.73 10.14 32.22
CA GLY H 96 46.51 9.73 33.38
C GLY H 96 46.26 8.27 33.69
N VAL H 97 47.03 7.73 34.64
CA VAL H 97 46.98 6.29 34.89
C VAL H 97 45.65 5.86 35.48
N LYS H 98 44.91 6.77 36.11
CA LYS H 98 43.57 6.45 36.58
C LYS H 98 42.51 6.69 35.52
N GLU H 99 42.83 7.49 34.50
CA GLU H 99 41.93 7.78 33.39
C GLU H 99 41.98 6.70 32.30
N ILE H 100 42.69 5.61 32.51
CA ILE H 100 42.81 4.56 31.50
C ILE H 100 41.53 3.73 31.49
N PRO H 101 40.96 3.45 30.32
CA PRO H 101 39.66 2.75 30.27
C PRO H 101 39.80 1.24 30.37
N ARG H 102 38.70 0.59 30.78
CA ARG H 102 38.56 -0.86 30.75
C ARG H 102 37.76 -1.23 29.51
N VAL H 103 38.46 -1.78 28.51
CA VAL H 103 37.87 -2.05 27.19
C VAL H 103 37.08 -3.35 27.23
N ARG H 104 35.81 -3.28 26.84
CA ARG H 104 34.97 -4.47 26.70
C ARG H 104 34.92 -5.26 28.00
N ARG H 105 34.88 -4.55 29.13
CA ARG H 105 34.83 -5.18 30.45
C ARG H 105 35.97 -6.19 30.63
N GLY H 106 37.13 -5.85 30.08
CA GLY H 106 38.32 -6.64 30.24
C GLY H 106 38.68 -7.53 29.07
N LEU H 107 37.75 -7.76 28.15
CA LEU H 107 37.96 -8.70 27.04
C LEU H 107 38.67 -8.07 25.84
N GLY H 108 38.79 -6.73 25.81
CA GLY H 108 39.51 -6.05 24.76
C GLY H 108 40.74 -5.33 25.31
N ILE H 109 41.47 -4.71 24.39
CA ILE H 109 42.66 -3.94 24.75
C ILE H 109 42.47 -2.49 24.30
N ALA H 110 43.25 -1.62 24.93
CA ALA H 110 43.38 -0.22 24.53
C ALA H 110 44.86 0.12 24.48
N ILE H 111 45.39 0.27 23.27
CA ILE H 111 46.81 0.51 23.12
C ILE H 111 47.15 1.92 23.57
N LEU H 112 48.08 2.02 24.52
CA LEU H 112 48.55 3.29 25.06
C LEU H 112 49.97 3.56 24.60
N SER H 113 50.24 4.81 24.26
CA SER H 113 51.60 5.31 24.10
C SER H 113 51.99 6.05 25.37
N THR H 114 52.97 5.54 26.08
CA THR H 114 53.43 6.13 27.34
C THR H 114 54.88 6.58 27.22
N SER H 115 55.32 7.33 28.23
CA SER H 115 56.74 7.71 28.35
C SER H 115 57.63 6.49 28.55
N LYS H 116 57.07 5.41 29.10
CA LYS H 116 57.79 4.15 29.24
C LYS H 116 57.63 3.25 28.03
N GLY H 117 56.91 3.70 27.00
CA GLY H 117 56.80 2.99 25.74
C GLY H 117 55.36 2.71 25.38
N VAL H 118 55.18 2.03 24.24
CA VAL H 118 53.86 1.64 23.77
C VAL H 118 53.43 0.39 24.53
N LEU H 119 52.32 0.49 25.26
CA LEU H 119 51.84 -0.57 26.12
C LEU H 119 50.35 -0.83 25.89
N THR H 120 49.88 -1.97 26.39
CA THR H 120 48.46 -2.21 26.48
C THR H 120 47.91 -1.44 27.67
N ASP H 121 46.59 -1.53 27.87
CA ASP H 121 45.99 -0.89 29.04
C ASP H 121 46.45 -1.57 30.34
N ARG H 122 46.42 -2.90 30.37
CA ARG H 122 46.89 -3.63 31.54
C ARG H 122 48.35 -3.30 31.83
N GLU H 123 49.22 -3.56 30.84
CA GLU H 123 50.66 -3.33 31.03
C GLU H 123 50.93 -1.92 31.53
N ALA H 124 50.19 -0.95 31.02
CA ALA H 124 50.34 0.42 31.49
C ALA H 124 49.93 0.55 32.96
N ARG H 125 48.76 0.01 33.31
CA ARG H 125 48.24 0.23 34.65
C ARG H 125 49.16 -0.40 35.70
N LYS H 126 49.70 -1.58 35.43
CA LYS H 126 50.63 -2.14 36.39
C LYS H 126 51.99 -1.47 36.31
N LEU H 127 52.33 -0.88 35.17
CA LEU H 127 53.51 -0.02 35.11
C LEU H 127 53.30 1.31 35.81
N GLY H 128 52.04 1.64 36.10
CA GLY H 128 51.71 2.86 36.81
C GLY H 128 51.92 4.14 36.02
N VAL H 129 51.74 4.09 34.70
CA VAL H 129 51.89 5.28 33.86
C VAL H 129 50.72 5.39 32.89
N GLY H 130 50.53 6.60 32.38
CA GLY H 130 49.54 6.89 31.37
C GLY H 130 50.15 7.56 30.17
N GLY H 131 49.31 7.98 29.22
CA GLY H 131 49.83 8.64 28.02
C GLY H 131 48.75 8.92 26.99
N GLU H 132 49.15 8.84 25.71
CA GLU H 132 48.23 9.08 24.61
C GLU H 132 47.48 7.80 24.26
N LEU H 133 46.15 7.89 24.23
CA LEU H 133 45.28 6.75 23.99
C LEU H 133 45.13 6.56 22.48
N ILE H 134 45.82 5.56 21.94
CA ILE H 134 45.89 5.42 20.49
C ILE H 134 44.63 4.76 19.93
N CYS H 135 44.21 3.63 20.51
CA CYS H 135 43.09 2.93 19.90
C CYS H 135 42.53 1.87 20.84
N GLU H 136 41.26 1.55 20.61
CA GLU H 136 40.65 0.34 21.14
C GLU H 136 40.80 -0.78 20.13
N VAL H 137 41.07 -1.98 20.63
CA VAL H 137 41.00 -3.21 19.83
C VAL H 137 40.27 -4.25 20.65
N TRP H 138 39.32 -4.94 20.02
CA TRP H 138 38.64 -6.04 20.68
C TRP H 138 37.94 -6.94 19.66
N GLU I 1 -42.38 -54.27 -51.23
CA GLU I 1 -43.80 -54.12 -50.95
C GLU I 1 -44.10 -52.75 -50.32
N GLN I 2 -43.39 -52.42 -49.24
CA GLN I 2 -43.63 -51.15 -48.56
C GLN I 2 -42.41 -50.77 -47.73
N TYR I 3 -42.19 -49.46 -47.61
CA TYR I 3 -41.05 -48.93 -46.87
C TYR I 3 -41.49 -47.67 -46.12
N TYR I 4 -40.82 -47.41 -45.00
CA TYR I 4 -41.36 -46.47 -44.01
C TYR I 4 -40.26 -45.60 -43.42
N GLY I 5 -40.64 -44.39 -43.06
CA GLY I 5 -39.82 -43.52 -42.23
C GLY I 5 -40.71 -42.57 -41.46
N THR I 6 -40.17 -42.04 -40.35
CA THR I 6 -41.01 -41.21 -39.47
C THR I 6 -40.91 -39.70 -39.74
N GLY I 7 -39.73 -39.10 -39.57
CA GLY I 7 -39.60 -37.67 -39.81
C GLY I 7 -40.25 -36.78 -38.77
N ARG I 8 -39.55 -35.72 -38.34
CA ARG I 8 -40.05 -34.83 -37.31
C ARG I 8 -39.45 -33.44 -37.50
N ARG I 9 -40.25 -32.42 -37.17
CA ARG I 9 -39.78 -31.04 -37.19
C ARG I 9 -40.66 -30.21 -36.26
N LYS I 10 -40.06 -29.66 -35.20
CA LYS I 10 -40.67 -28.56 -34.46
C LYS I 10 -42.05 -28.95 -33.92
N GLU I 11 -42.06 -29.99 -33.09
CA GLU I 11 -43.28 -30.47 -32.45
C GLU I 11 -44.31 -30.94 -33.47
N ALA I 12 -43.84 -31.55 -34.56
CA ALA I 12 -44.71 -32.05 -35.63
C ALA I 12 -44.12 -33.33 -36.22
N VAL I 13 -44.96 -34.35 -36.38
CA VAL I 13 -44.54 -35.64 -36.92
C VAL I 13 -45.49 -36.04 -38.06
N ALA I 14 -44.95 -36.80 -39.01
CA ALA I 14 -45.72 -37.20 -40.20
C ALA I 14 -45.12 -38.49 -40.75
N ARG I 15 -45.79 -39.61 -40.50
CA ARG I 15 -45.29 -40.93 -40.86
C ARG I 15 -45.50 -41.19 -42.35
N VAL I 16 -44.42 -41.50 -43.07
CA VAL I 16 -44.46 -41.66 -44.52
C VAL I 16 -44.45 -43.14 -44.85
N PHE I 17 -45.46 -43.59 -45.60
CA PHE I 17 -45.59 -44.96 -46.05
C PHE I 17 -45.42 -44.96 -47.57
N LEU I 18 -44.34 -45.57 -48.04
CA LEU I 18 -44.04 -45.61 -49.47
C LEU I 18 -44.44 -46.96 -50.07
N ARG I 19 -45.12 -46.92 -51.21
CA ARG I 19 -45.49 -48.09 -52.00
C ARG I 19 -45.30 -47.77 -53.47
N PRO I 20 -44.81 -48.72 -54.27
CA PRO I 20 -44.58 -48.44 -55.70
C PRO I 20 -45.90 -48.18 -56.41
N GLY I 21 -45.99 -47.05 -57.08
CA GLY I 21 -47.26 -46.67 -57.69
C GLY I 21 -47.12 -45.57 -58.71
N ASN I 22 -48.27 -44.97 -59.02
CA ASN I 22 -48.38 -44.00 -60.10
C ASN I 22 -47.70 -42.68 -59.78
N GLY I 23 -47.57 -42.34 -58.51
CA GLY I 23 -47.05 -41.06 -58.09
C GLY I 23 -48.04 -40.18 -57.34
N LYS I 24 -49.13 -40.74 -56.84
CA LYS I 24 -50.16 -39.98 -56.15
C LYS I 24 -50.00 -40.10 -54.63
N VAL I 25 -50.16 -38.98 -53.94
CA VAL I 25 -49.85 -38.87 -52.52
C VAL I 25 -51.11 -38.47 -51.76
N THR I 26 -51.44 -39.23 -50.73
CA THR I 26 -52.53 -38.92 -49.81
C THR I 26 -51.95 -38.43 -48.50
N VAL I 27 -52.62 -37.46 -47.90
CA VAL I 27 -52.25 -36.95 -46.58
C VAL I 27 -53.54 -36.78 -45.79
N ASN I 28 -53.70 -37.59 -44.74
CA ASN I 28 -54.85 -37.52 -43.84
C ASN I 28 -56.16 -37.65 -44.61
N GLY I 29 -56.23 -38.66 -45.47
CA GLY I 29 -57.45 -38.95 -46.20
C GLY I 29 -57.88 -37.85 -47.16
N GLN I 30 -56.99 -36.89 -47.36
CA GLN I 30 -57.17 -35.83 -48.33
C GLN I 30 -56.10 -35.94 -49.40
N ASP I 31 -56.40 -35.37 -50.56
CA ASP I 31 -55.37 -35.24 -51.60
C ASP I 31 -54.20 -34.43 -51.04
N PHE I 32 -53.00 -34.74 -51.53
CA PHE I 32 -51.84 -33.98 -51.13
C PHE I 32 -52.05 -32.49 -51.37
N ASN I 33 -52.55 -32.15 -52.55
CA ASN I 33 -52.73 -30.76 -52.92
C ASN I 33 -54.01 -30.16 -52.35
N GLU I 34 -54.94 -30.96 -51.85
CA GLU I 34 -56.10 -30.40 -51.16
C GLU I 34 -55.81 -30.09 -49.70
N TYR I 35 -54.70 -30.58 -49.16
CA TYR I 35 -54.23 -30.26 -47.82
C TYR I 35 -53.32 -29.03 -47.82
N PHE I 36 -52.36 -29.03 -48.75
CA PHE I 36 -51.43 -27.94 -49.04
C PHE I 36 -52.02 -27.06 -50.14
N GLN I 37 -51.16 -26.40 -50.92
CA GLN I 37 -51.61 -25.68 -52.11
C GLN I 37 -52.44 -24.46 -51.76
N GLY I 38 -51.70 -23.40 -51.50
CA GLY I 38 -52.11 -22.16 -50.91
C GLY I 38 -50.84 -21.85 -50.15
N LEU I 39 -49.91 -22.81 -50.18
CA LEU I 39 -48.63 -22.71 -49.49
C LEU I 39 -47.55 -23.00 -50.52
N VAL I 40 -46.66 -22.02 -50.75
CA VAL I 40 -45.66 -22.16 -51.80
C VAL I 40 -44.60 -23.18 -51.40
N ARG I 41 -44.25 -23.25 -50.11
CA ARG I 41 -43.21 -24.15 -49.63
C ARG I 41 -43.57 -25.62 -49.76
N ALA I 42 -44.78 -25.95 -50.22
CA ALA I 42 -45.28 -27.32 -50.11
C ALA I 42 -44.40 -28.32 -50.85
N VAL I 43 -43.80 -27.91 -51.97
CA VAL I 43 -43.03 -28.82 -52.79
C VAL I 43 -41.77 -29.33 -52.11
N ALA I 44 -41.29 -28.61 -51.09
CA ALA I 44 -40.07 -29.03 -50.40
C ALA I 44 -40.21 -30.43 -49.85
N ALA I 45 -41.39 -30.78 -49.33
CA ALA I 45 -41.60 -32.10 -48.76
C ALA I 45 -41.18 -33.21 -49.72
N LEU I 46 -41.28 -32.95 -51.02
CA LEU I 46 -41.11 -33.97 -52.05
C LEU I 46 -39.73 -33.94 -52.69
N GLU I 47 -38.89 -32.99 -52.32
CA GLU I 47 -37.54 -32.92 -52.88
C GLU I 47 -36.72 -34.20 -52.77
N PRO I 48 -36.82 -35.03 -51.71
CA PRO I 48 -36.06 -36.28 -51.72
C PRO I 48 -36.32 -37.16 -52.93
N LEU I 49 -37.51 -37.09 -53.51
CA LEU I 49 -37.82 -37.94 -54.66
C LEU I 49 -37.26 -37.37 -55.96
N ARG I 50 -36.99 -36.06 -56.02
CA ARG I 50 -36.34 -35.49 -57.18
C ARG I 50 -34.83 -35.62 -57.12
N ALA I 51 -34.27 -35.84 -55.92
CA ALA I 51 -32.83 -36.04 -55.80
C ALA I 51 -32.43 -37.43 -56.27
N VAL I 52 -33.32 -38.40 -56.14
CA VAL I 52 -33.09 -39.76 -56.61
C VAL I 52 -33.94 -40.08 -57.85
N ASP I 53 -34.66 -39.10 -58.38
CA ASP I 53 -35.53 -39.30 -59.53
C ASP I 53 -36.57 -40.38 -59.26
N ALA I 54 -37.07 -40.41 -58.03
CA ALA I 54 -38.10 -41.35 -57.63
C ALA I 54 -39.50 -40.81 -57.83
N LEU I 55 -39.66 -39.83 -58.72
CA LEU I 55 -40.94 -39.15 -58.88
C LEU I 55 -42.06 -40.12 -59.23
N GLY I 56 -41.96 -40.75 -60.41
CA GLY I 56 -42.99 -41.61 -60.95
C GLY I 56 -42.99 -43.04 -60.45
N HIS I 57 -42.19 -43.36 -59.43
CA HIS I 57 -42.10 -44.74 -58.95
C HIS I 57 -43.06 -45.03 -57.81
N PHE I 58 -43.20 -44.11 -56.84
CA PHE I 58 -43.83 -44.40 -55.58
C PHE I 58 -45.16 -43.66 -55.40
N ASP I 59 -46.09 -44.33 -54.75
CA ASP I 59 -47.22 -43.70 -54.08
C ASP I 59 -46.87 -43.53 -52.61
N ALA I 60 -47.52 -42.58 -51.95
CA ALA I 60 -47.24 -42.31 -50.54
C ALA I 60 -48.52 -42.00 -49.78
N TYR I 61 -48.64 -42.57 -48.59
CA TYR I 61 -49.72 -42.27 -47.67
C TYR I 61 -49.09 -41.78 -46.37
N ILE I 62 -49.56 -40.64 -45.89
CA ILE I 62 -48.96 -39.95 -44.75
C ILE I 62 -50.02 -39.64 -43.71
N THR I 63 -49.58 -39.53 -42.46
CA THR I 63 -50.42 -39.12 -41.34
C THR I 63 -49.70 -38.02 -40.59
N VAL I 64 -50.20 -36.80 -40.71
CA VAL I 64 -49.50 -35.61 -40.22
C VAL I 64 -50.32 -34.99 -39.09
N ARG I 65 -49.73 -34.91 -37.91
CA ARG I 65 -50.42 -34.41 -36.73
C ARG I 65 -49.43 -33.69 -35.83
N GLY I 66 -49.84 -32.53 -35.33
CA GLY I 66 -49.01 -31.74 -34.46
C GLY I 66 -48.32 -30.60 -35.17
N GLY I 67 -48.17 -29.48 -34.44
CA GLY I 67 -47.50 -28.32 -34.99
C GLY I 67 -48.35 -27.55 -35.99
N GLY I 68 -47.65 -26.75 -36.80
CA GLY I 68 -48.25 -26.04 -37.89
C GLY I 68 -47.85 -26.65 -39.22
N LYS I 69 -48.53 -26.22 -40.28
CA LYS I 69 -48.41 -26.91 -41.56
C LYS I 69 -47.01 -26.81 -42.14
N SER I 70 -46.33 -25.68 -41.94
CA SER I 70 -45.01 -25.51 -42.56
C SER I 70 -43.98 -26.43 -41.92
N GLY I 71 -44.09 -26.67 -40.61
CA GLY I 71 -43.29 -27.71 -40.00
C GLY I 71 -43.74 -29.10 -40.40
N GLN I 72 -45.05 -29.27 -40.62
CA GLN I 72 -45.55 -30.54 -41.12
C GLN I 72 -44.87 -30.92 -42.43
N ILE I 73 -44.56 -29.93 -43.27
CA ILE I 73 -43.90 -30.19 -44.54
C ILE I 73 -42.50 -30.74 -44.33
N ASP I 74 -41.74 -30.13 -43.42
CA ASP I 74 -40.37 -30.58 -43.20
C ASP I 74 -40.32 -31.99 -42.65
N ALA I 75 -41.27 -32.34 -41.76
CA ALA I 75 -41.32 -33.71 -41.24
C ALA I 75 -41.63 -34.70 -42.34
N ILE I 76 -42.50 -34.32 -43.28
CA ILE I 76 -42.78 -35.16 -44.45
C ILE I 76 -41.53 -35.32 -45.30
N LYS I 77 -40.77 -34.24 -45.47
CA LYS I 77 -39.51 -34.31 -46.22
C LYS I 77 -38.59 -35.39 -45.65
N LEU I 78 -38.41 -35.39 -44.33
CA LEU I 78 -37.56 -36.40 -43.70
C LEU I 78 -38.16 -37.79 -43.86
N GLY I 79 -39.40 -37.96 -43.39
CA GLY I 79 -40.04 -39.27 -43.46
C GLY I 79 -39.99 -39.87 -44.85
N ILE I 80 -40.10 -39.02 -45.88
CA ILE I 80 -39.94 -39.49 -47.26
C ILE I 80 -38.52 -39.99 -47.49
N ALA I 81 -37.52 -39.22 -47.02
CA ALA I 81 -36.14 -39.63 -47.20
C ALA I 81 -35.78 -40.84 -46.34
N ARG I 82 -36.38 -40.95 -45.15
CA ARG I 82 -36.11 -42.10 -44.30
C ARG I 82 -36.62 -43.38 -44.94
N ALA I 83 -37.87 -43.37 -45.41
CA ALA I 83 -38.40 -44.53 -46.13
C ALA I 83 -37.56 -44.83 -47.37
N LEU I 84 -36.94 -43.81 -47.95
CA LEU I 84 -36.14 -43.99 -49.15
C LEU I 84 -34.86 -44.77 -48.86
N VAL I 85 -34.24 -44.49 -47.71
CA VAL I 85 -32.99 -45.17 -47.38
C VAL I 85 -33.25 -46.62 -46.99
N GLN I 86 -34.27 -46.85 -46.15
CA GLN I 86 -34.63 -48.23 -45.82
C GLN I 86 -34.94 -49.02 -47.08
N TYR I 87 -35.49 -48.37 -48.11
CA TYR I 87 -35.70 -49.03 -49.39
C TYR I 87 -34.38 -49.49 -50.00
N ASN I 88 -33.49 -48.53 -50.30
CA ASN I 88 -32.19 -48.82 -50.89
C ASN I 88 -31.13 -48.11 -50.08
N PRO I 89 -30.46 -48.81 -49.17
CA PRO I 89 -29.43 -48.16 -48.33
C PRO I 89 -28.28 -47.55 -49.13
N ASP I 90 -28.19 -47.81 -50.43
CA ASP I 90 -27.24 -47.10 -51.28
C ASP I 90 -27.66 -45.67 -51.56
N TYR I 91 -28.90 -45.29 -51.22
CA TYR I 91 -29.37 -43.92 -51.36
C TYR I 91 -28.87 -43.00 -50.23
N ARG I 92 -28.23 -43.56 -49.20
CA ARG I 92 -27.65 -42.72 -48.17
C ARG I 92 -26.59 -41.79 -48.75
N ALA I 93 -25.68 -42.35 -49.56
CA ALA I 93 -24.63 -41.53 -50.16
C ALA I 93 -25.21 -40.51 -51.13
N LYS I 94 -26.38 -40.79 -51.69
CA LYS I 94 -27.01 -39.84 -52.60
C LYS I 94 -27.70 -38.71 -51.84
N LEU I 95 -28.47 -39.05 -50.82
CA LEU I 95 -29.32 -38.08 -50.14
C LEU I 95 -28.57 -37.23 -49.13
N LYS I 96 -27.47 -37.73 -48.58
CA LYS I 96 -26.77 -37.08 -47.48
C LYS I 96 -26.10 -35.75 -47.83
N PRO I 97 -25.49 -35.57 -49.02
CA PRO I 97 -24.91 -34.25 -49.32
C PRO I 97 -25.93 -33.12 -49.30
N LEU I 98 -27.20 -33.42 -49.54
CA LEU I 98 -28.26 -32.41 -49.46
C LEU I 98 -28.78 -32.20 -48.04
N GLY I 99 -28.45 -33.09 -47.12
CA GLY I 99 -28.90 -32.98 -45.75
C GLY I 99 -30.32 -33.44 -45.51
N PHE I 100 -31.00 -33.99 -46.51
CA PHE I 100 -32.41 -34.34 -46.40
C PHE I 100 -32.69 -35.32 -45.26
N LEU I 101 -31.67 -36.00 -44.75
CA LEU I 101 -31.82 -37.00 -43.71
C LEU I 101 -31.40 -36.49 -42.33
N THR I 102 -31.23 -35.18 -42.17
CA THR I 102 -30.89 -34.56 -40.90
C THR I 102 -32.13 -33.93 -40.28
N ARG I 103 -32.26 -34.03 -38.96
CA ARG I 103 -33.40 -33.47 -38.24
C ARG I 103 -33.11 -32.03 -37.82
N ASP I 104 -34.10 -31.17 -37.99
CA ASP I 104 -33.98 -29.76 -37.63
C ASP I 104 -34.32 -29.62 -36.15
N ALA I 105 -33.30 -29.41 -35.33
CA ALA I 105 -33.43 -29.42 -33.88
C ALA I 105 -33.90 -28.09 -33.31
N ARG I 106 -34.31 -27.15 -34.16
CA ARG I 106 -34.74 -25.84 -33.70
C ARG I 106 -36.20 -25.90 -33.26
N VAL I 107 -36.45 -25.62 -31.98
CA VAL I 107 -37.79 -25.53 -31.42
C VAL I 107 -37.91 -24.18 -30.72
N VAL I 108 -39.16 -23.77 -30.46
CA VAL I 108 -39.45 -22.46 -29.89
C VAL I 108 -38.70 -22.29 -28.58
N GLU I 109 -37.85 -21.27 -28.51
CA GLU I 109 -37.08 -21.01 -27.31
C GLU I 109 -38.00 -20.57 -26.19
N ARG I 110 -37.89 -21.24 -25.04
CA ARG I 110 -38.77 -21.01 -23.91
C ARG I 110 -38.68 -19.57 -23.42
N LYS I 111 -39.82 -19.04 -22.99
CA LYS I 111 -39.86 -17.68 -22.45
C LYS I 111 -39.25 -17.64 -21.05
N LYS I 112 -38.57 -16.54 -20.75
CA LYS I 112 -37.77 -16.43 -19.53
C LYS I 112 -38.21 -15.24 -18.69
N TYR I 113 -38.23 -15.45 -17.37
CA TYR I 113 -38.74 -14.44 -16.46
C TYR I 113 -37.91 -13.17 -16.54
N GLY I 114 -38.59 -12.03 -16.48
CA GLY I 114 -37.97 -10.74 -16.57
C GLY I 114 -37.96 -10.13 -17.96
N LYS I 115 -38.01 -10.97 -18.99
CA LYS I 115 -38.08 -10.48 -20.36
C LYS I 115 -39.52 -10.59 -20.86
N HIS I 116 -39.74 -10.05 -22.06
CA HIS I 116 -41.07 -10.13 -22.65
C HIS I 116 -41.29 -11.47 -23.36
N LYS I 117 -40.48 -11.74 -24.40
CA LYS I 117 -40.55 -13.00 -25.12
C LYS I 117 -39.14 -13.59 -25.25
N ALA I 118 -38.62 -14.15 -24.16
CA ALA I 118 -37.54 -15.12 -24.17
C ALA I 118 -36.19 -14.56 -24.65
N ARG I 119 -36.18 -13.42 -25.35
CA ARG I 119 -34.96 -12.64 -25.57
C ARG I 119 -35.24 -11.15 -25.41
N ARG I 120 -36.40 -10.71 -25.90
CA ARG I 120 -36.71 -9.29 -26.00
C ARG I 120 -36.87 -8.70 -24.60
N ALA I 121 -35.98 -7.78 -24.26
CA ALA I 121 -35.86 -7.10 -22.97
C ALA I 121 -36.80 -5.91 -22.91
N PRO I 122 -37.33 -5.60 -21.73
CA PRO I 122 -38.16 -4.40 -21.60
C PRO I 122 -37.31 -3.14 -21.76
N GLN I 123 -37.87 -2.18 -22.50
CA GLN I 123 -37.16 -0.94 -22.80
C GLN I 123 -37.22 -0.03 -21.57
N TYR I 124 -36.10 0.64 -21.30
CA TYR I 124 -35.96 1.47 -20.10
C TYR I 124 -35.57 2.89 -20.50
N SER I 125 -35.52 3.78 -19.50
CA SER I 125 -35.41 5.22 -19.76
C SER I 125 -34.14 5.84 -19.19
N LYS I 126 -33.87 5.61 -17.90
CA LYS I 126 -32.75 6.19 -17.16
C LYS I 126 -32.98 7.67 -16.90
N ARG I 127 -34.04 8.24 -17.49
CA ARG I 127 -34.40 9.64 -17.37
C ARG I 127 -35.52 10.00 -18.34
N LYS J 1 -64.11 -56.24 -15.03
CA LYS J 1 -63.34 -55.01 -15.11
C LYS J 1 -62.75 -54.65 -13.75
N ILE J 2 -61.44 -54.43 -13.74
CA ILE J 2 -60.67 -54.15 -12.52
C ILE J 2 -59.75 -52.99 -12.85
N ARG J 3 -60.11 -51.77 -12.43
CA ARG J 3 -59.29 -50.59 -12.65
C ARG J 3 -58.56 -50.21 -11.37
N ILE J 4 -57.29 -49.82 -11.50
CA ILE J 4 -56.44 -49.49 -10.37
C ILE J 4 -55.68 -48.20 -10.72
N LYS J 5 -55.95 -47.11 -10.01
CA LYS J 5 -55.44 -45.79 -10.32
C LYS J 5 -54.32 -45.43 -9.35
N LEU J 6 -53.09 -45.41 -9.84
CA LEU J 6 -51.91 -45.11 -9.04
C LEU J 6 -51.50 -43.67 -9.28
N ARG J 7 -51.42 -42.89 -8.20
CA ARG J 7 -51.08 -41.47 -8.28
C ARG J 7 -50.11 -41.14 -7.15
N GLY J 8 -49.07 -40.38 -7.47
CA GLY J 8 -48.08 -40.03 -6.48
C GLY J 8 -47.18 -38.90 -6.96
N PHE J 9 -46.59 -38.20 -6.01
CA PHE J 9 -45.72 -37.09 -6.36
C PHE J 9 -44.33 -37.57 -6.74
N ASP J 10 -43.91 -38.72 -6.23
CA ASP J 10 -42.62 -39.29 -6.57
C ASP J 10 -42.80 -40.36 -7.64
N HIS J 11 -42.00 -40.26 -8.70
CA HIS J 11 -42.06 -41.21 -9.81
C HIS J 11 -41.34 -42.52 -9.51
N LYS J 12 -40.57 -42.60 -8.42
CA LYS J 12 -39.97 -43.86 -8.00
C LYS J 12 -40.81 -44.60 -6.98
N THR J 13 -41.75 -43.91 -6.32
CA THR J 13 -42.67 -44.56 -5.39
C THR J 13 -43.79 -45.26 -6.14
N LEU J 14 -44.26 -44.67 -7.25
CA LEU J 14 -45.22 -45.36 -8.09
C LEU J 14 -44.61 -46.61 -8.71
N ASP J 15 -43.41 -46.48 -9.27
CA ASP J 15 -42.78 -47.64 -9.91
C ASP J 15 -42.45 -48.71 -8.88
N ALA J 16 -42.00 -48.31 -7.69
CA ALA J 16 -41.80 -49.27 -6.61
C ALA J 16 -43.12 -49.92 -6.20
N SER J 17 -44.23 -49.21 -6.37
CA SER J 17 -45.54 -49.74 -6.01
C SER J 17 -46.17 -50.56 -7.13
N ALA J 18 -45.99 -50.14 -8.39
CA ALA J 18 -46.66 -50.81 -9.50
C ALA J 18 -46.01 -52.14 -9.84
N GLN J 19 -44.67 -52.19 -9.86
CA GLN J 19 -43.98 -53.45 -10.17
C GLN J 19 -44.34 -54.54 -9.16
N LYS J 20 -44.44 -54.17 -7.87
CA LYS J 20 -44.81 -55.13 -6.84
C LYS J 20 -46.18 -55.76 -7.10
N ILE J 21 -47.08 -55.01 -7.72
CA ILE J 21 -48.44 -55.49 -7.94
C ILE J 21 -48.49 -56.46 -9.11
N VAL J 22 -47.69 -56.21 -10.16
CA VAL J 22 -47.66 -57.12 -11.30
C VAL J 22 -47.06 -58.47 -10.89
N GLU J 23 -46.07 -58.45 -9.99
CA GLU J 23 -45.44 -59.71 -9.58
C GLU J 23 -46.36 -60.54 -8.69
N ALA J 24 -47.28 -59.91 -7.98
CA ALA J 24 -48.21 -60.67 -7.16
C ALA J 24 -49.39 -61.18 -7.97
N ALA J 25 -49.71 -60.51 -9.09
CA ALA J 25 -50.83 -60.88 -9.94
C ALA J 25 -50.43 -61.70 -11.15
N ARG J 26 -49.13 -61.79 -11.46
CA ARG J 26 -48.66 -62.65 -12.55
C ARG J 26 -48.36 -64.07 -12.10
N ARG J 27 -48.38 -64.35 -10.79
CA ARG J 27 -48.29 -65.71 -10.31
C ARG J 27 -49.64 -66.40 -10.35
N SER J 28 -50.73 -65.63 -10.42
CA SER J 28 -52.08 -66.16 -10.49
C SER J 28 -52.84 -65.76 -11.74
N GLY J 29 -52.95 -64.46 -11.99
CA GLY J 29 -53.83 -63.95 -13.04
C GLY J 29 -53.26 -64.17 -14.42
N ALA J 30 -54.09 -63.83 -15.42
CA ALA J 30 -53.67 -63.91 -16.81
C ALA J 30 -52.57 -62.88 -17.08
N GLN J 31 -52.08 -62.83 -18.31
CA GLN J 31 -51.09 -61.80 -18.64
C GLN J 31 -51.69 -60.45 -18.29
N VAL J 32 -51.20 -59.84 -17.22
CA VAL J 32 -51.66 -58.52 -16.86
C VAL J 32 -51.26 -57.57 -17.97
N SER J 33 -52.22 -56.74 -18.41
CA SER J 33 -51.99 -55.85 -19.56
C SER J 33 -50.64 -55.16 -19.43
N GLY J 34 -50.45 -54.38 -18.38
CA GLY J 34 -49.12 -53.90 -18.10
C GLY J 34 -49.11 -52.59 -17.36
N PRO J 35 -47.95 -52.20 -16.86
CA PRO J 35 -47.81 -50.87 -16.24
C PRO J 35 -47.85 -49.75 -17.26
N ILE J 36 -49.05 -49.37 -17.69
CA ILE J 36 -49.23 -48.35 -18.72
C ILE J 36 -49.12 -46.98 -18.08
N PRO J 37 -48.17 -46.15 -18.53
CA PRO J 37 -47.96 -44.83 -17.92
C PRO J 37 -48.85 -43.75 -18.52
N LEU J 38 -49.69 -43.10 -17.66
CA LEU J 38 -50.54 -41.97 -17.99
C LEU J 38 -49.76 -40.66 -17.84
N PRO J 39 -50.12 -39.63 -18.60
CA PRO J 39 -49.36 -38.37 -18.54
C PRO J 39 -49.41 -37.74 -17.16
N THR J 40 -48.56 -36.74 -16.97
CA THR J 40 -48.35 -36.12 -15.67
C THR J 40 -49.03 -34.75 -15.62
N ARG J 41 -49.65 -34.45 -14.48
CA ARG J 41 -50.25 -33.15 -14.20
C ARG J 41 -49.25 -32.30 -13.45
N VAL J 42 -48.78 -31.22 -14.08
CA VAL J 42 -47.70 -30.40 -13.55
C VAL J 42 -48.29 -29.06 -13.13
N ARG J 43 -48.40 -28.83 -11.82
CA ARG J 43 -48.79 -27.53 -11.31
C ARG J 43 -47.55 -26.67 -11.13
N ARG J 44 -47.55 -25.47 -11.72
CA ARG J 44 -46.41 -24.57 -11.64
C ARG J 44 -46.76 -23.34 -10.82
N PHE J 45 -45.77 -22.85 -10.08
CA PHE J 45 -45.88 -21.69 -9.21
C PHE J 45 -44.67 -20.81 -9.45
N THR J 46 -44.91 -19.54 -9.78
CA THR J 46 -43.82 -18.58 -9.97
C THR J 46 -43.97 -17.47 -8.93
N VAL J 47 -42.91 -17.24 -8.17
CA VAL J 47 -42.92 -16.34 -7.03
C VAL J 47 -41.72 -15.42 -7.14
N ILE J 48 -41.95 -14.12 -6.94
CA ILE J 48 -40.84 -13.18 -6.86
C ILE J 48 -39.85 -13.66 -5.81
N ARG J 49 -38.56 -13.57 -6.13
CA ARG J 49 -37.55 -14.23 -5.31
C ARG J 49 -37.50 -13.65 -3.89
N GLY J 50 -37.58 -12.33 -3.76
CA GLY J 50 -37.58 -11.71 -2.46
C GLY J 50 -38.92 -11.11 -2.07
N PRO J 51 -38.99 -10.50 -0.89
CA PRO J 51 -40.12 -9.63 -0.56
C PRO J 51 -39.86 -8.23 -1.07
N PHE J 52 -40.94 -7.48 -1.31
CA PHE J 52 -40.76 -6.05 -1.54
C PHE J 52 -39.85 -5.73 -2.71
N LYS J 53 -40.39 -5.54 -3.91
CA LYS J 53 -39.93 -5.90 -5.26
C LYS J 53 -38.43 -5.88 -5.54
N HIS J 54 -38.05 -5.80 -6.82
CA HIS J 54 -37.20 -6.75 -7.52
C HIS J 54 -38.14 -7.78 -8.11
N LYS J 55 -39.18 -7.22 -8.71
CA LYS J 55 -40.15 -7.90 -9.55
C LYS J 55 -39.52 -8.89 -10.51
N ASP J 56 -38.42 -8.50 -11.16
CA ASP J 56 -37.90 -9.24 -12.30
C ASP J 56 -36.85 -10.30 -11.91
N SER J 57 -37.00 -10.93 -10.74
CA SER J 57 -36.06 -11.94 -10.27
C SER J 57 -36.70 -13.26 -9.88
N ARG J 58 -37.95 -13.51 -10.28
CA ARG J 58 -38.69 -14.63 -9.71
C ARG J 58 -38.07 -15.99 -10.05
N GLU J 59 -38.25 -16.94 -9.14
CA GLU J 59 -37.87 -18.33 -9.31
C GLU J 59 -39.10 -19.20 -9.15
N HIS J 60 -39.29 -20.17 -10.04
CA HIS J 60 -40.50 -20.98 -10.01
C HIS J 60 -40.21 -22.40 -9.53
N PHE J 61 -41.27 -23.02 -9.00
CA PHE J 61 -41.28 -24.41 -8.55
C PHE J 61 -42.41 -25.14 -9.26
N GLU J 62 -42.31 -26.48 -9.26
CA GLU J 62 -43.32 -27.30 -9.87
C GLU J 62 -43.62 -28.49 -8.97
N LEU J 63 -44.88 -28.89 -8.94
CA LEU J 63 -45.34 -30.09 -8.24
C LEU J 63 -46.00 -31.01 -9.26
N ARG J 64 -45.40 -32.17 -9.49
CA ARG J 64 -45.81 -33.07 -10.57
C ARG J 64 -46.53 -34.29 -10.01
N THR J 65 -47.72 -34.55 -10.53
CA THR J 65 -48.54 -35.69 -10.16
C THR J 65 -48.39 -36.76 -11.24
N HIS J 66 -47.65 -37.82 -10.95
CA HIS J 66 -47.46 -38.89 -11.90
C HIS J 66 -48.58 -39.92 -11.78
N ASN J 67 -48.91 -40.57 -12.90
CA ASN J 67 -50.06 -41.46 -12.99
C ASN J 67 -49.72 -42.75 -13.69
N ARG J 68 -50.32 -43.85 -13.23
CA ARG J 68 -50.09 -45.18 -13.76
C ARG J 68 -51.37 -46.00 -13.72
N LEU J 69 -51.49 -46.98 -14.63
CA LEU J 69 -52.65 -47.86 -14.72
C LEU J 69 -52.19 -49.32 -14.69
N VAL J 70 -53.09 -50.22 -14.29
CA VAL J 70 -52.70 -51.59 -13.99
C VAL J 70 -53.45 -52.64 -14.81
N ASP J 71 -54.75 -52.76 -14.60
CA ASP J 71 -55.64 -53.59 -15.44
C ASP J 71 -55.24 -55.07 -15.45
N ILE J 72 -55.49 -55.76 -14.33
CA ILE J 72 -55.45 -57.22 -14.32
C ILE J 72 -56.69 -57.77 -15.01
N ILE J 73 -56.50 -58.71 -15.93
CA ILE J 73 -57.57 -59.30 -16.71
C ILE J 73 -57.91 -60.66 -16.11
N ASN J 74 -59.12 -60.77 -15.56
CA ASN J 74 -59.67 -61.97 -14.93
C ASN J 74 -58.83 -62.48 -13.77
N PRO J 75 -58.61 -61.69 -12.72
CA PRO J 75 -57.99 -62.21 -11.51
C PRO J 75 -59.01 -62.72 -10.51
N ASN J 76 -58.68 -63.82 -9.85
CA ASN J 76 -59.68 -64.46 -8.98
C ASN J 76 -59.27 -64.52 -7.51
N ARG J 77 -58.30 -65.36 -7.14
CA ARG J 77 -57.96 -65.42 -5.72
C ARG J 77 -56.47 -65.27 -5.43
N LYS J 78 -55.66 -66.16 -5.99
CA LYS J 78 -54.23 -66.08 -5.72
C LYS J 78 -53.64 -64.78 -6.24
N THR J 79 -54.43 -64.00 -7.00
CA THR J 79 -54.12 -62.60 -7.24
C THR J 79 -54.41 -61.76 -6.01
N ILE J 80 -55.68 -61.72 -5.60
CA ILE J 80 -56.09 -60.96 -4.43
C ILE J 80 -55.48 -61.48 -3.14
N GLU J 81 -54.85 -62.67 -3.18
CA GLU J 81 -54.24 -63.25 -1.99
C GLU J 81 -53.07 -62.40 -1.50
N GLN J 82 -52.20 -61.97 -2.41
CA GLN J 82 -51.02 -61.18 -2.07
C GLN J 82 -51.27 -59.68 -2.13
N LEU J 83 -52.52 -59.25 -2.31
CA LEU J 83 -52.84 -57.85 -2.59
C LEU J 83 -53.53 -57.15 -1.42
N MET J 84 -53.69 -57.80 -0.27
CA MET J 84 -54.49 -57.17 0.79
C MET J 84 -53.71 -56.06 1.48
N THR J 85 -52.63 -56.40 2.17
CA THR J 85 -51.71 -55.40 2.70
C THR J 85 -50.32 -56.02 2.75
N LEU J 86 -49.56 -55.84 1.68
CA LEU J 86 -48.16 -56.20 1.64
C LEU J 86 -47.27 -55.08 1.13
N ASP J 87 -47.85 -53.98 0.66
CA ASP J 87 -47.08 -52.96 -0.01
C ASP J 87 -46.33 -52.09 0.99
N LEU J 88 -45.13 -51.68 0.60
CA LEU J 88 -44.25 -50.78 1.34
C LEU J 88 -44.50 -49.29 1.08
N PRO J 89 -44.69 -48.83 -0.18
CA PRO J 89 -44.57 -47.39 -0.45
C PRO J 89 -45.60 -46.52 0.27
N THR J 90 -45.19 -45.28 0.56
CA THR J 90 -45.93 -44.33 1.40
C THR J 90 -46.48 -43.14 0.63
N GLY J 91 -45.64 -42.45 -0.15
CA GLY J 91 -46.12 -41.33 -0.95
C GLY J 91 -47.06 -41.70 -2.07
N VAL J 92 -47.30 -43.00 -2.24
CA VAL J 92 -48.20 -43.51 -3.25
C VAL J 92 -49.63 -43.50 -2.73
N GLU J 93 -50.58 -43.42 -3.67
CA GLU J 93 -52.00 -43.48 -3.33
C GLU J 93 -52.72 -44.24 -4.44
N ILE J 94 -53.69 -45.06 -4.06
CA ILE J 94 -54.34 -45.99 -4.97
C ILE J 94 -55.86 -45.89 -4.80
N GLU J 95 -56.57 -46.02 -5.92
CA GLU J 95 -58.03 -46.15 -5.94
C GLU J 95 -58.40 -47.37 -6.77
N ILE J 96 -59.63 -47.85 -6.58
CA ILE J 96 -60.13 -49.02 -7.30
C ILE J 96 -61.56 -48.73 -7.77
N LYS J 97 -61.88 -49.12 -8.99
CA LYS J 97 -63.23 -48.99 -9.53
C LYS J 97 -63.54 -50.20 -10.40
N THR J 98 -64.79 -50.64 -10.37
CA THR J 98 -65.22 -51.78 -11.17
C THR J 98 -66.64 -51.56 -11.69
N LYS K 1 2.27 29.63 -77.45
CA LYS K 1 2.83 30.68 -78.29
C LYS K 1 4.35 30.63 -78.35
N ARG K 2 4.96 29.71 -77.59
CA ARG K 2 6.40 29.64 -77.44
C ARG K 2 7.02 28.44 -78.14
N GLN K 3 6.40 27.26 -78.02
CA GLN K 3 6.95 25.99 -78.51
C GLN K 3 8.28 25.66 -77.83
N VAL K 4 8.18 25.41 -76.52
CA VAL K 4 9.37 25.05 -75.73
C VAL K 4 9.67 23.57 -75.85
N ALA K 5 8.67 22.72 -75.59
CA ALA K 5 8.70 21.28 -75.81
C ALA K 5 9.68 20.52 -74.93
N SER K 6 10.38 21.19 -74.01
CA SER K 6 11.30 20.53 -73.09
C SER K 6 11.61 21.50 -71.96
N GLY K 7 11.62 21.02 -70.73
CA GLY K 7 11.87 21.92 -69.62
C GLY K 7 11.65 21.27 -68.26
N ARG K 8 11.46 22.14 -67.26
CA ARG K 8 11.46 21.76 -65.86
C ARG K 8 10.07 21.90 -65.24
N ALA K 9 9.80 21.05 -64.24
CA ALA K 9 8.57 21.11 -63.47
C ALA K 9 8.92 21.09 -61.99
N TYR K 10 8.56 22.15 -61.28
CA TYR K 10 8.85 22.30 -59.86
C TYR K 10 7.59 22.03 -59.05
N ILE K 11 7.66 21.07 -58.14
CA ILE K 11 6.56 20.77 -57.23
C ILE K 11 6.90 21.36 -55.87
N HIS K 12 6.19 22.40 -55.47
CA HIS K 12 6.34 22.98 -54.14
C HIS K 12 5.25 22.40 -53.26
N ALA K 13 5.63 21.52 -52.33
CA ALA K 13 4.68 20.77 -51.53
C ALA K 13 4.85 21.14 -50.07
N SER K 14 3.87 21.82 -49.52
CA SER K 14 3.81 22.12 -48.09
C SER K 14 2.64 21.35 -47.49
N TYR K 15 2.48 21.50 -46.18
CA TYR K 15 1.37 20.81 -45.52
C TYR K 15 0.06 21.53 -45.74
N ASN K 16 0.11 22.78 -46.19
CA ASN K 16 -1.10 23.56 -46.43
C ASN K 16 -1.45 23.67 -47.90
N ASN K 17 -0.59 23.21 -48.81
CA ASN K 17 -0.85 23.34 -50.23
C ASN K 17 0.20 22.57 -51.01
N THR K 18 -0.15 22.20 -52.23
CA THR K 18 0.77 21.63 -53.20
C THR K 18 0.60 22.42 -54.48
N ILE K 19 1.68 23.01 -54.99
CA ILE K 19 1.61 23.92 -56.12
C ILE K 19 2.74 23.63 -57.10
N VAL K 20 2.41 23.66 -58.39
CA VAL K 20 3.25 23.14 -59.46
C VAL K 20 3.52 24.25 -60.47
N THR K 21 4.80 24.47 -60.77
CA THR K 21 5.23 25.41 -61.78
C THR K 21 5.98 24.67 -62.89
N ILE K 22 5.81 25.11 -64.13
CA ILE K 22 6.48 24.51 -65.27
C ILE K 22 7.21 25.61 -66.04
N THR K 23 8.51 25.40 -66.27
CA THR K 23 9.39 26.39 -66.86
C THR K 23 10.04 25.84 -68.13
N ASP K 24 10.87 26.68 -68.77
CA ASP K 24 11.65 26.26 -69.92
C ASP K 24 13.01 25.80 -69.41
N PRO K 25 13.91 25.28 -70.28
CA PRO K 25 15.20 24.80 -69.76
C PRO K 25 15.99 25.83 -68.96
N ASP K 26 15.87 27.11 -69.30
CA ASP K 26 16.63 28.14 -68.59
C ASP K 26 16.10 28.41 -67.18
N GLY K 27 14.88 27.98 -66.89
CA GLY K 27 14.27 28.16 -65.59
C GLY K 27 13.08 29.11 -65.59
N ASN K 28 12.95 29.95 -66.61
CA ASN K 28 11.85 30.92 -66.63
C ASN K 28 10.52 30.18 -66.84
N PRO K 29 9.49 30.51 -66.06
CA PRO K 29 8.27 29.67 -66.06
C PRO K 29 7.44 29.84 -67.31
N ILE K 30 6.51 28.89 -67.50
CA ILE K 30 5.61 28.86 -68.65
C ILE K 30 4.17 29.00 -68.20
N THR K 31 3.70 28.03 -67.42
CA THR K 31 2.39 28.05 -66.79
C THR K 31 2.53 27.44 -65.42
N TRP K 32 1.44 27.46 -64.66
CA TRP K 32 1.46 26.88 -63.33
C TRP K 32 0.04 26.68 -62.84
N SER K 33 -0.08 25.82 -61.84
CA SER K 33 -1.34 25.56 -61.16
C SER K 33 -1.06 25.42 -59.66
N SER K 34 -2.11 25.14 -58.90
CA SER K 34 -2.00 24.99 -57.46
C SER K 34 -3.32 24.44 -56.93
N GLY K 35 -3.35 24.20 -55.62
CA GLY K 35 -4.57 23.77 -54.98
C GLY K 35 -5.67 24.81 -55.03
N GLY K 36 -5.29 26.10 -55.00
CA GLY K 36 -6.28 27.14 -55.10
C GLY K 36 -6.69 27.46 -56.51
N VAL K 37 -5.81 27.20 -57.49
CA VAL K 37 -6.16 27.47 -58.88
C VAL K 37 -7.34 26.62 -59.30
N ILE K 38 -7.26 25.31 -59.05
CA ILE K 38 -8.45 24.49 -59.14
C ILE K 38 -9.35 24.87 -57.97
N GLY K 39 -10.61 24.41 -57.99
CA GLY K 39 -11.63 25.03 -57.15
C GLY K 39 -11.36 25.02 -55.66
N TYR K 40 -10.43 24.20 -55.18
CA TYR K 40 -10.31 23.98 -53.73
C TYR K 40 -9.87 25.25 -53.00
N LYS K 41 -10.39 25.44 -51.78
CA LYS K 41 -10.22 26.72 -51.10
C LYS K 41 -9.44 26.61 -49.79
N GLY K 42 -9.88 25.76 -48.86
CA GLY K 42 -9.28 25.77 -47.54
C GLY K 42 -8.17 24.76 -47.31
N SER K 43 -8.36 23.94 -46.27
CA SER K 43 -7.44 22.85 -46.01
C SER K 43 -7.43 21.81 -47.12
N ARG K 44 -8.45 21.80 -47.98
CA ARG K 44 -8.52 20.82 -49.05
C ARG K 44 -7.36 20.95 -50.05
N LYS K 45 -6.73 22.14 -50.14
CA LYS K 45 -5.68 22.31 -51.14
C LYS K 45 -4.44 21.48 -50.82
N GLY K 46 -4.18 21.23 -49.54
CA GLY K 46 -3.04 20.44 -49.15
C GLY K 46 -3.35 18.96 -49.07
N THR K 47 -4.27 18.52 -49.92
CA THR K 47 -4.63 17.12 -50.01
C THR K 47 -3.96 16.49 -51.22
N PRO K 48 -3.76 15.17 -51.23
CA PRO K 48 -3.19 14.51 -52.41
C PRO K 48 -4.01 14.68 -53.67
N TYR K 49 -5.35 14.74 -53.54
CA TYR K 49 -6.20 14.98 -54.70
C TYR K 49 -5.90 16.34 -55.31
N ALA K 50 -6.06 17.40 -54.53
CA ALA K 50 -5.69 18.73 -54.99
C ALA K 50 -4.28 18.73 -55.56
N ALA K 51 -3.36 18.03 -54.90
CA ALA K 51 -2.02 17.88 -55.45
C ALA K 51 -2.06 17.26 -56.85
N GLN K 52 -2.89 16.24 -57.02
CA GLN K 52 -3.01 15.59 -58.32
C GLN K 52 -3.58 16.54 -59.36
N LEU K 53 -4.77 17.09 -59.11
CA LEU K 53 -5.43 17.95 -60.08
C LEU K 53 -4.61 19.19 -60.40
N ALA K 54 -3.85 19.70 -59.43
CA ALA K 54 -2.99 20.84 -59.70
C ALA K 54 -1.85 20.45 -60.63
N ALA K 55 -1.20 19.32 -60.37
CA ALA K 55 -0.14 18.84 -61.25
C ALA K 55 -0.67 18.64 -62.66
N LEU K 56 -1.89 18.12 -62.79
CA LEU K 56 -2.43 17.84 -64.12
C LEU K 56 -2.95 19.10 -64.79
N ASP K 57 -3.42 20.09 -64.02
CA ASP K 57 -3.86 21.33 -64.63
C ASP K 57 -2.70 22.03 -65.33
N ALA K 58 -1.55 22.12 -64.65
CA ALA K 58 -0.37 22.72 -65.27
C ALA K 58 0.17 21.84 -66.39
N ALA K 59 -0.01 20.52 -66.28
CA ALA K 59 0.50 19.61 -67.30
C ALA K 59 -0.27 19.73 -68.60
N LYS K 60 -1.55 20.06 -68.53
CA LYS K 60 -2.31 20.34 -69.75
C LYS K 60 -2.09 21.77 -70.24
N LYS K 61 -1.84 22.71 -69.32
CA LYS K 61 -1.48 24.06 -69.73
C LYS K 61 -0.16 24.07 -70.49
N ALA K 62 0.76 23.17 -70.14
CA ALA K 62 2.02 23.08 -70.85
C ALA K 62 1.91 22.39 -72.20
N MET K 63 0.90 21.56 -72.40
CA MET K 63 0.68 20.96 -73.72
C MET K 63 0.39 22.04 -74.75
N ALA K 64 -0.24 23.15 -74.33
CA ALA K 64 -0.53 24.25 -75.24
C ALA K 64 0.74 24.78 -75.88
N TYR K 65 1.73 25.15 -75.06
CA TYR K 65 3.01 25.54 -75.61
C TYR K 65 3.80 24.37 -76.16
N GLY K 66 3.22 23.17 -76.15
CA GLY K 66 3.82 22.04 -76.85
C GLY K 66 4.80 21.22 -76.04
N MET K 67 4.69 21.21 -74.72
CA MET K 67 5.66 20.47 -73.91
C MET K 67 5.52 18.96 -74.10
N GLN K 68 6.65 18.28 -74.26
CA GLN K 68 6.69 16.83 -74.17
C GLN K 68 7.63 16.34 -73.07
N SER K 69 8.87 16.79 -73.06
CA SER K 69 9.86 16.33 -72.08
C SER K 69 9.86 17.24 -70.84
N VAL K 70 9.92 16.61 -69.68
CA VAL K 70 9.75 17.32 -68.40
C VAL K 70 10.74 16.79 -67.38
N ASP K 71 11.47 17.70 -66.75
CA ASP K 71 12.40 17.36 -65.68
C ASP K 71 11.79 17.81 -64.36
N VAL K 72 11.55 16.87 -63.46
CA VAL K 72 10.80 17.13 -62.24
C VAL K 72 11.76 17.53 -61.13
N ILE K 73 11.38 18.58 -60.40
CA ILE K 73 12.10 19.06 -59.23
C ILE K 73 11.10 19.20 -58.09
N VAL K 74 11.49 18.75 -56.90
CA VAL K 74 10.59 18.65 -55.76
C VAL K 74 11.16 19.40 -54.56
N ARG K 75 10.35 20.27 -53.95
CA ARG K 75 10.75 20.98 -52.74
C ARG K 75 9.64 20.88 -51.71
N GLY K 76 10.02 20.44 -50.51
CA GLY K 76 9.12 20.37 -49.38
C GLY K 76 8.58 18.98 -49.13
N THR K 77 8.32 18.69 -47.86
CA THR K 77 7.49 17.55 -47.50
C THR K 77 6.06 18.01 -47.44
N GLY K 78 5.17 17.17 -47.97
CA GLY K 78 3.77 17.52 -47.90
C GLY K 78 2.90 16.35 -48.29
N ALA K 79 1.67 16.35 -47.81
CA ALA K 79 0.68 15.43 -48.34
C ALA K 79 0.60 15.62 -49.84
N GLY K 80 0.60 14.51 -50.57
CA GLY K 80 0.52 14.61 -52.01
C GLY K 80 1.74 15.22 -52.68
N ARG K 81 2.87 15.29 -51.99
CA ARG K 81 4.13 15.52 -52.70
C ARG K 81 4.37 14.38 -53.69
N GLU K 82 4.21 13.14 -53.21
CA GLU K 82 4.34 11.99 -54.09
C GLU K 82 3.16 11.89 -55.06
N GLN K 83 1.95 12.22 -54.61
CA GLN K 83 0.78 12.10 -55.46
C GLN K 83 0.82 13.06 -56.63
N ALA K 84 1.46 14.22 -56.46
CA ALA K 84 1.62 15.13 -57.59
C ALA K 84 2.65 14.61 -58.57
N ILE K 85 3.70 13.96 -58.07
CA ILE K 85 4.64 13.29 -58.96
C ILE K 85 3.96 12.17 -59.73
N ARG K 86 3.30 11.25 -59.02
CA ARG K 86 2.63 10.15 -59.68
C ARG K 86 1.63 10.65 -60.71
N ALA K 87 0.96 11.77 -60.40
CA ALA K 87 0.10 12.40 -61.40
C ALA K 87 0.90 12.93 -62.58
N LEU K 88 2.06 13.51 -62.32
CA LEU K 88 2.86 14.10 -63.37
C LEU K 88 3.38 13.06 -64.37
N GLN K 89 3.66 11.85 -63.89
CA GLN K 89 4.15 10.82 -64.79
C GLN K 89 3.06 10.38 -65.76
N ALA K 90 1.84 10.22 -65.27
CA ALA K 90 0.72 9.78 -66.09
C ALA K 90 0.11 10.90 -66.93
N SER K 91 0.61 12.13 -66.80
CA SER K 91 0.07 13.28 -67.51
C SER K 91 0.31 13.24 -69.00
N GLY K 92 0.98 12.20 -69.52
CA GLY K 92 1.43 12.18 -70.88
C GLY K 92 2.79 12.83 -71.07
N LEU K 93 3.09 13.86 -70.27
CA LEU K 93 4.44 14.39 -70.24
C LEU K 93 5.42 13.30 -69.87
N GLN K 94 6.33 13.00 -70.78
CA GLN K 94 7.37 12.03 -70.50
C GLN K 94 8.32 12.62 -69.47
N VAL K 95 8.39 11.98 -68.30
CA VAL K 95 9.17 12.51 -67.18
C VAL K 95 10.63 12.10 -67.35
N LYS K 96 11.51 13.09 -67.54
CA LYS K 96 12.92 12.83 -67.82
C LYS K 96 13.66 12.35 -66.56
N SER K 97 13.54 13.10 -65.47
CA SER K 97 14.22 12.78 -64.22
C SER K 97 13.46 13.37 -63.05
N ILE K 98 13.79 12.91 -61.84
CA ILE K 98 13.19 13.44 -60.62
C ILE K 98 14.30 13.73 -59.61
N VAL K 99 14.27 14.93 -59.05
CA VAL K 99 15.29 15.44 -58.15
C VAL K 99 14.60 16.07 -56.95
N ASP K 100 15.12 15.83 -55.75
CA ASP K 100 14.60 16.46 -54.53
C ASP K 100 15.59 17.54 -54.11
N ASP K 101 15.16 18.80 -54.19
CA ASP K 101 16.02 19.95 -53.96
C ASP K 101 15.56 20.77 -52.74
N THR K 102 14.83 20.15 -51.82
CA THR K 102 14.26 20.83 -50.66
C THR K 102 15.34 21.57 -49.89
N PRO K 103 15.23 22.90 -49.74
CA PRO K 103 16.30 23.66 -49.09
C PRO K 103 16.34 23.38 -47.59
N VAL K 104 17.52 23.02 -47.10
CA VAL K 104 17.76 22.84 -45.68
C VAL K 104 18.84 23.84 -45.28
N PRO K 105 18.61 24.67 -44.27
CA PRO K 105 19.68 25.54 -43.77
C PRO K 105 20.67 24.73 -42.95
N HIS K 106 21.86 25.29 -42.83
CA HIS K 106 22.93 24.72 -42.00
C HIS K 106 22.83 25.24 -40.58
N ASN K 107 21.59 25.40 -40.10
CA ASN K 107 21.22 25.97 -38.82
C ASN K 107 21.59 27.45 -38.73
N GLY K 108 20.96 28.26 -39.57
CA GLY K 108 21.30 29.66 -39.63
C GLY K 108 20.29 30.63 -39.06
N CYS K 109 19.01 30.34 -39.17
CA CYS K 109 17.96 31.28 -38.81
C CYS K 109 17.06 30.71 -37.72
N ARG K 110 16.66 31.55 -36.79
CA ARG K 110 15.84 31.06 -35.70
C ARG K 110 14.44 30.80 -36.19
N PRO K 111 13.92 29.59 -36.04
CA PRO K 111 12.57 29.29 -36.54
C PRO K 111 11.52 29.87 -35.60
N LYS K 112 10.30 29.91 -36.12
CA LYS K 112 9.16 30.30 -35.30
C LYS K 112 8.92 29.25 -34.22
N LYS K 113 8.34 29.69 -33.10
CA LYS K 113 8.02 28.78 -32.00
C LYS K 113 7.25 27.55 -32.48
N LYS K 114 6.44 27.72 -33.55
CA LYS K 114 5.71 26.60 -34.13
C LYS K 114 6.64 25.45 -34.51
N PHE K 115 7.80 25.77 -35.09
CA PHE K 115 8.82 24.77 -35.42
C PHE K 115 9.85 24.62 -34.32
N ARG K 116 9.50 24.98 -33.08
CA ARG K 116 10.40 24.81 -31.96
C ARG K 116 9.67 24.16 -30.77
N PRO L 1 30.53 18.91 12.24
CA PRO L 1 31.47 19.97 12.60
C PRO L 1 32.79 19.41 13.09
N THR L 2 33.90 19.76 12.43
CA THR L 2 35.20 19.33 12.94
C THR L 2 35.38 19.85 14.36
N ILE L 3 36.25 19.18 15.12
CA ILE L 3 36.59 19.68 16.43
C ILE L 3 37.10 21.12 16.34
N ASN L 4 37.95 21.39 15.34
CA ASN L 4 38.40 22.76 15.13
C ASN L 4 37.24 23.72 15.01
N GLN L 5 36.27 23.38 14.15
CA GLN L 5 35.05 24.19 14.05
C GLN L 5 34.38 24.36 15.40
N LEU L 6 34.18 23.25 16.13
CA LEU L 6 33.51 23.34 17.42
C LEU L 6 34.25 24.24 18.39
N VAL L 7 35.57 24.39 18.23
CA VAL L 7 36.29 25.35 19.06
C VAL L 7 36.05 26.77 18.57
N ARG L 8 35.98 26.95 17.24
CA ARG L 8 35.82 28.30 16.68
C ARG L 8 34.42 28.85 16.94
N LYS L 9 33.40 28.01 16.82
CA LYS L 9 32.02 28.47 16.92
C LYS L 9 31.28 27.84 18.10
N GLY L 10 31.38 26.54 18.26
CA GLY L 10 30.71 25.87 19.35
C GLY L 10 29.22 25.68 19.08
N ARG L 11 28.59 24.90 19.95
CA ARG L 11 27.15 24.68 19.87
C ARG L 11 26.39 25.95 20.26
N GLU L 12 25.06 25.87 20.18
CA GLU L 12 24.20 27.00 20.46
C GLU L 12 23.00 26.48 21.24
N LYS L 13 22.88 26.88 22.51
CA LYS L 13 21.74 26.44 23.31
C LYS L 13 20.46 27.02 22.74
N VAL L 14 19.37 26.26 22.88
CA VAL L 14 18.10 26.60 22.27
C VAL L 14 17.24 27.37 23.26
N ARG L 15 16.95 28.63 22.94
CA ARG L 15 16.13 29.48 23.81
C ARG L 15 14.67 29.09 23.67
N LYS L 16 14.06 28.63 24.76
CA LYS L 16 12.65 28.24 24.72
C LYS L 16 11.77 29.47 24.93
N LYS L 17 10.88 29.72 23.98
CA LYS L 17 9.95 30.84 24.11
C LYS L 17 8.77 30.42 24.98
N SER L 18 8.44 31.25 25.95
CA SER L 18 7.31 30.96 26.82
C SER L 18 6.02 30.92 26.02
N LYS L 19 5.14 30.00 26.40
CA LYS L 19 3.83 29.87 25.80
C LYS L 19 2.78 30.67 26.55
N VAL L 20 3.15 31.30 27.64
CA VAL L 20 2.23 32.03 28.50
C VAL L 20 2.91 33.32 28.94
N PRO L 21 2.69 34.43 28.24
CA PRO L 21 3.12 35.75 28.76
C PRO L 21 2.17 36.34 29.80
N ALA L 22 1.89 35.56 30.84
CA ALA L 22 1.49 36.15 32.12
C ALA L 22 2.76 36.74 32.71
N LEU L 23 2.93 38.05 32.56
CA LEU L 23 4.23 38.68 32.78
C LEU L 23 4.69 38.47 34.22
N LYS L 24 5.90 38.97 34.51
CA LYS L 24 6.67 38.58 35.68
C LYS L 24 6.71 37.06 35.82
N GLY L 25 6.42 36.35 34.72
CA GLY L 25 6.33 34.91 34.69
C GLY L 25 5.53 34.34 35.84
N ALA L 26 4.54 35.09 36.31
CA ALA L 26 3.85 34.75 37.54
C ALA L 26 2.95 33.52 37.35
N PRO L 27 2.58 32.86 38.46
CA PRO L 27 1.69 31.68 38.35
C PRO L 27 0.26 32.03 38.00
N PHE L 28 -0.23 33.21 38.39
CA PHE L 28 -1.51 33.73 37.94
C PHE L 28 -1.39 35.24 37.77
N ARG L 29 -2.47 35.86 37.34
CA ARG L 29 -2.52 37.32 37.25
C ARG L 29 -3.99 37.72 37.30
N ARG L 30 -4.30 38.75 38.07
CA ARG L 30 -5.68 39.21 38.19
C ARG L 30 -5.96 40.28 37.14
N GLY L 31 -7.15 40.20 36.54
CA GLY L 31 -7.55 41.13 35.52
C GLY L 31 -9.03 41.40 35.57
N VAL L 32 -9.42 42.45 34.84
CA VAL L 32 -10.80 42.88 34.74
C VAL L 32 -11.31 42.55 33.34
N CYS L 33 -12.55 42.11 33.24
CA CYS L 33 -13.09 41.68 31.96
C CYS L 33 -13.53 42.87 31.12
N THR L 34 -13.41 42.70 29.80
CA THR L 34 -13.90 43.67 28.83
C THR L 34 -15.22 43.22 28.22
N VAL L 35 -15.24 42.04 27.60
CA VAL L 35 -16.47 41.45 27.09
C VAL L 35 -16.55 40.01 27.62
N VAL L 36 -17.77 39.47 27.56
CA VAL L 36 -18.00 38.05 27.73
C VAL L 36 -18.68 37.58 26.46
N ARG L 37 -17.99 36.73 25.69
CA ARG L 37 -18.42 36.33 24.36
C ARG L 37 -18.71 34.83 24.33
N THR L 38 -19.11 34.37 23.15
CA THR L 38 -19.28 32.95 22.83
C THR L 38 -18.69 32.73 21.44
N VAL L 39 -17.68 31.87 21.35
CA VAL L 39 -16.86 31.77 20.16
C VAL L 39 -17.12 30.46 19.44
N THR L 40 -17.27 30.54 18.12
CA THR L 40 -17.37 29.36 17.26
C THR L 40 -16.02 28.66 17.19
N PRO L 41 -15.95 27.34 17.43
CA PRO L 41 -14.65 26.65 17.55
C PRO L 41 -13.99 26.25 16.24
N LYS L 42 -12.87 25.52 16.35
CA LYS L 42 -12.06 25.08 15.21
C LYS L 42 -12.75 23.93 14.49
N LYS L 43 -12.06 23.34 13.52
CA LYS L 43 -12.76 22.60 12.46
C LYS L 43 -13.51 21.37 12.94
N PRO L 44 -12.89 20.36 13.57
CA PRO L 44 -13.60 19.10 13.79
C PRO L 44 -14.78 19.19 14.77
N ASN L 45 -14.94 20.31 15.48
CA ASN L 45 -15.95 20.44 16.52
C ASN L 45 -16.79 21.70 16.32
N SER L 46 -17.85 21.82 17.11
CA SER L 46 -18.75 22.97 17.11
C SER L 46 -19.46 23.06 18.46
N ALA L 47 -19.57 24.27 18.98
CA ALA L 47 -20.32 24.57 20.21
C ALA L 47 -20.35 26.10 20.37
N LEU L 48 -20.84 26.57 21.51
CA LEU L 48 -20.75 27.97 21.89
C LEU L 48 -19.87 28.04 23.14
N ARG L 49 -18.61 28.43 22.94
CA ARG L 49 -17.63 28.43 24.02
C ARG L 49 -17.59 29.82 24.65
N LYS L 50 -17.74 29.87 25.97
CA LYS L 50 -17.76 31.13 26.70
C LYS L 50 -16.34 31.59 26.99
N VAL L 51 -16.01 32.83 26.59
CA VAL L 51 -14.68 33.39 26.74
C VAL L 51 -14.81 34.81 27.33
N ALA L 52 -13.65 35.43 27.58
CA ALA L 52 -13.60 36.76 28.18
C ALA L 52 -12.33 37.49 27.77
N LYS L 53 -12.48 38.73 27.28
CA LYS L 53 -11.34 39.63 27.12
C LYS L 53 -11.01 40.24 28.47
N VAL L 54 -9.73 40.30 28.81
CA VAL L 54 -9.29 40.69 30.14
C VAL L 54 -8.16 41.69 30.02
N ARG L 55 -8.25 42.79 30.76
CA ARG L 55 -7.14 43.70 30.97
C ARG L 55 -6.40 43.26 32.23
N LEU L 56 -5.07 43.18 32.16
CA LEU L 56 -4.27 42.55 33.21
C LEU L 56 -3.46 43.56 34.00
N THR L 57 -3.08 43.16 35.22
CA THR L 57 -2.16 43.96 36.02
C THR L 57 -0.77 43.98 35.40
N SER L 58 -0.49 43.10 34.45
CA SER L 58 0.71 43.14 33.63
C SER L 58 0.59 44.10 32.46
N GLY L 59 -0.54 44.79 32.33
CA GLY L 59 -0.76 45.68 31.21
C GLY L 59 -1.13 44.99 29.92
N TYR L 60 -1.62 43.75 30.01
CA TYR L 60 -1.93 42.92 28.85
C TYR L 60 -3.44 42.80 28.68
N GLU L 61 -3.86 42.54 27.44
CA GLU L 61 -5.28 42.36 27.09
C GLU L 61 -5.40 41.06 26.28
N VAL L 62 -5.93 40.01 26.92
CA VAL L 62 -5.94 38.68 26.33
C VAL L 62 -7.27 37.98 26.61
N THR L 63 -7.61 37.05 25.72
CA THR L 63 -8.78 36.21 25.86
C THR L 63 -8.54 35.14 26.92
N ALA L 64 -9.61 34.75 27.62
CA ALA L 64 -9.52 33.70 28.62
C ALA L 64 -10.78 32.84 28.58
N TYR L 65 -10.60 31.53 28.74
CA TYR L 65 -11.71 30.60 28.72
C TYR L 65 -12.39 30.55 30.08
N ILE L 66 -13.72 30.49 30.07
CA ILE L 66 -14.53 30.37 31.28
C ILE L 66 -14.96 28.91 31.42
N PRO L 67 -14.34 28.13 32.30
CA PRO L 67 -14.72 26.72 32.42
C PRO L 67 -16.08 26.56 33.08
N GLY L 68 -16.54 25.32 33.21
CA GLY L 68 -17.75 25.04 33.95
C GLY L 68 -19.01 25.14 33.11
N GLU L 69 -20.12 24.69 33.71
CA GLU L 69 -21.38 24.61 32.98
C GLU L 69 -22.02 25.99 32.81
N GLY L 70 -21.94 26.84 33.82
CA GLY L 70 -22.50 28.17 33.73
C GLY L 70 -21.70 29.16 34.54
N HIS L 71 -21.62 30.40 34.03
CA HIS L 71 -20.82 31.44 34.65
C HIS L 71 -21.70 32.63 35.04
N ASN L 72 -21.24 33.35 36.06
CA ASN L 72 -21.84 34.60 36.51
C ASN L 72 -21.05 35.81 36.04
N LEU L 73 -20.09 35.61 35.13
CA LEU L 73 -19.16 36.68 34.75
C LEU L 73 -19.83 37.72 33.89
N GLN L 74 -19.71 38.98 34.31
CA GLN L 74 -20.37 40.11 33.68
C GLN L 74 -19.34 40.96 32.94
N GLU L 75 -19.81 42.11 32.44
CA GLU L 75 -18.95 42.94 31.60
C GLU L 75 -17.83 43.55 32.42
N HIS L 76 -18.10 43.96 33.66
CA HIS L 76 -17.14 44.69 34.48
C HIS L 76 -16.53 43.87 35.60
N SER L 77 -16.77 42.55 35.64
CA SER L 77 -16.29 41.75 36.75
C SER L 77 -14.78 41.52 36.65
N VAL L 78 -14.14 41.34 37.82
CA VAL L 78 -12.70 41.07 37.90
C VAL L 78 -12.51 39.60 38.21
N VAL L 79 -11.41 39.05 37.71
CA VAL L 79 -11.24 37.61 37.60
C VAL L 79 -9.75 37.30 37.74
N LEU L 80 -9.41 36.02 37.91
CA LEU L 80 -8.03 35.57 37.99
C LEU L 80 -7.73 34.58 36.86
N ILE L 81 -6.58 34.79 36.21
CA ILE L 81 -6.17 34.04 35.03
C ILE L 81 -5.29 32.87 35.46
N ARG L 82 -5.45 31.73 34.79
CA ARG L 82 -4.75 30.50 35.13
C ARG L 82 -3.65 30.12 34.13
N GLY L 83 -3.96 30.15 32.84
CA GLY L 83 -3.03 29.57 31.88
C GLY L 83 -3.38 28.13 31.55
N GLY L 84 -2.95 27.71 30.36
CA GLY L 84 -3.41 26.45 29.81
C GLY L 84 -4.36 26.70 28.65
N ARG L 85 -4.05 26.10 27.51
CA ARG L 85 -4.71 26.46 26.27
C ARG L 85 -5.97 25.65 26.08
N VAL L 86 -6.96 26.29 25.47
CA VAL L 86 -8.09 25.58 24.87
C VAL L 86 -7.66 25.16 23.47
N LYS L 87 -7.53 23.87 23.26
CA LYS L 87 -6.97 23.35 22.02
C LYS L 87 -7.76 23.77 20.78
N LEU L 89 -9.84 26.39 20.21
CA LEU L 89 -10.13 27.80 20.00
C LEU L 89 -8.83 28.55 19.80
N PRO L 90 -8.55 29.00 18.58
CA PRO L 90 -7.25 29.62 18.32
C PRO L 90 -7.11 30.92 19.09
N GLY L 91 -5.92 31.13 19.66
CA GLY L 91 -5.59 32.37 20.33
C GLY L 91 -6.00 32.45 21.79
N VAL L 92 -6.64 31.41 22.33
CA VAL L 92 -7.06 31.38 23.72
C VAL L 92 -6.00 30.60 24.49
N ARG L 93 -5.13 31.30 25.20
CA ARG L 93 -3.97 30.68 25.85
C ARG L 93 -4.12 30.55 27.36
N TYR L 94 -5.16 31.13 27.95
CA TYR L 94 -5.26 31.19 29.41
C TYR L 94 -6.66 30.81 29.84
N HIS L 95 -6.76 29.91 30.81
CA HIS L 95 -8.03 29.61 31.45
C HIS L 95 -8.34 30.65 32.52
N ILE L 96 -9.53 30.55 33.09
CA ILE L 96 -9.97 31.43 34.17
C ILE L 96 -10.24 30.58 35.40
N VAL L 97 -9.80 31.06 36.54
CA VAL L 97 -10.03 30.36 37.79
C VAL L 97 -11.47 30.59 38.23
N ARG L 98 -12.21 29.51 38.43
CA ARG L 98 -13.55 29.60 38.98
C ARG L 98 -13.47 29.42 40.49
N GLY L 99 -14.29 30.18 41.21
CA GLY L 99 -14.11 30.29 42.64
C GLY L 99 -13.10 31.35 43.04
N VAL L 100 -12.94 32.37 42.21
CA VAL L 100 -12.09 33.51 42.54
C VAL L 100 -13.00 34.74 42.59
N TYR L 101 -12.40 35.92 42.78
CA TYR L 101 -13.09 37.09 43.31
C TYR L 101 -14.54 37.23 42.86
N ASP L 102 -14.78 37.41 41.55
CA ASP L 102 -16.11 37.68 41.06
C ASP L 102 -16.68 36.55 40.21
N ALA L 103 -15.93 35.46 40.04
CA ALA L 103 -16.35 34.32 39.25
C ALA L 103 -16.69 33.19 40.22
N ALA L 104 -17.98 33.02 40.50
CA ALA L 104 -18.39 31.98 41.44
C ALA L 104 -18.05 30.61 40.87
N GLY L 105 -18.10 29.61 41.74
CA GLY L 105 -17.97 28.23 41.31
C GLY L 105 -19.24 27.71 40.67
N VAL L 106 -19.13 26.52 40.10
CA VAL L 106 -20.26 25.94 39.38
C VAL L 106 -21.23 25.35 40.41
N LYS L 107 -22.47 25.81 40.37
CA LYS L 107 -23.48 25.29 41.27
C LYS L 107 -23.70 23.80 41.02
N ASP L 108 -23.92 23.05 42.10
CA ASP L 108 -24.35 21.65 42.06
C ASP L 108 -23.34 20.72 41.39
N ARG L 109 -22.07 21.12 41.35
CA ARG L 109 -21.02 20.32 40.76
C ARG L 109 -20.45 19.41 41.84
N LYS L 110 -20.61 18.09 41.68
CA LYS L 110 -20.34 17.18 42.78
C LYS L 110 -19.12 16.29 42.57
N LYS L 111 -18.57 16.19 41.37
CA LYS L 111 -17.47 15.24 41.12
C LYS L 111 -16.09 15.88 41.28
N SER L 112 -15.74 16.82 40.42
CA SER L 112 -14.40 17.42 40.42
C SER L 112 -14.53 18.85 40.95
N ARG L 113 -14.37 19.02 42.26
CA ARG L 113 -14.64 20.31 42.87
C ARG L 113 -13.40 21.15 43.12
N SER L 114 -12.21 20.55 43.13
CA SER L 114 -10.98 21.35 43.17
C SER L 114 -10.90 22.25 41.95
N LYS L 115 -10.95 21.65 40.77
CA LYS L 115 -11.27 22.40 39.57
C LYS L 115 -12.71 22.88 39.66
N TYR L 116 -12.99 24.05 39.07
CA TYR L 116 -14.31 24.69 39.03
C TYR L 116 -14.75 25.26 40.39
N GLY L 117 -13.91 25.16 41.43
CA GLY L 117 -14.02 25.94 42.65
C GLY L 117 -15.35 25.93 43.37
N THR L 118 -15.74 24.79 43.93
CA THR L 118 -17.00 24.63 44.65
C THR L 118 -16.77 23.88 45.95
N LYS L 119 -17.54 24.25 46.98
CA LYS L 119 -17.30 23.72 48.31
C LYS L 119 -17.90 22.32 48.43
N LYS L 120 -17.67 21.70 49.60
CA LYS L 120 -18.15 20.34 49.89
C LYS L 120 -19.54 20.42 50.51
N PRO L 121 -20.55 19.79 49.92
CA PRO L 121 -21.91 19.87 50.46
C PRO L 121 -22.14 18.93 51.64
N LYS L 122 -23.26 19.13 52.32
CA LYS L 122 -23.65 18.34 53.47
C LYS L 122 -24.64 17.26 53.07
N GLU L 123 -24.64 16.17 53.84
CA GLU L 123 -25.53 15.04 53.58
C GLU L 123 -26.26 14.67 54.86
N ALA L 124 -27.58 14.62 54.78
CA ALA L 124 -28.42 14.36 55.95
C ALA L 124 -28.80 12.89 56.03
N ALA M 1 -80.76 11.82 -54.46
CA ALA M 1 -81.46 10.85 -53.62
C ALA M 1 -81.40 11.28 -52.16
N ARG M 2 -82.51 11.84 -51.67
CA ARG M 2 -82.59 12.43 -50.33
C ARG M 2 -83.56 11.60 -49.49
N ILE M 3 -83.02 10.86 -48.52
CA ILE M 3 -83.84 9.91 -47.76
C ILE M 3 -84.39 10.55 -46.50
N ALA M 4 -83.49 10.92 -45.59
CA ALA M 4 -83.88 11.52 -44.33
C ALA M 4 -84.12 13.01 -44.56
N GLY M 5 -84.21 13.78 -43.49
CA GLY M 5 -84.00 15.21 -43.61
C GLY M 5 -82.76 15.41 -44.46
N VAL M 6 -82.62 16.57 -45.08
CA VAL M 6 -81.88 16.70 -46.33
C VAL M 6 -80.53 15.99 -46.22
N GLU M 7 -80.37 14.93 -47.02
CA GLU M 7 -79.26 13.99 -46.86
C GLU M 7 -79.07 13.29 -48.19
N ILE M 8 -77.89 13.43 -48.79
CA ILE M 8 -77.72 13.04 -50.19
C ILE M 8 -76.43 12.24 -50.34
N PRO M 9 -76.42 10.95 -49.99
CA PRO M 9 -75.25 10.13 -50.28
C PRO M 9 -75.30 9.67 -51.73
N ARG M 10 -74.12 9.40 -52.29
CA ARG M 10 -74.06 9.26 -53.73
C ARG M 10 -72.92 8.35 -54.15
N ASN M 11 -73.14 7.65 -55.27
CA ASN M 11 -72.07 7.08 -56.07
C ASN M 11 -71.43 5.85 -55.42
N LYS M 12 -71.80 5.56 -54.18
CA LYS M 12 -71.28 4.42 -53.43
C LYS M 12 -72.40 3.40 -53.22
N ARG M 13 -72.03 2.26 -52.64
CA ARG M 13 -73.05 1.27 -52.29
C ARG M 13 -74.06 1.89 -51.34
N VAL M 14 -75.29 1.34 -51.36
CA VAL M 14 -76.40 1.99 -50.68
C VAL M 14 -76.29 1.82 -49.16
N ASP M 15 -75.94 0.61 -48.71
CA ASP M 15 -75.78 0.38 -47.28
C ASP M 15 -74.72 1.33 -46.68
N VAL M 16 -73.59 1.46 -47.36
CA VAL M 16 -72.50 2.28 -46.83
C VAL M 16 -72.82 3.76 -46.95
N ALA M 17 -73.51 4.15 -48.02
CA ALA M 17 -73.96 5.53 -48.15
C ALA M 17 -75.00 5.91 -47.12
N LEU M 18 -75.59 4.94 -46.43
CA LEU M 18 -76.52 5.29 -45.36
C LEU M 18 -75.79 5.63 -44.06
N THR M 19 -74.57 5.11 -43.86
CA THR M 19 -73.78 5.50 -42.70
C THR M 19 -73.67 7.01 -42.58
N TYR M 20 -73.61 7.71 -43.73
CA TYR M 20 -73.59 9.16 -43.84
C TYR M 20 -74.86 9.81 -43.35
N ILE M 21 -75.82 9.05 -42.87
CA ILE M 21 -76.97 9.56 -42.13
C ILE M 21 -76.63 9.53 -40.65
N TYR M 22 -77.16 10.50 -39.91
CA TYR M 22 -76.84 10.62 -38.49
C TYR M 22 -77.30 9.38 -37.73
N GLY M 23 -78.60 9.13 -37.67
CA GLY M 23 -79.08 8.05 -36.83
C GLY M 23 -78.87 6.65 -37.38
N ILE M 24 -78.06 6.53 -38.44
CA ILE M 24 -77.88 5.27 -39.14
C ILE M 24 -76.41 4.90 -39.11
N GLY M 25 -76.12 3.73 -38.51
CA GLY M 25 -74.85 3.06 -38.67
C GLY M 25 -74.98 1.87 -39.59
N LYS M 26 -74.04 0.94 -39.46
CA LYS M 26 -74.06 -0.25 -40.30
C LYS M 26 -75.19 -1.20 -39.91
N ALA M 27 -75.59 -1.19 -38.63
CA ALA M 27 -76.65 -2.07 -38.17
C ALA M 27 -78.02 -1.62 -38.66
N ARG M 28 -78.25 -0.30 -38.71
CA ARG M 28 -79.52 0.20 -39.20
C ARG M 28 -79.60 0.16 -40.72
N ALA M 29 -78.48 0.36 -41.41
CA ALA M 29 -78.49 0.33 -42.87
C ALA M 29 -78.71 -1.07 -43.40
N LYS M 30 -77.98 -2.06 -42.86
CA LYS M 30 -78.24 -3.44 -43.23
C LYS M 30 -79.67 -3.85 -42.91
N GLU M 31 -80.25 -3.29 -41.84
CA GLU M 31 -81.62 -3.64 -41.48
C GLU M 31 -82.62 -3.04 -42.45
N ALA M 32 -82.41 -1.79 -42.87
CA ALA M 32 -83.33 -1.15 -43.80
C ALA M 32 -83.23 -1.77 -45.20
N LEU M 33 -82.00 -2.09 -45.64
CA LEU M 33 -81.85 -2.78 -46.92
C LEU M 33 -82.48 -4.16 -46.87
N GLU M 34 -82.51 -4.79 -45.70
CA GLU M 34 -83.19 -6.07 -45.54
C GLU M 34 -84.71 -5.90 -45.59
N LYS M 35 -85.26 -5.01 -44.76
CA LYS M 35 -86.70 -4.91 -44.60
C LYS M 35 -87.40 -4.17 -45.74
N THR M 36 -86.66 -3.44 -46.58
CA THR M 36 -87.22 -2.80 -47.75
C THR M 36 -86.97 -3.61 -49.03
N GLY M 37 -86.25 -4.72 -48.94
CA GLY M 37 -86.05 -5.61 -50.06
C GLY M 37 -85.21 -5.02 -51.16
N ILE M 38 -84.09 -4.39 -50.79
CA ILE M 38 -83.19 -3.75 -51.74
C ILE M 38 -81.84 -4.44 -51.66
N ASN M 39 -81.23 -4.63 -52.82
CA ASN M 39 -79.86 -5.13 -52.85
C ASN M 39 -78.93 -4.06 -52.26
N PRO M 40 -78.14 -4.39 -51.23
CA PRO M 40 -77.24 -3.38 -50.66
C PRO M 40 -76.11 -2.98 -51.60
N ALA M 41 -75.78 -3.80 -52.59
CA ALA M 41 -74.62 -3.57 -53.44
C ALA M 41 -74.87 -2.53 -54.53
N THR M 42 -76.12 -2.28 -54.90
CA THR M 42 -76.40 -1.36 -56.00
C THR M 42 -75.85 0.02 -55.69
N ARG M 43 -75.31 0.68 -56.72
CA ARG M 43 -74.84 2.05 -56.55
C ARG M 43 -76.02 2.98 -56.28
N VAL M 44 -75.75 4.02 -55.48
CA VAL M 44 -76.79 4.99 -55.16
C VAL M 44 -77.32 5.64 -56.43
N LYS M 45 -76.43 5.90 -57.39
CA LYS M 45 -76.86 6.51 -58.65
C LYS M 45 -77.79 5.61 -59.45
N ASP M 46 -77.81 4.30 -59.15
CA ASP M 46 -78.63 3.34 -59.88
C ASP M 46 -79.88 2.92 -59.10
N LEU M 47 -80.34 3.76 -58.18
CA LEU M 47 -81.45 3.42 -57.31
C LEU M 47 -82.78 3.86 -57.92
N THR M 48 -83.73 2.94 -57.97
CA THR M 48 -85.07 3.23 -58.45
C THR M 48 -85.78 4.17 -57.48
N GLU M 49 -86.43 5.20 -58.03
CA GLU M 49 -87.22 6.10 -57.17
C GLU M 49 -88.32 5.34 -56.45
N ALA M 50 -88.82 4.26 -57.03
CA ALA M 50 -89.78 3.39 -56.34
C ALA M 50 -89.12 2.68 -55.16
N GLU M 51 -87.88 2.24 -55.33
CA GLU M 51 -87.11 1.75 -54.19
C GLU M 51 -86.77 2.88 -53.23
N VAL M 52 -86.41 4.05 -53.77
CA VAL M 52 -86.03 5.17 -52.92
C VAL M 52 -87.23 5.65 -52.12
N VAL M 53 -88.41 5.72 -52.74
CA VAL M 53 -89.56 6.17 -51.99
C VAL M 53 -89.94 5.12 -50.94
N ARG M 54 -89.68 3.85 -51.21
CA ARG M 54 -89.89 2.82 -50.18
C ARG M 54 -88.90 2.99 -49.03
N LEU M 55 -87.66 3.40 -49.34
CA LEU M 55 -86.68 3.58 -48.29
C LEU M 55 -86.99 4.79 -47.42
N ARG M 56 -87.31 5.92 -48.05
CA ARG M 56 -87.71 7.10 -47.29
C ARG M 56 -88.87 6.77 -46.36
N GLU M 57 -89.89 6.05 -46.87
CA GLU M 57 -90.99 5.62 -46.02
C GLU M 57 -90.50 4.94 -44.75
N TYR M 58 -89.62 3.95 -44.90
CA TYR M 58 -89.13 3.19 -43.76
C TYR M 58 -88.38 4.09 -42.79
N VAL M 59 -87.28 4.69 -43.26
CA VAL M 59 -86.29 5.24 -42.35
C VAL M 59 -86.78 6.53 -41.71
N GLU M 60 -87.54 7.35 -42.46
CA GLU M 60 -87.98 8.63 -41.92
C GLU M 60 -88.75 8.47 -40.62
N ASN M 61 -89.81 7.66 -40.62
CA ASN M 61 -90.51 7.35 -39.37
C ASN M 61 -90.41 5.84 -39.11
N THR M 62 -89.25 5.41 -38.62
CA THR M 62 -89.19 4.22 -37.79
C THR M 62 -88.44 4.56 -36.51
N TRP M 63 -87.28 5.21 -36.65
CA TRP M 63 -86.46 5.64 -35.54
C TRP M 63 -86.33 7.15 -35.54
N LYS M 64 -86.16 7.71 -34.34
CA LYS M 64 -85.75 9.10 -34.20
C LYS M 64 -84.40 9.32 -34.87
N LEU M 65 -84.28 10.39 -35.64
CA LEU M 65 -83.16 10.55 -36.56
C LEU M 65 -82.57 11.94 -36.44
N GLU M 66 -81.85 12.32 -37.50
CA GLU M 66 -80.79 13.32 -37.50
C GLU M 66 -81.10 14.59 -36.73
N GLY M 67 -82.11 15.33 -37.16
CA GLY M 67 -82.44 16.58 -36.50
C GLY M 67 -82.89 16.39 -35.07
N GLU M 68 -83.92 15.56 -34.89
CA GLU M 68 -84.46 15.31 -33.55
C GLU M 68 -83.41 14.68 -32.63
N LEU M 69 -82.50 13.88 -33.17
CA LEU M 69 -81.51 13.21 -32.34
C LEU M 69 -80.59 14.22 -31.66
N ARG M 70 -80.07 15.17 -32.43
CA ARG M 70 -79.18 16.15 -31.85
C ARG M 70 -79.88 16.93 -30.73
N ALA M 71 -81.13 17.31 -30.96
CA ALA M 71 -81.88 17.98 -29.91
C ALA M 71 -82.19 17.04 -28.75
N GLU M 72 -82.53 15.78 -29.06
CA GLU M 72 -82.86 14.81 -28.00
C GLU M 72 -81.65 14.50 -27.14
N VAL M 73 -80.47 14.42 -27.77
CA VAL M 73 -79.25 14.21 -27.00
C VAL M 73 -78.99 15.40 -26.07
N ALA M 74 -78.97 16.60 -26.64
CA ALA M 74 -78.72 17.79 -25.84
C ALA M 74 -79.75 17.93 -24.73
N ALA M 75 -81.04 17.79 -25.06
CA ALA M 75 -82.06 17.81 -24.02
C ALA M 75 -81.91 16.64 -23.05
N ASN M 76 -81.20 15.59 -23.43
CA ASN M 76 -80.86 14.53 -22.48
C ASN M 76 -79.63 14.85 -21.66
N ILE M 77 -78.85 15.85 -22.07
CA ILE M 77 -77.77 16.34 -21.24
C ILE M 77 -78.28 17.35 -20.23
N LYS M 78 -78.89 18.44 -20.73
CA LYS M 78 -79.50 19.43 -19.86
C LYS M 78 -80.35 18.77 -18.79
N ARG M 79 -81.01 17.67 -19.13
CA ARG M 79 -81.83 16.93 -18.17
C ARG M 79 -81.02 16.56 -16.93
N LEU M 80 -79.96 15.77 -17.12
CA LEU M 80 -79.12 15.41 -15.97
C LEU M 80 -78.23 16.55 -15.53
N MET M 81 -78.08 17.61 -16.35
CA MET M 81 -77.29 18.75 -15.94
C MET M 81 -78.11 19.74 -15.12
N ASP M 82 -79.39 19.90 -15.46
CA ASP M 82 -80.24 20.81 -14.70
C ASP M 82 -80.49 20.29 -13.29
N ILE M 83 -80.75 18.98 -13.16
CA ILE M 83 -80.73 18.39 -11.83
C ILE M 83 -79.29 18.32 -11.33
N GLY M 84 -79.15 18.12 -10.02
CA GLY M 84 -77.82 18.18 -9.42
C GLY M 84 -76.95 16.97 -9.65
N CYS M 85 -77.26 16.18 -10.68
CA CYS M 85 -76.64 14.89 -10.89
C CYS M 85 -75.12 15.01 -10.98
N TYR M 86 -74.42 14.02 -10.41
CA TYR M 86 -72.96 13.97 -10.51
C TYR M 86 -72.53 13.86 -11.96
N ARG M 87 -73.09 12.87 -12.67
CA ARG M 87 -72.87 12.72 -14.10
C ARG M 87 -73.03 14.06 -14.83
N GLY M 88 -73.92 14.93 -14.36
CA GLY M 88 -74.06 16.24 -14.95
C GLY M 88 -72.92 17.18 -14.62
N LEU M 89 -72.37 17.07 -13.41
CA LEU M 89 -71.21 17.90 -13.05
C LEU M 89 -70.05 17.66 -14.00
N ARG M 90 -69.78 16.38 -14.33
CA ARG M 90 -68.69 16.08 -15.25
C ARG M 90 -68.94 16.67 -16.62
N HIS M 91 -70.20 16.72 -17.07
CA HIS M 91 -70.52 17.32 -18.35
C HIS M 91 -70.26 18.82 -18.35
N ARG M 92 -70.43 19.48 -17.19
CA ARG M 92 -70.13 20.90 -17.07
C ARG M 92 -68.65 21.16 -17.29
N ARG M 93 -67.82 20.62 -16.40
CA ARG M 93 -66.39 20.91 -16.40
C ARG M 93 -65.64 20.21 -17.51
N GLY M 94 -66.33 19.53 -18.43
CA GLY M 94 -65.70 18.97 -19.62
C GLY M 94 -64.77 17.80 -19.34
N LEU M 95 -65.17 16.88 -18.48
CA LEU M 95 -64.37 15.77 -18.00
C LEU M 95 -65.03 14.44 -18.37
N PRO M 96 -64.30 13.33 -18.30
CA PRO M 96 -64.92 12.03 -18.59
C PRO M 96 -66.04 11.70 -17.61
N VAL M 97 -66.93 10.83 -18.06
CA VAL M 97 -68.15 10.51 -17.34
C VAL M 97 -68.20 9.04 -16.94
N ARG M 98 -67.88 8.14 -17.88
CA ARG M 98 -68.05 6.71 -17.70
C ARG M 98 -67.16 6.16 -16.58
N GLY M 99 -66.43 7.04 -15.89
CA GLY M 99 -65.63 6.63 -14.76
C GLY M 99 -64.21 6.27 -15.14
N GLN M 100 -63.60 7.10 -15.99
CA GLN M 100 -62.20 6.92 -16.34
C GLN M 100 -61.33 7.70 -15.36
N ARG M 101 -60.03 7.64 -15.59
CA ARG M 101 -59.06 8.39 -14.80
C ARG M 101 -58.68 9.66 -15.53
N THR M 102 -58.53 10.75 -14.77
CA THR M 102 -58.18 12.05 -15.34
C THR M 102 -56.73 12.46 -15.10
N ARG M 103 -56.01 11.75 -14.22
CA ARG M 103 -54.63 12.13 -13.90
C ARG M 103 -53.76 12.18 -15.15
N THR M 104 -54.07 11.36 -16.16
CA THR M 104 -53.46 11.46 -17.47
C THR M 104 -54.51 11.09 -18.51
N ASN M 105 -54.22 11.42 -19.77
CA ASN M 105 -54.98 10.91 -20.90
C ASN M 105 -56.47 11.23 -20.79
N ALA M 106 -56.78 12.46 -20.37
CA ALA M 106 -58.13 12.99 -20.49
C ALA M 106 -58.33 13.75 -21.78
N ARG M 107 -57.43 13.53 -22.76
CA ARG M 107 -57.23 14.47 -23.86
C ARG M 107 -58.48 14.61 -24.72
N THR M 108 -59.17 13.49 -24.98
CA THR M 108 -60.28 13.56 -25.92
C THR M 108 -61.43 14.38 -25.35
N ARG M 109 -61.80 14.14 -24.09
CA ARG M 109 -62.90 14.87 -23.50
C ARG M 109 -62.55 16.35 -23.29
N LYS M 110 -61.28 16.65 -23.00
CA LYS M 110 -60.90 17.96 -22.48
C LYS M 110 -59.70 18.54 -23.22
N GLY M 111 -59.95 19.57 -24.03
CA GLY M 111 -58.99 20.63 -24.24
C GLY M 111 -57.54 20.22 -24.45
N PRO M 112 -57.17 19.75 -25.67
CA PRO M 112 -55.80 19.28 -25.92
C PRO M 112 -54.71 20.11 -25.26
N ARG M 113 -53.67 19.42 -24.77
CA ARG M 113 -52.86 19.82 -23.60
C ARG M 113 -52.56 21.31 -23.51
N LYS M 114 -52.90 21.89 -22.35
CA LYS M 114 -52.63 23.28 -22.01
C LYS M 114 -51.68 23.30 -20.82
N THR M 115 -50.41 23.60 -21.09
CA THR M 115 -49.32 23.32 -20.17
C THR M 115 -49.08 24.48 -19.21
N VAL M 116 -48.59 24.14 -18.00
CA VAL M 116 -48.12 25.11 -17.02
C VAL M 116 -46.72 24.73 -16.56
N ALA M 117 -46.18 25.50 -15.61
CA ALA M 117 -44.78 25.45 -15.22
C ALA M 117 -44.56 24.52 -14.01
N GLY M 118 -43.33 24.52 -13.48
CA GLY M 118 -42.99 23.73 -12.31
C GLY M 118 -41.78 24.28 -11.56
N ALA N 1 -49.37 -9.37 9.51
CA ALA N 1 -49.83 -8.00 9.78
C ALA N 1 -50.21 -7.86 11.24
N ARG N 2 -51.39 -7.29 11.46
CA ARG N 2 -51.92 -7.08 12.79
C ARG N 2 -52.72 -8.31 13.24
N LYS N 3 -52.64 -8.62 14.53
CA LYS N 3 -53.41 -9.74 15.06
C LYS N 3 -54.90 -9.51 14.90
N ALA N 4 -55.35 -8.25 14.95
CA ALA N 4 -56.77 -7.97 14.83
C ALA N 4 -57.30 -8.33 13.44
N LEU N 5 -56.48 -8.12 12.41
CA LEU N 5 -56.87 -8.40 11.03
C LEU N 5 -56.79 -9.88 10.66
N ILE N 6 -56.56 -10.74 11.65
CA ILE N 6 -56.69 -12.17 11.46
C ILE N 6 -58.11 -12.53 11.89
N GLU N 7 -58.98 -11.52 11.92
CA GLU N 7 -60.40 -11.71 12.12
C GLU N 7 -61.08 -12.44 10.97
N LYS N 8 -60.44 -12.53 9.79
CA LYS N 8 -61.02 -13.35 8.73
C LYS N 8 -61.19 -14.80 9.18
N ALA N 9 -60.25 -15.29 10.01
CA ALA N 9 -60.35 -16.65 10.51
C ALA N 9 -61.67 -16.87 11.23
N LYS N 10 -62.10 -15.90 12.03
CA LYS N 10 -63.34 -16.00 12.80
C LYS N 10 -64.55 -15.56 12.00
N ARG N 11 -64.48 -15.63 10.67
CA ARG N 11 -65.22 -14.73 9.80
C ARG N 11 -66.64 -14.48 10.27
N THR N 12 -67.50 -15.51 10.23
CA THR N 12 -68.95 -15.31 10.30
C THR N 12 -69.24 -14.01 9.57
N PRO N 13 -68.78 -13.88 8.32
CA PRO N 13 -68.47 -12.54 7.79
C PRO N 13 -69.68 -11.66 7.51
N LYS N 14 -70.90 -12.22 7.58
CA LYS N 14 -72.16 -11.52 7.36
C LYS N 14 -72.39 -11.24 5.88
N PHE N 15 -71.35 -11.44 5.07
CA PHE N 15 -71.40 -11.37 3.62
C PHE N 15 -70.25 -12.23 3.11
N LYS N 16 -70.57 -13.20 2.25
CA LYS N 16 -69.53 -14.09 1.75
C LYS N 16 -68.40 -13.31 1.08
N VAL N 17 -68.72 -12.20 0.40
CA VAL N 17 -67.72 -11.44 -0.34
C VAL N 17 -66.60 -10.92 0.54
N ARG N 18 -66.81 -10.87 1.85
CA ARG N 18 -65.79 -10.34 2.73
C ARG N 18 -64.78 -11.39 3.17
N ALA N 19 -64.89 -12.61 2.65
CA ALA N 19 -63.88 -13.63 2.90
C ALA N 19 -62.66 -13.36 2.00
N TYR N 20 -61.48 -13.24 2.61
CA TYR N 20 -60.25 -13.06 1.87
C TYR N 20 -59.18 -14.01 2.39
N THR N 21 -58.07 -14.10 1.65
CA THR N 21 -57.21 -15.28 1.69
C THR N 21 -56.43 -15.38 3.00
N ARG N 22 -55.60 -14.38 3.31
CA ARG N 22 -54.90 -14.30 4.61
C ARG N 22 -53.98 -15.50 4.85
N CYS N 23 -52.84 -15.52 4.13
CA CYS N 23 -51.79 -16.50 4.39
C CYS N 23 -51.67 -16.83 5.87
N VAL N 24 -51.68 -18.14 6.16
CA VAL N 24 -51.87 -18.61 7.53
C VAL N 24 -50.58 -18.50 8.34
N ARG N 25 -49.46 -18.90 7.76
CA ARG N 25 -48.21 -18.96 8.50
C ARG N 25 -47.80 -17.58 9.01
N CYS N 26 -47.67 -16.62 8.11
CA CYS N 26 -47.16 -15.29 8.44
C CYS N 26 -48.25 -14.24 8.57
N GLY N 27 -49.51 -14.60 8.30
CA GLY N 27 -50.57 -13.62 8.34
C GLY N 27 -50.45 -12.58 7.24
N ARG N 28 -49.97 -12.99 6.07
CA ARG N 28 -49.88 -12.06 4.94
C ARG N 28 -51.26 -11.80 4.37
N ALA N 29 -51.51 -10.54 4.03
CA ALA N 29 -52.78 -10.15 3.43
C ALA N 29 -52.79 -10.35 1.92
N ARG N 30 -51.72 -9.92 1.24
CA ARG N 30 -51.84 -9.64 -0.20
C ARG N 30 -51.76 -10.87 -1.09
N SER N 31 -50.59 -11.48 -1.17
CA SER N 31 -50.32 -12.45 -2.23
C SER N 31 -50.33 -13.86 -1.65
N VAL N 32 -51.49 -14.51 -1.70
CA VAL N 32 -51.70 -15.78 -1.01
C VAL N 32 -52.09 -16.82 -2.04
N TYR N 33 -51.17 -17.76 -2.29
CA TYR N 33 -51.49 -18.91 -3.13
C TYR N 33 -52.52 -19.78 -2.43
N ARG N 34 -53.52 -20.25 -3.19
CA ARG N 34 -54.67 -20.88 -2.59
C ARG N 34 -54.48 -22.37 -2.32
N PHE N 35 -53.72 -23.06 -3.18
CA PHE N 35 -53.58 -24.51 -3.05
C PHE N 35 -52.75 -24.89 -1.82
N PHE N 36 -51.75 -24.08 -1.48
CA PHE N 36 -50.98 -24.27 -0.25
C PHE N 36 -51.58 -23.54 0.93
N GLY N 37 -52.25 -22.42 0.70
CA GLY N 37 -52.73 -21.58 1.77
C GLY N 37 -51.69 -20.67 2.37
N LEU N 38 -50.51 -20.58 1.77
CA LEU N 38 -49.43 -19.72 2.22
C LEU N 38 -49.33 -18.49 1.33
N CYS N 39 -48.45 -17.57 1.71
CA CYS N 39 -48.16 -16.44 0.84
C CYS N 39 -46.95 -16.77 -0.03
N ARG N 40 -46.71 -15.91 -1.03
CA ARG N 40 -45.61 -16.16 -1.96
C ARG N 40 -44.28 -16.26 -1.22
N ILE N 41 -44.14 -15.57 -0.09
CA ILE N 41 -42.90 -15.63 0.66
C ILE N 41 -42.86 -16.88 1.52
N CYS N 42 -43.95 -17.14 2.24
CA CYS N 42 -44.00 -18.36 3.03
C CYS N 42 -43.93 -19.60 2.15
N LEU N 43 -44.38 -19.50 0.90
CA LEU N 43 -44.29 -20.63 -0.02
C LEU N 43 -42.83 -20.93 -0.36
N ARG N 44 -42.06 -19.91 -0.69
CA ARG N 44 -40.65 -20.12 -0.99
C ARG N 44 -39.89 -20.62 0.23
N GLU N 45 -40.21 -20.10 1.41
CA GLU N 45 -39.47 -20.46 2.62
C GLU N 45 -39.74 -21.91 3.03
N LEU N 46 -40.97 -22.38 2.82
CA LEU N 46 -41.31 -23.75 3.17
C LEU N 46 -40.89 -24.74 2.09
N ALA N 47 -40.81 -24.28 0.84
CA ALA N 47 -40.36 -25.14 -0.25
C ALA N 47 -38.89 -25.47 -0.09
N HIS N 48 -38.05 -24.43 0.02
CA HIS N 48 -36.62 -24.65 0.26
C HIS N 48 -36.39 -25.55 1.46
N LYS N 49 -37.13 -25.31 2.55
CA LYS N 49 -36.99 -26.14 3.74
C LYS N 49 -37.30 -27.60 3.44
N GLY N 50 -38.15 -27.85 2.44
CA GLY N 50 -38.52 -29.20 2.07
C GLY N 50 -39.76 -29.72 2.77
N GLN N 51 -40.58 -28.84 3.35
CA GLN N 51 -41.77 -29.26 4.07
C GLN N 51 -43.01 -29.30 3.19
N LEU N 52 -42.86 -29.04 1.88
CA LEU N 52 -43.94 -29.11 0.91
C LEU N 52 -43.72 -30.30 -0.01
N PRO N 53 -44.35 -31.45 0.25
CA PRO N 53 -44.08 -32.65 -0.57
C PRO N 53 -44.36 -32.39 -2.05
N GLY N 54 -43.60 -33.08 -2.89
CA GLY N 54 -43.75 -33.00 -4.33
C GLY N 54 -43.30 -31.71 -4.97
N VAL N 55 -42.91 -30.71 -4.20
CA VAL N 55 -42.57 -29.39 -4.71
C VAL N 55 -41.07 -29.31 -4.90
N ARG N 56 -40.62 -29.35 -6.15
CA ARG N 56 -39.21 -29.34 -6.52
C ARG N 56 -38.84 -27.98 -7.12
N LYS N 57 -37.63 -27.90 -7.65
CA LYS N 57 -37.24 -26.76 -8.47
C LYS N 57 -37.77 -26.94 -9.88
N ALA N 58 -38.05 -25.81 -10.54
CA ALA N 58 -38.63 -25.81 -11.87
C ALA N 58 -37.55 -25.45 -12.89
N SER N 59 -37.26 -26.38 -13.81
CA SER N 59 -36.22 -26.16 -14.81
C SER N 59 -36.64 -26.84 -16.11
N TRP N 60 -36.62 -26.07 -17.21
CA TRP N 60 -36.88 -26.60 -18.55
C TRP N 60 -36.49 -25.59 -19.65
N PRO O 1 55.82 31.51 -28.76
CA PRO O 1 55.80 30.93 -27.41
C PRO O 1 57.17 30.91 -26.75
N ILE O 2 57.44 29.85 -25.98
CA ILE O 2 58.72 29.68 -25.27
C ILE O 2 59.42 28.48 -25.89
N THR O 3 60.37 28.72 -26.78
CA THR O 3 61.09 27.61 -27.41
C THR O 3 62.12 27.03 -26.44
N LYS O 4 62.52 25.78 -26.73
CA LYS O 4 63.53 25.13 -25.91
C LYS O 4 64.90 25.80 -26.04
N GLU O 5 65.12 26.56 -27.10
CA GLU O 5 66.31 27.39 -27.19
C GLU O 5 66.39 28.35 -26.02
N GLU O 6 65.30 29.07 -25.76
CA GLU O 6 65.25 30.04 -24.67
C GLU O 6 65.15 29.35 -23.31
N LYS O 7 64.48 28.20 -23.26
CA LYS O 7 64.40 27.42 -22.02
C LYS O 7 65.79 27.11 -21.47
N GLN O 8 66.61 26.43 -22.29
CA GLN O 8 67.95 26.03 -21.86
C GLN O 8 68.78 27.23 -21.45
N LYS O 9 68.67 28.34 -22.18
CA LYS O 9 69.41 29.56 -21.82
C LYS O 9 69.12 29.97 -20.37
N VAL O 10 67.90 29.74 -19.91
CA VAL O 10 67.54 30.09 -18.54
C VAL O 10 68.00 29.02 -17.56
N ILE O 11 67.76 27.75 -17.89
CA ILE O 11 68.12 26.67 -16.98
C ILE O 11 69.63 26.63 -16.74
N GLN O 12 70.43 26.98 -17.75
CA GLN O 12 71.87 27.03 -17.54
C GLN O 12 72.29 28.25 -16.75
N GLU O 13 71.52 29.33 -16.80
CA GLU O 13 71.88 30.55 -16.10
C GLU O 13 71.60 30.44 -14.60
N PHE O 14 70.61 29.63 -14.22
CA PHE O 14 70.17 29.54 -12.83
C PHE O 14 70.47 28.20 -12.19
N ALA O 15 71.10 27.27 -12.91
CA ALA O 15 71.49 26.00 -12.31
C ALA O 15 72.58 26.21 -11.27
N ARG O 16 72.44 25.52 -10.14
CA ARG O 16 73.45 25.55 -9.08
C ARG O 16 74.71 24.77 -9.45
N PHE O 17 74.68 24.00 -10.52
CA PHE O 17 75.79 23.17 -10.97
C PHE O 17 75.38 22.56 -12.32
N PRO O 18 76.35 22.13 -13.12
CA PRO O 18 76.00 21.50 -14.41
C PRO O 18 75.09 20.30 -14.20
N GLY O 19 73.99 20.25 -14.96
CA GLY O 19 73.07 19.15 -14.94
C GLY O 19 71.87 19.34 -14.04
N ASP O 20 71.83 20.41 -13.24
CA ASP O 20 70.73 20.64 -12.33
C ASP O 20 69.54 21.23 -13.09
N THR O 21 68.43 20.48 -13.13
CA THR O 21 67.22 20.96 -13.78
C THR O 21 66.10 21.29 -12.81
N GLY O 22 66.23 20.96 -11.53
CA GLY O 22 65.10 21.04 -10.64
C GLY O 22 65.28 21.87 -9.38
N SER O 23 66.39 22.61 -9.29
CA SER O 23 66.62 23.47 -8.13
C SER O 23 65.48 24.46 -7.96
N THR O 24 65.27 24.89 -6.72
CA THR O 24 64.26 25.91 -6.45
C THR O 24 64.50 27.18 -7.26
N GLU O 25 65.76 27.63 -7.30
CA GLU O 25 66.09 28.80 -8.11
C GLU O 25 65.73 28.57 -9.57
N VAL O 26 65.97 27.37 -10.08
CA VAL O 26 65.70 27.10 -11.48
C VAL O 26 64.20 27.06 -11.73
N GLN O 27 63.43 26.46 -10.81
CA GLN O 27 61.97 26.47 -10.96
C GLN O 27 61.43 27.90 -10.94
N VAL O 28 61.84 28.68 -9.95
CA VAL O 28 61.38 30.07 -9.84
C VAL O 28 61.83 30.90 -11.03
N ALA O 29 62.99 30.59 -11.60
CA ALA O 29 63.35 31.23 -12.87
C ALA O 29 62.35 30.84 -13.95
N LEU O 30 62.13 29.55 -14.15
CA LEU O 30 61.30 29.08 -15.26
C LEU O 30 59.85 29.55 -15.11
N LEU O 31 59.34 29.60 -13.88
CA LEU O 31 58.00 30.14 -13.67
C LEU O 31 57.95 31.62 -14.02
N THR O 32 58.94 32.38 -13.54
CA THR O 32 58.95 33.82 -13.77
C THR O 32 59.01 34.17 -15.26
N LEU O 33 59.70 33.36 -16.06
CA LEU O 33 59.72 33.62 -17.49
C LEU O 33 58.34 33.41 -18.11
N ARG O 34 57.59 32.42 -17.62
CA ARG O 34 56.23 32.24 -18.11
C ARG O 34 55.30 33.31 -17.59
N ILE O 35 55.53 33.79 -16.36
CA ILE O 35 54.75 34.90 -15.83
C ILE O 35 54.86 36.12 -16.75
N ASN O 36 56.08 36.47 -17.14
CA ASN O 36 56.28 37.66 -17.95
C ASN O 36 55.82 37.44 -19.40
N ARG O 37 55.81 36.20 -19.86
CA ARG O 37 55.18 35.90 -21.15
C ARG O 37 53.68 36.17 -21.09
N LEU O 38 53.04 35.77 -20.00
CA LEU O 38 51.59 35.82 -19.89
C LEU O 38 51.08 37.22 -19.58
N SER O 39 51.75 37.94 -18.68
CA SER O 39 51.31 39.27 -18.31
C SER O 39 51.52 40.27 -19.43
N GLU O 40 52.43 40.00 -20.36
CA GLU O 40 52.49 40.83 -21.56
C GLU O 40 51.41 40.42 -22.56
N HIS O 41 51.06 39.12 -22.58
CA HIS O 41 49.92 38.66 -23.34
C HIS O 41 48.60 39.18 -22.76
N LEU O 42 48.56 39.50 -21.47
CA LEU O 42 47.35 39.96 -20.81
C LEU O 42 47.28 41.48 -20.69
N LYS O 43 48.31 42.21 -21.11
CA LYS O 43 48.16 43.65 -21.27
C LYS O 43 47.16 43.96 -22.37
N VAL O 44 47.36 43.36 -23.55
CA VAL O 44 46.31 43.16 -24.54
C VAL O 44 45.53 41.92 -24.12
N HIS O 45 44.40 41.67 -24.76
CA HIS O 45 43.61 40.46 -24.47
C HIS O 45 43.10 40.46 -23.02
N LYS O 46 42.76 41.66 -22.51
CA LYS O 46 42.29 41.77 -21.13
C LYS O 46 41.08 40.87 -20.88
N LYS O 47 40.28 40.59 -21.89
CA LYS O 47 39.05 39.83 -21.73
C LYS O 47 39.28 38.32 -21.77
N ASP O 48 40.53 37.87 -21.72
CA ASP O 48 40.85 36.44 -21.69
C ASP O 48 40.96 36.01 -20.23
N HIS O 49 39.85 35.54 -19.67
CA HIS O 49 39.79 35.20 -18.26
C HIS O 49 40.25 33.78 -17.96
N HIS O 50 40.29 32.90 -18.97
CA HIS O 50 40.73 31.53 -18.73
C HIS O 50 42.25 31.43 -18.69
N SER O 51 42.95 32.17 -19.55
CA SER O 51 44.40 32.22 -19.41
C SER O 51 44.78 32.90 -18.11
N HIS O 52 44.00 33.90 -17.68
CA HIS O 52 44.26 34.58 -16.42
C HIS O 52 44.28 33.61 -15.24
N ARG O 53 43.46 32.56 -15.30
CA ARG O 53 43.46 31.57 -14.23
C ARG O 53 44.79 30.83 -14.18
N GLY O 54 45.33 30.47 -15.34
CA GLY O 54 46.64 29.83 -15.36
C GLY O 54 47.69 30.66 -14.68
N LEU O 55 47.60 31.99 -14.82
CA LEU O 55 48.59 32.88 -14.24
C LEU O 55 48.48 32.91 -12.72
N LEU O 56 47.25 33.05 -12.21
CA LEU O 56 47.03 33.01 -10.76
C LEU O 56 47.60 31.73 -10.14
N MET O 57 47.62 30.64 -10.91
CA MET O 57 48.19 29.39 -10.42
C MET O 57 49.72 29.45 -10.43
N MET O 58 50.32 30.09 -11.43
CA MET O 58 51.77 30.20 -11.48
C MET O 58 52.30 31.08 -10.36
N VAL O 59 51.68 32.24 -10.16
CA VAL O 59 52.10 33.11 -9.06
C VAL O 59 51.99 32.40 -7.73
N GLY O 60 50.92 31.62 -7.54
CA GLY O 60 50.79 30.81 -6.34
C GLY O 60 51.93 29.83 -6.17
N GLN O 61 52.33 29.15 -7.25
CA GLN O 61 53.44 28.22 -7.15
C GLN O 61 54.77 28.94 -7.06
N ARG O 62 54.93 30.08 -7.74
CA ARG O 62 56.18 30.81 -7.64
C ARG O 62 56.37 31.39 -6.25
N ARG O 63 55.30 31.92 -5.66
CA ARG O 63 55.39 32.46 -4.31
C ARG O 63 55.43 31.37 -3.25
N ARG O 64 55.09 30.12 -3.62
CA ARG O 64 55.20 29.01 -2.69
C ARG O 64 56.63 28.51 -2.61
N LEU O 65 57.36 28.53 -3.72
CA LEU O 65 58.76 28.15 -3.70
C LEU O 65 59.60 29.23 -3.03
N LEU O 66 59.28 30.50 -3.27
CA LEU O 66 60.03 31.57 -2.62
C LEU O 66 59.77 31.57 -1.12
N ARG O 67 58.52 31.34 -0.71
CA ARG O 67 58.22 31.22 0.71
C ARG O 67 58.94 30.05 1.34
N TYR O 68 59.36 29.06 0.54
CA TYR O 68 60.16 27.95 1.05
C TYR O 68 61.63 28.33 1.16
N LEU O 69 62.18 28.94 0.11
CA LEU O 69 63.59 29.34 0.12
C LEU O 69 63.87 30.28 1.29
N GLN O 70 62.98 31.22 1.55
CA GLN O 70 63.11 32.11 2.70
C GLN O 70 63.38 31.34 4.00
N ARG O 71 62.72 30.19 4.17
CA ARG O 71 62.83 29.48 5.44
C ARG O 71 64.16 28.77 5.61
N GLU O 72 64.70 28.17 4.54
CA GLU O 72 65.86 27.30 4.70
C GLU O 72 67.19 28.07 4.60
N ASP O 73 67.41 28.78 3.49
CA ASP O 73 68.64 29.56 3.30
C ASP O 73 68.32 30.96 2.79
N PRO O 74 68.20 31.95 3.70
CA PRO O 74 67.76 33.28 3.27
C PRO O 74 68.74 34.02 2.37
N GLU O 75 69.98 33.56 2.22
CA GLU O 75 70.92 34.25 1.34
C GLU O 75 70.59 34.00 -0.12
N ARG O 76 70.44 32.74 -0.51
CA ARG O 76 70.14 32.40 -1.90
C ARG O 76 68.79 32.97 -2.32
N TYR O 77 67.95 33.31 -1.35
CA TYR O 77 66.67 33.95 -1.62
C TYR O 77 66.87 35.38 -2.11
N ARG O 78 67.73 36.15 -1.43
CA ARG O 78 67.98 37.53 -1.84
C ARG O 78 68.74 37.57 -3.16
N ALA O 79 69.76 36.72 -3.31
CA ALA O 79 70.53 36.66 -4.55
C ALA O 79 69.70 36.16 -5.72
N LEU O 80 68.60 35.45 -5.44
CA LEU O 80 67.65 35.08 -6.47
C LEU O 80 66.71 36.24 -6.78
N ILE O 81 66.17 36.87 -5.74
CA ILE O 81 65.20 37.94 -5.91
C ILE O 81 65.85 39.15 -6.58
N GLU O 82 67.01 39.57 -6.06
CA GLU O 82 67.72 40.71 -6.64
C GLU O 82 68.12 40.43 -8.09
N LYS O 83 68.29 39.16 -8.47
CA LYS O 83 68.58 38.78 -9.85
C LYS O 83 67.33 38.69 -10.73
N LEU O 84 66.15 38.54 -10.14
CA LEU O 84 64.90 38.52 -10.88
C LEU O 84 64.05 39.77 -10.68
N GLY O 85 64.49 40.70 -9.83
CA GLY O 85 63.77 41.94 -9.59
C GLY O 85 62.34 41.71 -9.17
N ILE O 86 62.14 41.14 -7.97
CA ILE O 86 60.82 40.82 -7.45
C ILE O 86 60.66 41.42 -6.06
N ARG O 87 59.40 41.52 -5.64
CA ARG O 87 59.03 41.88 -4.27
C ARG O 87 59.73 43.14 -3.77
N MET P 1 41.59 41.94 67.93
CA MET P 1 42.14 41.03 68.92
C MET P 1 41.64 39.60 68.74
N VAL P 2 42.57 38.67 68.58
CA VAL P 2 42.23 37.27 68.37
C VAL P 2 41.75 36.68 69.69
N LYS P 3 40.62 35.98 69.67
CA LYS P 3 40.00 35.48 70.88
C LYS P 3 39.62 34.00 70.75
N ILE P 4 39.58 33.34 71.89
CA ILE P 4 39.15 31.95 72.00
C ILE P 4 37.75 31.95 72.60
N ARG P 5 36.77 31.41 71.87
CA ARG P 5 35.41 31.47 72.35
C ARG P 5 34.65 30.26 71.86
N LEU P 6 33.33 30.33 71.98
CA LEU P 6 32.44 29.26 71.57
C LEU P 6 31.61 29.73 70.39
N ALA P 7 31.34 28.80 69.48
CA ALA P 7 30.44 29.02 68.35
C ALA P 7 29.33 27.98 68.43
N ARG P 8 28.08 28.45 68.34
CA ARG P 8 26.92 27.57 68.53
C ARG P 8 26.67 26.78 67.25
N PHE P 9 26.67 25.45 67.37
CA PHE P 9 26.51 24.57 66.22
C PHE P 9 25.45 23.50 66.38
N GLY P 10 24.69 23.50 67.47
CA GLY P 10 23.59 22.56 67.62
C GLY P 10 22.38 22.92 66.80
N SER P 11 21.21 22.54 67.29
CA SER P 11 19.92 22.97 66.77
C SER P 11 19.16 23.69 67.87
N LYS P 12 17.90 24.03 67.59
CA LYS P 12 17.07 24.67 68.60
C LYS P 12 16.91 23.74 69.79
N HIS P 13 17.18 24.26 70.99
CA HIS P 13 17.03 23.52 72.24
C HIS P 13 18.04 22.38 72.34
N ASN P 14 18.86 22.20 71.32
CA ASN P 14 19.92 21.19 71.31
C ASN P 14 21.23 21.89 70.96
N PRO P 15 21.83 22.61 71.90
CA PRO P 15 23.05 23.35 71.61
C PRO P 15 24.30 22.48 71.70
N HIS P 16 25.22 22.72 70.77
CA HIS P 16 26.57 22.20 70.81
C HIS P 16 27.49 23.32 70.35
N TYR P 17 28.60 23.51 71.05
CA TYR P 17 29.53 24.60 70.75
C TYR P 17 30.86 24.04 70.26
N ARG P 18 31.52 24.81 69.39
CA ARG P 18 32.86 24.51 68.91
C ARG P 18 33.82 25.52 69.51
N ILE P 19 34.71 25.05 70.39
CA ILE P 19 35.75 25.92 70.92
C ILE P 19 36.68 26.33 69.80
N VAL P 20 36.89 27.63 69.65
CA VAL P 20 37.31 28.16 68.36
C VAL P 20 38.18 29.39 68.57
N VAL P 21 39.24 29.47 67.77
CA VAL P 21 40.10 30.64 67.70
C VAL P 21 39.63 31.49 66.52
N THR P 22 39.33 32.75 66.78
CA THR P 22 38.90 33.66 65.73
C THR P 22 39.02 35.09 66.21
N ASP P 23 39.16 36.01 65.25
CA ASP P 23 39.14 37.43 65.56
C ASP P 23 37.80 37.80 66.19
N ALA P 24 37.85 38.57 67.27
CA ALA P 24 36.64 38.96 67.98
C ALA P 24 35.68 39.73 67.09
N ARG P 25 36.15 40.24 65.94
CA ARG P 25 35.31 41.07 65.09
C ARG P 25 34.40 40.26 64.17
N ARG P 26 34.66 38.96 63.99
CA ARG P 26 33.78 38.15 63.15
C ARG P 26 32.55 37.71 63.93
N LYS P 27 31.49 37.38 63.18
CA LYS P 27 30.27 36.85 63.78
C LYS P 27 30.59 35.65 64.66
N ARG P 28 29.66 35.30 65.56
CA ARG P 28 29.96 34.20 66.48
C ARG P 28 29.92 32.85 65.76
N ASP P 29 29.09 32.71 64.74
CA ASP P 29 29.01 31.48 63.97
C ASP P 29 29.80 31.55 62.67
N GLY P 30 30.56 32.62 62.44
CA GLY P 30 31.25 32.82 61.18
C GLY P 30 32.63 32.20 61.15
N LYS P 31 33.30 32.40 60.00
CA LYS P 31 34.59 31.78 59.73
C LYS P 31 35.58 32.01 60.87
N TYR P 32 36.26 30.92 61.26
CA TYR P 32 37.20 30.94 62.35
C TYR P 32 38.58 30.50 61.88
N ILE P 33 39.56 30.66 62.75
CA ILE P 33 40.95 30.36 62.41
C ILE P 33 41.26 28.89 62.63
N GLU P 34 40.86 28.34 63.77
CA GLU P 34 41.07 26.93 64.07
C GLU P 34 40.04 26.46 65.10
N LYS P 35 39.55 25.24 64.90
CA LYS P 35 38.68 24.58 65.87
C LYS P 35 39.57 23.82 66.82
N ILE P 36 39.50 24.17 68.11
CA ILE P 36 40.35 23.52 69.10
C ILE P 36 39.52 22.78 70.14
N GLY P 37 38.38 22.24 69.73
CA GLY P 37 37.57 21.43 70.64
C GLY P 37 36.09 21.73 70.59
N TYR P 38 35.32 20.90 71.29
CA TYR P 38 33.87 20.99 71.28
C TYR P 38 33.35 20.98 72.72
N TYR P 39 32.09 21.43 72.86
CA TYR P 39 31.42 21.49 74.16
C TYR P 39 29.96 21.10 74.03
N ASP P 40 29.52 20.15 74.86
CA ASP P 40 28.11 19.77 74.96
C ASP P 40 27.59 20.19 76.32
N PRO P 41 26.70 21.18 76.42
CA PRO P 41 26.32 21.68 77.75
C PRO P 41 25.37 20.75 78.48
N ARG P 42 24.52 20.04 77.74
CA ARG P 42 23.56 19.11 78.31
C ARG P 42 24.19 17.77 78.65
N LYS P 43 25.48 17.60 78.37
CA LYS P 43 26.26 16.44 78.81
C LYS P 43 25.56 15.13 78.43
N THR P 44 25.16 15.06 77.16
CA THR P 44 24.35 13.94 76.68
C THR P 44 25.21 12.71 76.33
N THR P 45 26.48 12.93 75.95
CA THR P 45 27.45 11.90 75.60
C THR P 45 28.49 11.75 76.70
N PRO P 46 29.08 10.56 76.87
CA PRO P 46 30.12 10.39 77.89
C PRO P 46 31.26 11.38 77.71
N ASP P 47 31.69 11.58 76.48
CA ASP P 47 32.68 12.60 76.13
C ASP P 47 31.92 13.82 75.64
N TRP P 48 31.71 14.78 76.53
CA TRP P 48 31.07 16.03 76.19
C TRP P 48 32.02 17.21 76.28
N LEU P 49 33.32 16.95 76.37
CA LEU P 49 34.31 18.02 76.39
C LEU P 49 35.67 17.47 75.99
N LYS P 50 36.24 18.01 74.91
CA LYS P 50 37.57 17.67 74.42
C LYS P 50 38.29 18.98 74.11
N VAL P 51 39.62 18.96 74.19
CA VAL P 51 40.36 20.21 73.97
C VAL P 51 41.52 20.12 72.99
N ASP P 52 42.43 19.15 73.18
CA ASP P 52 43.77 19.22 72.60
C ASP P 52 44.54 20.42 73.18
N VAL P 53 44.86 20.28 74.47
CA VAL P 53 45.50 21.34 75.26
C VAL P 53 46.74 21.89 74.55
N GLU P 54 47.64 21.01 74.10
CA GLU P 54 48.93 21.49 73.60
C GLU P 54 48.75 22.44 72.42
N ARG P 55 47.62 22.33 71.71
CA ARG P 55 47.26 23.29 70.69
C ARG P 55 46.67 24.56 71.31
N ALA P 56 45.83 24.41 72.33
CA ALA P 56 45.25 25.58 72.98
C ALA P 56 46.31 26.39 73.74
N ARG P 57 47.37 25.73 74.19
CA ARG P 57 48.45 26.48 74.83
C ARG P 57 49.18 27.37 73.83
N TYR P 58 49.29 26.95 72.56
CA TYR P 58 49.94 27.76 71.55
C TYR P 58 49.30 29.13 71.43
N TRP P 59 47.99 29.16 71.16
CA TRP P 59 47.28 30.42 70.92
C TRP P 59 47.33 31.34 72.13
N LEU P 60 47.67 30.82 73.30
CA LEU P 60 47.84 31.71 74.44
C LEU P 60 49.21 32.37 74.43
N SER P 61 50.25 31.62 74.05
CA SER P 61 51.59 32.21 73.98
C SER P 61 51.65 33.37 73.00
N VAL P 62 50.74 33.40 72.01
CA VAL P 62 50.72 34.48 71.03
C VAL P 62 49.65 35.50 71.32
N GLY P 63 48.82 35.28 72.33
CA GLY P 63 47.96 36.34 72.82
C GLY P 63 46.53 36.31 72.33
N ALA P 64 45.96 35.12 72.23
CA ALA P 64 44.51 34.98 72.06
C ALA P 64 43.83 35.11 73.41
N GLN P 65 42.57 35.52 73.39
CA GLN P 65 41.88 35.85 74.63
C GLN P 65 40.64 34.99 74.79
N PRO P 66 40.52 34.21 75.84
CA PRO P 66 39.33 33.39 76.05
C PRO P 66 38.23 34.16 76.77
N THR P 67 37.00 33.83 76.41
CA THR P 67 35.87 34.37 77.12
C THR P 67 35.88 33.88 78.57
N ASP P 68 35.09 34.55 79.41
CA ASP P 68 34.91 34.05 80.76
C ASP P 68 34.41 32.61 80.75
N THR P 69 33.68 32.23 79.71
CA THR P 69 33.18 30.86 79.62
C THR P 69 34.20 29.92 79.01
N ALA P 70 34.85 30.35 77.91
CA ALA P 70 35.83 29.49 77.25
C ALA P 70 36.97 29.13 78.19
N ARG P 71 37.38 30.07 79.04
CA ARG P 71 38.42 29.78 80.02
C ARG P 71 37.95 28.72 81.01
N ARG P 72 36.68 28.81 81.44
CA ARG P 72 36.14 27.84 82.40
C ARG P 72 36.24 26.42 81.89
N LEU P 73 36.09 26.22 80.58
CA LEU P 73 36.19 24.88 80.02
C LEU P 73 37.64 24.45 79.80
N LEU P 74 38.50 25.39 79.37
CA LEU P 74 39.91 25.08 79.21
C LEU P 74 40.55 24.63 80.51
N ARG P 75 40.25 25.33 81.61
CA ARG P 75 40.79 24.95 82.91
C ARG P 75 40.34 23.56 83.32
N GLN P 76 39.18 23.12 82.83
CA GLN P 76 38.72 21.76 83.11
C GLN P 76 39.62 20.73 82.44
N ALA P 77 39.99 20.96 81.18
CA ALA P 77 40.97 20.10 80.53
C ALA P 77 42.39 20.40 80.97
N GLY P 78 42.58 21.27 81.96
CA GLY P 78 43.89 21.53 82.52
C GLY P 78 44.87 22.13 81.54
N VAL P 79 44.46 23.20 80.86
CA VAL P 79 45.40 23.90 79.98
C VAL P 79 46.42 24.67 80.82
N PHE P 80 46.03 25.08 82.03
CA PHE P 80 46.87 25.92 82.87
C PHE P 80 47.63 25.13 83.93
N ARG P 81 47.20 23.92 84.24
CA ARG P 81 47.89 23.05 85.19
C ARG P 81 49.37 22.97 84.86
N GLN P 82 50.21 23.38 85.82
CA GLN P 82 51.64 23.57 85.56
C GLN P 82 52.55 22.72 86.45
N GLU P 83 52.01 21.91 87.34
CA GLU P 83 52.85 21.03 88.16
C GLU P 83 53.42 19.89 87.32
N PRO Q 1 57.07 32.46 44.06
CA PRO Q 1 57.19 32.32 42.60
C PRO Q 1 56.55 33.44 41.79
N LYS Q 2 57.27 34.53 41.56
CA LYS Q 2 56.84 35.51 40.57
C LYS Q 2 56.71 34.83 39.22
N LYS Q 3 55.58 35.03 38.54
CA LYS Q 3 55.35 34.36 37.26
C LYS Q 3 56.42 34.76 36.25
N VAL Q 4 56.97 33.77 35.56
CA VAL Q 4 58.03 33.97 34.57
C VAL Q 4 57.55 33.43 33.23
N LEU Q 5 57.53 34.29 32.22
CA LEU Q 5 57.04 33.95 30.89
C LEU Q 5 58.14 34.12 29.86
N THR Q 6 57.99 33.42 28.74
CA THR Q 6 58.96 33.47 27.66
C THR Q 6 58.22 33.77 26.37
N GLY Q 7 58.50 34.94 25.81
CA GLY Q 7 57.84 35.38 24.59
C GLY Q 7 58.79 36.10 23.66
N VAL Q 8 58.26 36.83 22.68
CA VAL Q 8 59.07 37.49 21.67
C VAL Q 8 58.73 38.98 21.62
N VAL Q 9 59.75 39.80 21.38
CA VAL Q 9 59.57 41.24 21.29
C VAL Q 9 58.95 41.59 19.95
N VAL Q 10 57.76 42.17 19.99
CA VAL Q 10 57.04 42.52 18.78
C VAL Q 10 56.99 44.04 18.53
N SER Q 11 57.26 44.86 19.54
CA SER Q 11 57.19 46.30 19.38
C SER Q 11 58.40 46.97 20.05
N ASP Q 12 59.11 47.78 19.26
CA ASP Q 12 60.28 48.50 19.70
C ASP Q 12 60.00 49.95 20.04
N LYS Q 13 58.86 50.47 19.63
CA LYS Q 13 58.69 51.89 19.33
C LYS Q 13 58.43 52.74 20.57
N MET Q 14 58.51 52.18 21.77
CA MET Q 14 58.36 52.96 22.98
C MET Q 14 59.73 53.36 23.54
N GLN Q 15 59.69 54.23 24.56
CA GLN Q 15 60.88 54.62 25.31
C GLN Q 15 61.02 53.72 26.54
N LYS Q 16 62.14 53.01 26.64
CA LYS Q 16 62.42 52.13 27.78
C LYS Q 16 61.33 51.06 27.95
N THR Q 17 60.76 50.57 26.85
CA THR Q 17 59.69 49.61 26.94
C THR Q 17 59.62 48.82 25.64
N VAL Q 18 59.35 47.52 25.75
CA VAL Q 18 59.21 46.64 24.60
C VAL Q 18 57.97 45.77 24.83
N THR Q 19 57.23 45.51 23.76
CA THR Q 19 56.06 44.63 23.83
C THR Q 19 56.51 43.19 23.58
N VAL Q 20 56.13 42.30 24.50
CA VAL Q 20 56.46 40.88 24.41
C VAL Q 20 55.20 40.10 24.14
N LEU Q 21 55.23 39.28 23.09
CA LEU Q 21 54.12 38.37 22.80
C LEU Q 21 54.47 37.00 23.36
N VAL Q 22 53.53 36.41 24.10
CA VAL Q 22 53.75 35.15 24.80
C VAL Q 22 52.65 34.18 24.38
N GLU Q 23 53.02 33.12 23.65
CA GLU Q 23 52.06 32.10 23.30
C GLU Q 23 51.83 31.14 24.46
N ARG Q 24 50.67 30.48 24.42
CA ARG Q 24 50.22 29.57 25.46
C ARG Q 24 49.50 28.39 24.82
N GLN Q 25 49.70 27.18 25.36
CA GLN Q 25 49.12 25.96 24.80
C GLN Q 25 48.37 25.22 25.89
N PHE Q 26 47.09 24.93 25.66
CA PHE Q 26 46.32 24.18 26.64
C PHE Q 26 45.21 23.39 25.97
N PRO Q 27 44.76 22.29 26.58
CA PRO Q 27 43.64 21.54 26.02
C PRO Q 27 42.32 22.23 26.33
N HIS Q 28 41.45 22.26 25.33
CA HIS Q 28 40.17 22.93 25.44
C HIS Q 28 39.32 22.27 26.54
N PRO Q 29 38.59 23.07 27.34
CA PRO Q 29 37.90 22.49 28.51
C PRO Q 29 36.77 21.53 28.17
N LEU Q 30 36.24 21.55 26.95
CA LEU Q 30 35.20 20.62 26.56
C LEU Q 30 35.61 19.78 25.36
N TYR Q 31 36.13 20.40 24.32
CA TYR Q 31 36.43 19.72 23.09
C TYR Q 31 37.84 19.13 23.05
N GLY Q 32 38.67 19.45 24.04
CA GLY Q 32 39.89 18.69 24.31
C GLY Q 32 41.09 18.98 23.44
N LYS Q 33 40.88 19.38 22.19
CA LYS Q 33 42.01 19.66 21.32
C LYS Q 33 42.90 20.72 21.95
N VAL Q 34 44.19 20.65 21.68
CA VAL Q 34 45.10 21.63 22.27
C VAL Q 34 45.05 22.91 21.45
N ILE Q 35 44.80 24.02 22.13
CA ILE Q 35 44.58 25.30 21.48
C ILE Q 35 45.67 26.28 21.88
N LYS Q 36 45.96 27.21 20.97
CA LYS Q 36 47.11 28.10 21.08
C LYS Q 36 46.62 29.54 21.19
N ARG Q 37 46.73 30.11 22.38
CA ARG Q 37 46.33 31.48 22.65
C ARG Q 37 47.55 32.34 22.97
N SER Q 38 47.40 33.65 22.73
CA SER Q 38 48.50 34.59 22.87
C SER Q 38 48.05 35.81 23.64
N LYS Q 39 49.02 36.45 24.30
CA LYS Q 39 48.78 37.68 25.05
C LYS Q 39 50.02 38.56 24.95
N LYS Q 40 49.78 39.86 24.79
CA LYS Q 40 50.86 40.84 24.69
C LYS Q 40 51.13 41.46 26.06
N TYR Q 41 52.38 41.43 26.48
CA TYR Q 41 52.82 41.96 27.76
C TYR Q 41 53.73 43.17 27.52
N LEU Q 42 53.53 44.23 28.31
CA LEU Q 42 54.39 45.41 28.24
C LEU Q 42 55.48 45.28 29.30
N ALA Q 43 56.71 45.06 28.85
CA ALA Q 43 57.83 44.77 29.73
C ALA Q 43 58.82 45.92 29.75
N HIS Q 44 59.47 46.06 30.89
CA HIS Q 44 60.32 47.21 31.17
C HIS Q 44 61.76 46.89 30.79
N ASP Q 45 62.34 47.77 29.95
CA ASP Q 45 63.68 47.60 29.37
C ASP Q 45 64.48 48.87 29.67
N PRO Q 46 65.08 48.97 30.86
CA PRO Q 46 65.65 50.26 31.26
C PRO Q 46 66.88 50.67 30.47
N GLU Q 47 67.63 49.72 29.92
CA GLU Q 47 68.82 50.04 29.16
C GLU Q 47 68.57 50.05 27.66
N GLU Q 48 67.33 49.80 27.24
CA GLU Q 48 66.98 49.65 25.82
C GLU Q 48 67.85 48.60 25.14
N LYS Q 49 68.30 47.61 25.95
CA LYS Q 49 69.06 46.49 25.42
C LYS Q 49 68.29 45.76 24.34
N TYR Q 50 67.11 45.25 24.70
CA TYR Q 50 66.42 44.27 23.87
C TYR Q 50 65.77 44.94 22.67
N LYS Q 51 65.84 44.25 21.53
CA LYS Q 51 65.41 44.77 20.24
C LYS Q 51 64.32 43.88 19.65
N LEU Q 52 63.90 44.26 18.44
CA LEU Q 52 62.77 43.60 17.79
C LEU Q 52 63.19 42.21 17.31
N GLY Q 53 62.41 41.20 17.68
CA GLY Q 53 62.67 39.84 17.27
C GLY Q 53 63.41 38.99 18.27
N ASP Q 54 63.85 39.57 19.40
CA ASP Q 54 64.54 38.80 20.43
C ASP Q 54 63.53 38.07 21.31
N VAL Q 55 63.78 36.79 21.54
CA VAL Q 55 62.92 35.99 22.41
C VAL Q 55 63.46 36.07 23.83
N VAL Q 56 62.64 36.57 24.74
CA VAL Q 56 63.09 36.98 26.07
C VAL Q 56 62.27 36.32 27.15
N GLU Q 57 62.89 36.09 28.30
CA GLU Q 57 62.16 35.72 29.49
C GLU Q 57 61.63 36.98 30.16
N ILE Q 58 60.43 36.88 30.72
CA ILE Q 58 59.73 37.98 31.35
C ILE Q 58 59.38 37.56 32.77
N ILE Q 59 59.45 38.50 33.71
CA ILE Q 59 59.27 38.15 35.13
C ILE Q 59 58.26 39.09 35.76
N GLU Q 60 57.33 38.51 36.53
CA GLU Q 60 56.37 39.30 37.30
C GLU Q 60 57.12 40.28 38.19
N SER Q 61 56.77 41.56 38.08
CA SER Q 61 57.55 42.60 38.73
C SER Q 61 56.65 43.58 39.45
N ARG Q 62 57.26 44.33 40.37
CA ARG Q 62 56.58 45.43 41.02
C ARG Q 62 56.15 46.46 39.97
N PRO Q 63 54.93 46.99 40.06
CA PRO Q 63 54.38 47.80 38.96
C PRO Q 63 55.27 48.98 38.57
N ILE Q 64 55.35 49.23 37.26
CA ILE Q 64 56.15 50.32 36.70
C ILE Q 64 55.26 51.46 36.20
N SER Q 65 54.22 51.12 35.46
CA SER Q 65 53.18 52.07 35.04
C SER Q 65 51.85 51.35 35.02
N LYS Q 66 50.80 52.06 34.60
CA LYS Q 66 49.60 51.38 34.11
C LYS Q 66 50.03 50.41 33.02
N ARG Q 67 49.46 49.22 33.00
CA ARG Q 67 49.75 48.24 31.94
C ARG Q 67 51.22 47.80 31.86
N LYS Q 68 52.02 47.97 32.92
CA LYS Q 68 53.39 47.46 32.95
C LYS Q 68 53.62 46.81 34.31
N ARG Q 69 53.64 45.48 34.35
CA ARG Q 69 53.91 44.77 35.59
C ARG Q 69 54.98 43.70 35.44
N PHE Q 70 55.69 43.67 34.31
CA PHE Q 70 56.71 42.68 34.07
C PHE Q 70 57.99 43.35 33.61
N ARG Q 71 59.12 42.73 33.92
CA ARG Q 71 60.43 43.17 33.49
C ARG Q 71 61.07 42.06 32.67
N VAL Q 72 62.10 42.43 31.92
CA VAL Q 72 62.77 41.51 31.02
C VAL Q 72 63.90 40.83 31.80
N LEU Q 73 63.72 39.52 32.03
CA LEU Q 73 64.70 38.75 32.80
C LEU Q 73 66.03 38.66 32.04
N ARG Q 74 66.01 38.00 30.88
CA ARG Q 74 67.22 37.77 30.11
C ARG Q 74 66.82 37.45 28.66
N LEU Q 75 67.82 37.27 27.82
CA LEU Q 75 67.63 36.94 26.43
C LEU Q 75 67.74 35.43 26.24
N VAL Q 76 66.73 34.83 25.62
CA VAL Q 76 66.77 33.40 25.36
C VAL Q 76 67.40 33.17 23.99
N GLU Q 77 66.72 33.61 22.94
CA GLU Q 77 67.22 33.46 21.58
C GLU Q 77 67.14 34.81 20.88
N SER Q 78 68.19 35.14 20.13
CA SER Q 78 68.31 36.46 19.53
C SER Q 78 67.77 36.48 18.12
N GLY Q 79 67.05 37.55 17.80
CA GLY Q 79 66.70 37.91 16.44
C GLY Q 79 66.11 36.82 15.57
N ARG Q 80 64.90 36.38 15.85
CA ARG Q 80 64.13 35.60 14.90
C ARG Q 80 62.91 36.45 14.52
N MET Q 81 63.00 37.07 13.34
CA MET Q 81 61.95 37.97 12.85
C MET Q 81 60.77 37.24 12.25
N ASP Q 82 60.84 35.91 12.12
CA ASP Q 82 59.70 35.17 11.61
C ASP Q 82 58.51 35.30 12.53
N LEU Q 83 58.72 35.17 13.84
CA LEU Q 83 57.64 35.32 14.80
C LEU Q 83 56.98 36.69 14.67
N VAL Q 84 57.78 37.73 14.48
CA VAL Q 84 57.27 39.08 14.32
C VAL Q 84 56.45 39.20 13.05
N GLU Q 85 56.92 38.58 11.96
CA GLU Q 85 56.24 38.70 10.69
C GLU Q 85 54.90 37.97 10.68
N LYS Q 86 54.75 36.90 11.45
CA LYS Q 86 53.43 36.29 11.58
C LYS Q 86 52.47 37.26 12.27
N TYR Q 87 52.96 37.96 13.29
CA TYR Q 87 52.13 38.92 14.02
C TYR Q 87 51.81 40.14 13.16
N LEU Q 88 52.81 40.69 12.47
CA LEU Q 88 52.59 41.84 11.61
C LEU Q 88 51.58 41.54 10.51
N ILE Q 89 51.73 40.39 9.85
CA ILE Q 89 50.75 39.98 8.84
C ILE Q 89 49.35 39.93 9.44
N ARG Q 90 49.22 39.38 10.64
CA ARG Q 90 47.91 39.28 11.29
C ARG Q 90 47.33 40.66 11.56
N ARG Q 91 48.13 41.56 12.13
CA ARG Q 91 47.69 42.94 12.31
C ARG Q 91 47.31 43.57 10.97
N GLN Q 92 48.06 43.25 9.92
CA GLN Q 92 47.79 43.81 8.60
C GLN Q 92 46.52 43.25 7.97
N ASN Q 93 46.05 42.09 8.41
CA ASN Q 93 44.83 41.53 7.84
C ASN Q 93 43.60 42.30 8.29
N TYR Q 94 43.65 42.90 9.47
CA TYR Q 94 42.52 43.64 10.00
C TYR Q 94 42.17 44.87 9.16
N GLN Q 95 43.05 45.27 8.23
CA GLN Q 95 42.78 46.44 7.42
C GLN Q 95 41.71 46.17 6.37
N SER Q 96 41.50 44.92 5.99
CA SER Q 96 40.30 44.51 5.29
C SER Q 96 39.20 44.35 6.34
N LEU Q 97 38.11 43.66 5.97
CA LEU Q 97 37.02 43.31 6.90
C LEU Q 97 36.46 44.54 7.65
N SER Q 98 36.31 45.66 6.95
CA SER Q 98 35.56 46.78 7.53
C SER Q 98 34.33 47.14 6.70
N LYS Q 99 34.50 47.50 5.44
CA LYS Q 99 33.45 48.13 4.65
C LYS Q 99 33.24 47.43 3.31
N LYS R 1 26.47 -4.06 -46.74
CA LYS R 1 27.27 -3.26 -47.66
C LYS R 1 28.76 -3.36 -47.32
N ALA R 2 29.60 -2.85 -48.22
CA ALA R 2 31.01 -2.71 -47.93
C ALA R 2 31.28 -1.37 -47.25
N LYS R 3 32.42 -1.29 -46.58
CA LYS R 3 32.86 -0.08 -45.91
C LYS R 3 33.99 0.56 -46.69
N VAL R 4 34.14 1.88 -46.50
CA VAL R 4 35.01 2.67 -47.37
C VAL R 4 36.48 2.32 -47.14
N LYS R 5 36.93 2.39 -45.89
CA LYS R 5 38.31 2.01 -45.59
C LYS R 5 38.62 0.59 -46.04
N ALA R 6 37.62 -0.28 -46.06
CA ALA R 6 37.85 -1.68 -46.43
C ALA R 6 38.27 -1.79 -47.91
N THR R 7 37.55 -1.09 -48.80
CA THR R 7 37.89 -1.08 -50.22
C THR R 7 38.57 0.25 -50.54
N LEU R 8 39.88 0.26 -50.34
CA LEU R 8 40.71 1.45 -50.51
C LEU R 8 42.16 1.00 -50.33
N GLY R 9 43.08 1.95 -50.50
CA GLY R 9 44.49 1.71 -50.30
C GLY R 9 45.04 2.41 -49.08
N GLU R 10 46.35 2.58 -49.06
CA GLU R 10 47.02 3.36 -48.03
C GLU R 10 47.03 4.82 -48.50
N PHE R 11 46.32 5.68 -47.77
CA PHE R 11 46.12 7.06 -48.18
C PHE R 11 46.47 8.02 -47.04
N ASP R 12 46.64 9.29 -47.40
CA ASP R 12 46.92 10.35 -46.44
C ASP R 12 45.60 10.94 -45.97
N LEU R 13 45.23 10.64 -44.72
CA LEU R 13 44.00 11.19 -44.16
C LEU R 13 44.07 12.70 -44.00
N ARG R 14 45.26 13.28 -43.99
CA ARG R 14 45.42 14.69 -43.74
C ARG R 14 45.47 15.53 -45.00
N ASP R 15 45.51 14.90 -46.18
CA ASP R 15 45.65 15.62 -47.45
C ASP R 15 44.27 16.07 -47.93
N TYR R 16 44.00 17.36 -47.75
CA TYR R 16 42.79 18.01 -48.22
C TYR R 16 42.72 18.11 -49.73
N ARG R 17 43.82 17.86 -50.44
CA ARG R 17 43.86 18.13 -51.87
C ARG R 17 43.53 16.93 -52.74
N ASN R 18 43.56 15.71 -52.19
CA ASN R 18 43.34 14.51 -53.00
C ASN R 18 41.85 14.26 -53.12
N VAL R 19 41.26 14.65 -54.24
CA VAL R 19 39.81 14.62 -54.37
C VAL R 19 39.34 13.22 -54.73
N GLU R 20 40.09 12.52 -55.58
CA GLU R 20 39.66 11.20 -56.04
C GLU R 20 39.34 10.30 -54.86
N VAL R 21 40.10 10.42 -53.78
CA VAL R 21 39.87 9.58 -52.62
C VAL R 21 38.89 10.20 -51.63
N LEU R 22 38.82 11.53 -51.54
CA LEU R 22 37.90 12.15 -50.58
C LEU R 22 36.46 12.12 -51.08
N LYS R 23 36.27 12.12 -52.40
CA LYS R 23 34.93 11.94 -52.95
C LYS R 23 34.30 10.61 -52.51
N ARG R 24 35.13 9.62 -52.20
CA ARG R 24 34.66 8.30 -51.76
C ARG R 24 34.11 8.30 -50.34
N PHE R 25 34.26 9.39 -49.60
CA PHE R 25 33.69 9.50 -48.25
C PHE R 25 32.43 10.36 -48.21
N LEU R 26 32.03 10.95 -49.33
CA LEU R 26 30.79 11.69 -49.38
C LEU R 26 29.66 10.78 -49.82
N SER R 27 28.43 11.21 -49.55
CA SER R 27 27.26 10.46 -49.97
C SER R 27 26.85 10.93 -51.36
N GLU R 28 25.64 10.53 -51.79
CA GLU R 28 25.07 11.08 -53.01
C GLU R 28 24.90 12.58 -52.88
N THR R 29 24.39 13.04 -51.74
CA THR R 29 24.50 14.43 -51.35
C THR R 29 25.92 14.71 -50.88
N GLY R 30 26.22 15.96 -50.60
CA GLY R 30 27.58 16.25 -50.15
C GLY R 30 27.92 15.83 -48.75
N LYS R 31 27.03 15.12 -48.06
CA LYS R 31 27.20 14.88 -46.64
C LYS R 31 28.36 13.94 -46.35
N ILE R 32 29.00 14.17 -45.19
CA ILE R 32 30.11 13.33 -44.71
C ILE R 32 29.55 12.10 -44.03
N LEU R 33 30.02 10.92 -44.45
CA LEU R 33 29.38 9.68 -44.04
C LEU R 33 29.67 9.36 -42.56
N PRO R 34 28.77 8.63 -41.90
CA PRO R 34 29.02 8.22 -40.52
C PRO R 34 30.07 7.12 -40.44
N ARG R 35 30.64 6.96 -39.23
CA ARG R 35 31.66 5.94 -39.01
C ARG R 35 31.16 4.55 -39.38
N ARG R 36 29.86 4.29 -39.18
CA ARG R 36 29.28 3.00 -39.55
C ARG R 36 29.40 2.72 -41.03
N ARG R 37 29.57 3.75 -41.85
CA ARG R 37 29.71 3.57 -43.29
C ARG R 37 31.13 3.77 -43.79
N THR R 38 31.98 4.50 -43.06
CA THR R 38 33.37 4.67 -43.45
C THR R 38 34.31 3.65 -42.81
N GLY R 39 33.88 2.97 -41.76
CA GLY R 39 34.73 2.03 -41.07
C GLY R 39 36.00 2.64 -40.53
N LEU R 40 35.95 3.91 -40.14
CA LEU R 40 37.11 4.57 -39.58
C LEU R 40 37.08 4.49 -38.06
N SER R 41 38.20 4.92 -37.46
CA SER R 41 38.33 4.95 -36.01
C SER R 41 37.89 6.31 -35.48
N ALA R 42 37.76 6.39 -34.15
CA ALA R 42 37.35 7.63 -33.52
C ALA R 42 38.29 8.77 -33.91
N LYS R 43 39.60 8.54 -33.78
CA LYS R 43 40.58 9.57 -34.11
C LYS R 43 40.61 9.88 -35.60
N GLU R 44 40.35 8.88 -36.45
CA GLU R 44 40.45 9.08 -37.89
C GLU R 44 39.30 9.94 -38.41
N GLN R 45 38.07 9.64 -38.00
CA GLN R 45 36.91 10.38 -38.48
C GLN R 45 37.02 11.85 -38.12
N ARG R 46 37.47 12.13 -36.89
CA ARG R 46 37.67 13.51 -36.48
C ARG R 46 38.63 14.23 -37.41
N ILE R 47 39.67 13.53 -37.87
CA ILE R 47 40.65 14.13 -38.76
C ILE R 47 40.11 14.25 -40.18
N LEU R 48 39.34 13.25 -40.61
CA LEU R 48 38.72 13.31 -41.92
C LEU R 48 37.77 14.49 -42.03
N ALA R 49 36.92 14.67 -41.01
CA ALA R 49 35.99 15.79 -40.98
C ALA R 49 36.70 17.09 -41.31
N LYS R 50 37.79 17.37 -40.60
CA LYS R 50 38.51 18.61 -40.83
C LYS R 50 39.12 18.66 -42.22
N THR R 51 39.65 17.54 -42.72
CA THR R 51 40.31 17.63 -44.02
C THR R 51 39.30 17.81 -45.14
N ILE R 52 38.11 17.21 -45.01
CA ILE R 52 37.10 17.40 -46.04
C ILE R 52 36.59 18.83 -46.04
N LYS R 53 36.34 19.39 -44.85
CA LYS R 53 35.94 20.79 -44.76
C LYS R 53 36.99 21.70 -45.39
N ARG R 54 38.27 21.37 -45.23
CA ARG R 54 39.32 22.13 -45.89
C ARG R 54 39.17 22.08 -47.41
N ALA R 55 38.96 20.87 -47.94
CA ALA R 55 38.77 20.71 -49.38
C ALA R 55 37.52 21.41 -49.88
N ARG R 56 36.47 21.47 -49.05
CA ARG R 56 35.25 22.14 -49.45
C ARG R 56 35.50 23.62 -49.71
N ILE R 57 36.38 24.24 -48.92
CA ILE R 57 36.62 25.68 -49.07
C ILE R 57 37.48 25.97 -50.29
N LEU R 58 38.35 25.04 -50.68
CA LEU R 58 39.09 25.19 -51.92
C LEU R 58 38.27 24.88 -53.16
N GLY R 59 36.98 24.57 -52.99
CA GLY R 59 36.13 24.24 -54.12
C GLY R 59 36.31 22.85 -54.67
N LEU R 60 36.98 21.95 -53.94
CA LEU R 60 37.29 20.62 -54.44
C LEU R 60 36.22 19.59 -54.10
N LEU R 61 35.65 19.67 -52.91
CA LEU R 61 34.54 18.82 -52.51
C LEU R 61 33.29 19.68 -52.32
N PRO R 62 32.12 19.13 -52.64
CA PRO R 62 30.89 19.93 -52.55
C PRO R 62 30.34 20.01 -51.13
N PHE R 63 29.64 21.11 -50.87
CA PHE R 63 28.95 21.28 -49.59
C PHE R 63 27.68 20.46 -49.55
N THR R 64 26.88 20.53 -50.61
CA THR R 64 25.62 19.80 -50.69
C THR R 64 25.28 19.54 -52.15
N GLU R 65 24.59 18.43 -52.38
CA GLU R 65 24.21 18.01 -53.73
C GLU R 65 22.72 17.76 -53.79
N LYS R 66 22.26 17.37 -54.97
CA LYS R 66 20.85 17.14 -55.26
C LYS R 66 20.63 15.64 -55.46
N LEU R 67 19.67 15.09 -54.71
CA LEU R 67 19.39 13.66 -54.77
C LEU R 67 18.51 13.35 -55.97
N VAL R 68 18.96 12.43 -56.82
CA VAL R 68 18.23 12.09 -58.04
C VAL R 68 17.47 10.78 -57.77
N ARG R 69 16.29 10.89 -57.18
CA ARG R 69 15.41 9.78 -56.85
C ARG R 69 14.07 10.32 -56.34
N LYS R 70 13.23 9.41 -55.83
CA LYS R 70 11.97 9.73 -55.12
C LYS R 70 10.85 10.06 -56.09
N PRO S 1 -76.09 3.16 -20.03
CA PRO S 1 -75.68 1.82 -19.60
C PRO S 1 -75.62 1.66 -18.08
N ARG S 2 -76.72 1.23 -17.46
CA ARG S 2 -76.79 0.96 -16.03
C ARG S 2 -77.80 -0.16 -15.80
N SER S 3 -77.56 -1.01 -14.80
CA SER S 3 -78.29 -2.27 -14.74
C SER S 3 -78.46 -2.79 -13.31
N LEU S 4 -79.73 -2.98 -12.92
CA LEU S 4 -80.12 -3.79 -11.76
C LEU S 4 -81.03 -4.95 -12.13
N LYS S 5 -81.64 -4.91 -13.32
CA LYS S 5 -82.31 -5.98 -14.07
C LYS S 5 -83.65 -6.44 -13.52
N LYS S 6 -83.88 -6.28 -12.22
CA LYS S 6 -85.12 -6.64 -11.56
C LYS S 6 -84.97 -6.45 -10.05
N GLY S 7 -86.08 -6.32 -9.34
CA GLY S 7 -86.03 -5.99 -7.94
C GLY S 7 -85.13 -4.80 -7.72
N VAL S 8 -85.49 -3.67 -8.34
CA VAL S 8 -84.68 -2.46 -8.32
C VAL S 8 -84.34 -2.12 -6.88
N PHE S 9 -83.06 -2.20 -6.55
CA PHE S 9 -82.64 -2.33 -5.16
C PHE S 9 -82.67 -0.98 -4.44
N VAL S 10 -83.27 -0.98 -3.25
CA VAL S 10 -83.26 0.16 -2.34
C VAL S 10 -83.06 -0.39 -0.93
N ASP S 11 -82.22 0.29 -0.14
CA ASP S 11 -81.89 -0.18 1.21
C ASP S 11 -83.13 -0.17 2.09
N ASP S 12 -83.20 -1.14 3.00
CA ASP S 12 -84.32 -1.25 3.93
C ASP S 12 -84.27 -0.22 5.04
N HIS S 13 -83.19 0.55 5.15
CA HIS S 13 -83.08 1.54 6.23
C HIS S 13 -84.11 2.64 6.05
N LEU S 14 -84.03 3.35 4.93
CA LEU S 14 -84.91 4.49 4.70
C LEU S 14 -86.29 4.07 4.21
N LEU S 15 -86.39 2.91 3.56
CA LEU S 15 -87.65 2.48 2.98
C LEU S 15 -88.76 2.45 4.02
N GLU S 16 -88.58 1.68 5.10
CA GLU S 16 -89.57 1.62 6.17
C GLU S 16 -89.73 2.96 6.87
N LYS S 17 -88.72 3.83 6.78
CA LYS S 17 -88.80 5.14 7.41
C LYS S 17 -89.64 6.10 6.58
N VAL S 18 -89.42 6.14 5.27
CA VAL S 18 -90.09 7.13 4.43
C VAL S 18 -91.57 6.80 4.26
N LEU S 19 -91.90 5.51 4.08
CA LEU S 19 -93.29 5.14 3.86
C LEU S 19 -94.15 5.48 5.06
N GLU S 20 -93.55 5.50 6.25
CA GLU S 20 -94.27 5.93 7.45
C GLU S 20 -94.35 7.44 7.56
N LEU S 21 -93.41 8.16 6.97
CA LEU S 21 -93.46 9.62 6.95
C LEU S 21 -94.51 10.14 5.98
N ASN S 22 -94.95 9.33 5.02
CA ASN S 22 -96.04 9.75 4.14
C ASN S 22 -97.38 9.73 4.87
N ALA S 23 -97.66 8.63 5.59
CA ALA S 23 -98.93 8.50 6.30
C ALA S 23 -99.14 9.61 7.33
N LYS S 24 -98.08 10.32 7.72
CA LYS S 24 -98.18 11.43 8.64
C LYS S 24 -97.85 12.78 7.99
N GLY S 25 -97.71 12.82 6.68
CA GLY S 25 -97.42 14.06 5.99
C GLY S 25 -95.93 14.36 5.91
N GLU S 26 -95.58 15.17 4.92
CA GLU S 26 -94.18 15.47 4.61
C GLU S 26 -93.43 15.99 5.83
N LYS S 27 -92.25 15.41 6.08
CA LYS S 27 -91.45 15.79 7.23
C LYS S 27 -90.28 16.67 6.77
N ARG S 28 -89.47 17.09 7.74
CA ARG S 28 -88.27 17.88 7.51
C ARG S 28 -87.11 16.98 7.10
N LEU S 29 -85.89 17.51 7.14
CA LEU S 29 -84.70 16.81 6.69
C LEU S 29 -84.57 15.44 7.33
N ILE S 30 -83.86 14.54 6.66
CA ILE S 30 -83.69 13.15 7.07
C ILE S 30 -82.22 12.77 6.95
N LYS S 31 -81.73 11.97 7.91
CA LYS S 31 -80.33 11.53 7.90
C LYS S 31 -80.22 10.23 7.11
N THR S 32 -79.24 10.17 6.22
CA THR S 32 -79.05 8.97 5.40
C THR S 32 -77.57 8.73 5.14
N TRP S 33 -77.11 7.52 5.47
CA TRP S 33 -75.79 7.06 5.09
C TRP S 33 -75.83 6.03 3.97
N SER S 34 -77.01 5.58 3.55
CA SER S 34 -77.13 4.56 2.52
C SER S 34 -77.48 5.26 1.21
N ARG S 35 -76.44 5.63 0.46
CA ARG S 35 -76.61 6.08 -0.91
C ARG S 35 -76.55 4.92 -1.90
N ARG S 36 -76.34 3.71 -1.41
CA ARG S 36 -76.39 2.51 -2.25
C ARG S 36 -77.67 2.45 -3.05
N SER S 37 -78.76 2.98 -2.50
CA SER S 37 -80.11 2.71 -2.97
C SER S 37 -80.48 3.55 -4.18
N THR S 38 -81.37 3.01 -5.00
CA THR S 38 -81.99 3.74 -6.09
C THR S 38 -83.03 4.70 -5.52
N ILE S 39 -83.65 5.50 -6.40
CA ILE S 39 -84.71 6.41 -6.01
C ILE S 39 -86.03 5.85 -6.52
N VAL S 40 -87.07 5.95 -5.71
CA VAL S 40 -88.40 5.45 -6.06
C VAL S 40 -89.36 6.64 -6.04
N PRO S 41 -90.51 6.53 -6.71
CA PRO S 41 -91.37 7.72 -6.88
C PRO S 41 -91.87 8.35 -5.58
N GLU S 42 -91.98 7.58 -4.50
CA GLU S 42 -92.56 8.09 -3.27
C GLU S 42 -91.60 8.93 -2.44
N MET S 43 -90.42 9.26 -2.98
CA MET S 43 -89.51 10.20 -2.34
C MET S 43 -89.71 11.63 -2.80
N VAL S 44 -90.40 11.82 -3.93
CA VAL S 44 -90.53 13.14 -4.53
C VAL S 44 -91.14 14.12 -3.54
N GLY S 45 -90.50 15.27 -3.38
CA GLY S 45 -90.96 16.31 -2.48
C GLY S 45 -90.26 16.35 -1.14
N HIS S 46 -89.58 15.27 -0.77
CA HIS S 46 -88.94 15.20 0.53
C HIS S 46 -87.61 15.96 0.53
N THR S 47 -86.93 15.94 1.67
CA THR S 47 -85.60 16.51 1.81
C THR S 47 -84.76 15.49 2.57
N ILE S 48 -83.59 15.15 2.02
CA ILE S 48 -82.77 14.06 2.54
C ILE S 48 -81.31 14.50 2.60
N ALA S 49 -80.73 14.43 3.80
CA ALA S 49 -79.32 14.73 3.99
C ALA S 49 -78.52 13.46 3.71
N VAL S 50 -77.79 13.46 2.60
CA VAL S 50 -76.95 12.33 2.20
C VAL S 50 -75.53 12.59 2.66
N TYR S 51 -74.84 11.54 3.10
CA TYR S 51 -73.48 11.66 3.58
C TYR S 51 -72.51 11.60 2.41
N ASN S 52 -71.64 12.61 2.30
CA ASN S 52 -70.53 12.55 1.36
C ASN S 52 -69.29 11.92 1.97
N GLY S 53 -69.39 11.44 3.21
CA GLY S 53 -68.26 10.99 3.98
C GLY S 53 -67.83 11.95 5.06
N LYS S 54 -68.13 13.24 4.91
CA LYS S 54 -67.77 14.27 5.86
C LYS S 54 -68.97 15.00 6.44
N GLN S 55 -69.92 15.39 5.59
CA GLN S 55 -71.09 16.16 6.00
C GLN S 55 -72.37 15.53 5.46
N HIS S 56 -73.50 16.05 5.95
CA HIS S 56 -74.82 15.71 5.46
C HIS S 56 -75.34 16.88 4.63
N VAL S 57 -75.63 16.65 3.36
CA VAL S 57 -76.00 17.71 2.43
C VAL S 57 -77.51 17.61 2.16
N PRO S 58 -78.27 18.68 2.38
CA PRO S 58 -79.72 18.63 2.08
C PRO S 58 -79.96 18.51 0.59
N VAL S 59 -80.81 17.54 0.21
CA VAL S 59 -81.11 17.26 -1.20
C VAL S 59 -82.62 17.28 -1.40
N TYR S 60 -83.12 18.31 -2.08
CA TYR S 60 -84.52 18.34 -2.48
C TYR S 60 -84.72 17.38 -3.64
N ILE S 61 -85.65 16.44 -3.47
CA ILE S 61 -85.89 15.39 -4.46
C ILE S 61 -87.16 15.73 -5.25
N THR S 62 -87.06 15.75 -6.58
CA THR S 62 -88.12 16.19 -7.47
C THR S 62 -88.50 15.08 -8.44
N GLU S 63 -89.46 15.39 -9.32
CA GLU S 63 -89.99 14.40 -10.25
C GLU S 63 -88.96 13.98 -11.30
N ASN S 64 -88.09 14.90 -11.72
CA ASN S 64 -87.17 14.60 -12.80
C ASN S 64 -86.11 13.57 -12.40
N MET S 65 -85.81 13.46 -11.11
CA MET S 65 -84.67 12.69 -10.63
C MET S 65 -85.07 11.34 -10.03
N VAL S 66 -86.21 10.79 -10.44
CA VAL S 66 -86.73 9.57 -9.82
C VAL S 66 -85.86 8.35 -10.14
N GLY S 67 -85.15 8.35 -11.27
CA GLY S 67 -84.46 7.14 -11.69
C GLY S 67 -83.16 6.85 -10.97
N HIS S 68 -82.44 7.88 -10.53
CA HIS S 68 -81.04 7.74 -10.16
C HIS S 68 -80.88 7.17 -8.75
N LYS S 69 -79.65 7.26 -8.23
CA LYS S 69 -79.33 6.92 -6.86
C LYS S 69 -79.01 8.18 -6.07
N LEU S 70 -79.23 8.13 -4.76
CA LEU S 70 -78.67 9.17 -3.90
C LEU S 70 -77.15 9.12 -3.99
N GLY S 71 -76.52 10.23 -3.62
CA GLY S 71 -75.09 10.36 -3.81
C GLY S 71 -74.68 10.80 -5.19
N GLU S 72 -75.51 10.52 -6.20
CA GLU S 72 -75.37 11.25 -7.46
C GLU S 72 -75.62 12.73 -7.25
N PHE S 73 -76.26 13.09 -6.12
CA PHE S 73 -76.54 14.47 -5.76
C PHE S 73 -75.74 14.91 -4.55
N ALA S 74 -74.82 14.07 -4.06
CA ALA S 74 -73.98 14.37 -2.90
C ALA S 74 -72.54 14.01 -3.27
N PRO S 75 -71.87 14.84 -4.06
CA PRO S 75 -70.51 14.50 -4.51
C PRO S 75 -69.55 14.37 -3.34
N THR S 76 -68.42 13.70 -3.62
CA THR S 76 -67.44 13.37 -2.60
C THR S 76 -66.22 14.30 -2.59
N ARG S 77 -65.50 14.35 -3.71
CA ARG S 77 -64.30 15.15 -3.77
C ARG S 77 -64.67 16.62 -3.77
N THR S 78 -63.66 17.46 -3.56
CA THR S 78 -63.81 18.90 -3.72
C THR S 78 -62.59 19.40 -4.49
N TYR S 79 -62.83 20.00 -5.66
CA TYR S 79 -61.75 20.57 -6.45
C TYR S 79 -61.97 22.05 -6.65
N ARG S 80 -60.95 22.83 -6.28
CA ARG S 80 -60.81 24.25 -6.63
C ARG S 80 -62.10 25.05 -6.43
N ARG T 1 15.78 60.90 68.51
CA ARG T 1 16.81 61.74 67.94
C ARG T 1 17.86 62.07 68.99
N ASN T 2 18.81 62.94 68.63
CA ASN T 2 19.79 63.50 69.56
C ASN T 2 20.63 62.40 70.22
N LEU T 3 21.44 61.75 69.39
CA LEU T 3 22.48 60.85 69.89
C LEU T 3 23.71 61.66 70.24
N SER T 4 24.32 61.33 71.37
CA SER T 4 25.53 62.04 71.80
C SER T 4 26.80 61.38 71.26
N ALA T 5 26.70 60.63 70.17
CA ALA T 5 27.81 60.58 69.23
C ALA T 5 27.96 61.92 68.50
N LEU T 6 27.05 62.87 68.72
CA LEU T 6 27.26 64.24 68.27
C LEU T 6 28.51 64.84 68.88
N LYS T 7 28.77 64.53 70.15
CA LYS T 7 30.00 64.96 70.81
C LYS T 7 31.23 64.61 69.98
N ARG T 8 31.19 63.51 69.24
CA ARG T 8 32.34 63.10 68.44
C ARG T 8 32.61 64.08 67.31
N HIS T 9 31.56 64.50 66.60
CA HIS T 9 31.79 65.45 65.52
C HIS T 9 32.30 66.78 66.04
N ARG T 10 31.98 67.11 67.29
CA ARG T 10 32.54 68.31 67.90
C ARG T 10 34.06 68.21 67.96
N GLN T 11 34.57 67.16 68.59
CA GLN T 11 36.02 66.96 68.68
C GLN T 11 36.66 66.84 67.32
N SER T 12 35.93 66.24 66.36
CA SER T 12 36.43 66.15 64.99
C SER T 12 36.91 67.51 64.48
N LEU T 13 36.14 68.56 64.75
CA LEU T 13 36.50 69.88 64.25
C LEU T 13 37.69 70.46 65.02
N LYS T 14 37.74 70.22 66.33
CA LYS T 14 38.89 70.67 67.11
C LYS T 14 40.18 70.07 66.56
N ARG T 15 40.19 68.76 66.35
CA ARG T 15 41.38 68.11 65.84
C ARG T 15 41.69 68.55 64.42
N ARG T 16 40.66 68.98 63.68
CA ARG T 16 40.88 69.47 62.33
C ARG T 16 41.81 70.68 62.35
N LEU T 17 41.64 71.56 63.34
CA LEU T 17 42.46 72.77 63.41
C LEU T 17 43.88 72.43 63.85
N ARG T 18 44.02 71.50 64.79
CA ARG T 18 45.34 71.13 65.25
C ARG T 18 46.18 70.58 64.11
N ASN T 19 45.65 69.58 63.38
CA ASN T 19 46.39 68.99 62.28
C ASN T 19 46.66 70.01 61.18
N LYS T 20 45.68 70.86 60.90
CA LYS T 20 45.80 71.80 59.80
C LYS T 20 46.90 72.83 60.06
N ALA T 21 47.04 73.25 61.32
CA ALA T 21 48.06 74.26 61.66
C ALA T 21 49.46 73.70 61.47
N LYS T 22 49.78 72.59 62.14
CA LYS T 22 51.11 72.00 62.05
C LYS T 22 51.51 71.73 60.61
N LYS T 23 50.59 71.17 59.82
CA LYS T 23 50.85 70.96 58.40
C LYS T 23 51.13 72.29 57.69
N SER T 24 50.34 73.32 57.98
CA SER T 24 50.59 74.62 57.37
C SER T 24 51.98 75.16 57.73
N ALA T 25 52.46 74.86 58.94
CA ALA T 25 53.81 75.27 59.31
C ALA T 25 54.85 74.52 58.51
N ILE T 26 54.73 73.19 58.43
CA ILE T 26 55.66 72.36 57.67
C ILE T 26 55.86 72.93 56.27
N LYS T 27 54.75 73.09 55.54
CA LYS T 27 54.84 73.55 54.16
C LYS T 27 55.45 74.94 54.08
N THR T 28 55.04 75.85 54.97
CA THR T 28 55.56 77.22 54.93
C THR T 28 57.06 77.26 55.26
N LEU T 29 57.53 76.38 56.13
CA LEU T 29 58.95 76.40 56.48
C LEU T 29 59.80 75.65 55.45
N SER T 30 59.28 74.53 54.95
CA SER T 30 60.03 73.73 54.00
C SER T 30 60.39 74.55 52.77
N LYS T 31 59.39 75.21 52.19
CA LYS T 31 59.62 76.06 51.02
C LYS T 31 60.59 77.19 51.34
N LYS T 32 60.55 77.70 52.58
CA LYS T 32 61.48 78.76 52.96
C LYS T 32 62.92 78.26 52.94
N ALA T 33 63.15 77.02 53.40
CA ALA T 33 64.50 76.47 53.41
C ALA T 33 65.01 76.25 51.99
N ILE T 34 64.12 75.86 51.08
CA ILE T 34 64.56 75.55 49.72
C ILE T 34 64.81 76.83 48.93
N GLN T 35 64.02 77.87 49.18
CA GLN T 35 64.27 79.15 48.53
C GLN T 35 65.67 79.66 48.81
N LEU T 36 66.25 79.29 49.97
CA LEU T 36 67.59 79.73 50.30
C LEU T 36 68.66 78.86 49.65
N ALA T 37 68.44 77.55 49.63
CA ALA T 37 69.34 76.67 48.87
C ALA T 37 69.41 77.13 47.42
N GLN T 38 68.26 77.37 46.81
CA GLN T 38 68.20 77.83 45.43
C GLN T 38 68.85 79.19 45.26
N GLU T 39 68.87 80.00 46.31
CA GLU T 39 69.54 81.29 46.30
C GLU T 39 70.95 81.25 46.87
N GLY T 40 71.45 80.06 47.26
CA GLY T 40 72.83 79.86 47.61
C GLY T 40 73.17 79.98 49.08
N LYS T 41 72.36 80.68 49.88
CA LYS T 41 72.67 80.93 51.29
C LYS T 41 72.68 79.62 52.06
N ALA T 42 73.88 79.16 52.46
CA ALA T 42 74.00 77.81 53.00
C ALA T 42 73.67 77.75 54.48
N GLU T 43 74.15 78.70 55.27
CA GLU T 43 73.88 78.68 56.70
C GLU T 43 72.38 78.80 56.98
N GLU T 44 71.74 79.84 56.44
CA GLU T 44 70.35 80.10 56.73
C GLU T 44 69.47 78.95 56.26
N ALA T 45 69.81 78.36 55.12
CA ALA T 45 69.06 77.20 54.63
C ALA T 45 69.09 76.07 55.65
N LEU T 46 70.26 75.79 56.20
CA LEU T 46 70.38 74.67 57.13
C LEU T 46 69.67 74.97 58.44
N LYS T 47 70.05 76.06 59.10
CA LYS T 47 69.42 76.43 60.38
C LYS T 47 67.90 76.40 60.30
N ILE T 48 67.34 76.73 59.13
CA ILE T 48 65.89 76.63 58.94
C ILE T 48 65.48 75.18 58.76
N MET T 49 66.15 74.47 57.86
CA MET T 49 65.78 73.10 57.54
C MET T 49 65.70 72.22 58.79
N ARG T 50 66.54 72.49 59.80
CA ARG T 50 66.48 71.72 61.04
C ARG T 50 65.16 71.93 61.76
N LYS T 51 64.64 73.17 61.78
CA LYS T 51 63.35 73.42 62.45
C LYS T 51 62.19 72.81 61.68
N ALA T 52 62.32 72.69 60.36
CA ALA T 52 61.33 71.95 59.59
C ALA T 52 61.34 70.48 59.98
N GLU T 53 62.53 69.89 60.11
CA GLU T 53 62.66 68.51 60.55
C GLU T 53 62.00 68.31 61.91
N SER T 54 62.33 69.17 62.88
CA SER T 54 61.75 69.06 64.21
C SER T 54 60.23 69.17 64.16
N LEU T 55 59.74 70.16 63.43
CA LEU T 55 58.29 70.33 63.33
C LEU T 55 57.64 69.14 62.65
N ILE T 56 58.40 68.40 61.83
CA ILE T 56 57.83 67.24 61.13
C ILE T 56 57.68 66.07 62.10
N ASP T 57 58.76 65.69 62.77
CA ASP T 57 58.66 64.59 63.73
C ASP T 57 57.67 64.94 64.84
N LYS T 58 57.65 66.20 65.26
CA LYS T 58 56.67 66.62 66.26
C LYS T 58 55.24 66.41 65.75
N ALA T 59 55.00 66.66 64.46
CA ALA T 59 53.69 66.39 63.90
C ALA T 59 53.40 64.89 63.87
N ALA T 60 54.44 64.07 63.73
CA ALA T 60 54.29 62.61 63.73
C ALA T 60 54.07 62.05 65.13
N LYS T 61 54.23 62.88 66.16
CA LYS T 61 54.01 62.41 67.53
C LYS T 61 52.56 62.05 67.75
N GLY T 62 51.64 62.85 67.24
CA GLY T 62 50.22 62.63 67.33
C GLY T 62 49.64 62.01 66.09
N SER T 63 48.41 62.40 65.77
CA SER T 63 47.66 61.79 64.68
C SER T 63 47.78 62.55 63.37
N THR T 64 48.71 63.50 63.26
CA THR T 64 48.81 64.30 62.05
C THR T 64 49.52 63.55 60.91
N LEU T 65 50.77 63.13 61.14
CA LEU T 65 51.57 62.45 60.11
C LEU T 65 51.98 61.05 60.52
N HIS T 66 51.31 60.45 61.50
CA HIS T 66 51.84 59.44 62.41
C HIS T 66 52.81 58.42 61.78
N LYS T 67 52.61 58.09 60.50
CA LYS T 67 53.39 57.04 59.87
C LYS T 67 54.79 57.49 59.46
N ASN T 68 55.39 56.69 58.58
CA ASN T 68 56.52 57.11 57.76
C ASN T 68 56.12 58.22 56.80
N ALA T 69 54.86 58.67 56.86
CA ALA T 69 54.47 59.86 56.12
C ALA T 69 55.35 61.05 56.48
N ALA T 70 55.78 61.11 57.74
CA ALA T 70 56.65 62.21 58.16
C ALA T 70 58.06 62.03 57.60
N ALA T 71 58.57 60.80 57.58
CA ALA T 71 59.88 60.55 57.00
C ALA T 71 59.88 60.83 55.50
N ARG T 72 58.75 60.61 54.83
CA ARG T 72 58.62 60.98 53.42
C ARG T 72 58.92 62.47 53.23
N ARG T 73 58.32 63.32 54.06
CA ARG T 73 58.58 64.76 53.99
C ARG T 73 60.03 65.08 54.30
N LYS T 74 60.57 64.49 55.37
CA LYS T 74 61.98 64.69 55.71
C LYS T 74 62.88 64.23 54.58
N SER T 75 62.59 63.07 53.99
CA SER T 75 63.45 62.56 52.91
C SER T 75 63.45 63.52 51.74
N ARG T 76 62.27 63.87 51.22
CA ARG T 76 62.20 64.74 50.05
C ARG T 76 62.80 66.10 50.33
N LEU T 77 62.69 66.59 51.56
CA LEU T 77 63.24 67.90 51.90
C LEU T 77 64.76 67.90 51.84
N MET T 78 65.41 67.06 52.66
CA MET T 78 66.86 67.10 52.78
C MET T 78 67.57 66.85 51.45
N ARG T 79 66.92 66.11 50.54
CA ARG T 79 67.51 65.92 49.22
C ARG T 79 67.61 67.25 48.49
N LYS T 80 66.48 67.95 48.34
CA LYS T 80 66.45 69.16 47.54
C LYS T 80 67.38 70.24 48.09
N VAL T 81 67.57 70.27 49.41
CA VAL T 81 68.48 71.26 49.99
C VAL T 81 69.90 70.99 49.52
N ARG T 82 70.39 69.77 49.75
CA ARG T 82 71.76 69.46 49.37
C ARG T 82 71.96 69.59 47.86
N GLN T 83 70.96 69.20 47.06
CA GLN T 83 71.09 69.32 45.62
C GLN T 83 71.04 70.78 45.18
N LEU T 84 70.08 71.55 45.70
CA LEU T 84 70.01 72.96 45.33
C LEU T 84 71.20 73.72 45.89
N LEU T 85 71.76 73.27 47.00
CA LEU T 85 73.00 73.84 47.47
C LEU T 85 74.17 73.50 46.56
N GLU T 86 73.99 72.64 45.56
CA GLU T 86 75.11 72.25 44.73
C GLU T 86 75.51 73.31 43.72
N ALA T 87 74.71 74.37 43.57
CA ALA T 87 75.16 75.57 42.88
C ALA T 87 75.90 76.43 43.89
N ALA T 88 77.24 76.46 43.79
CA ALA T 88 78.13 77.13 44.76
C ALA T 88 77.97 76.52 46.15
N GLY T 89 78.40 75.25 46.26
CA GLY T 89 78.11 74.43 47.41
C GLY T 89 78.39 75.01 48.78
N ALA T 90 79.66 75.09 49.17
CA ALA T 90 80.09 75.63 50.47
C ALA T 90 79.10 75.38 51.61
N PRO T 91 78.87 74.12 52.02
CA PRO T 91 77.81 73.87 53.02
C PRO T 91 78.21 74.31 54.43
N LEU T 92 77.98 75.60 54.72
CA LEU T 92 78.48 76.25 55.92
C LEU T 92 78.05 75.59 57.23
N ILE T 93 76.76 75.61 57.55
CA ILE T 93 76.32 75.11 58.86
C ILE T 93 76.55 73.60 58.95
N GLY T 94 76.16 72.87 57.92
CA GLY T 94 76.30 71.43 57.94
C GLY T 94 75.64 70.75 59.12
N GLY T 95 74.73 71.44 59.80
CA GLY T 95 74.07 70.90 60.96
C GLY T 95 73.31 69.63 60.63
N GLY T 96 72.28 69.74 59.78
CA GLY T 96 71.37 68.62 59.54
C GLY T 96 71.92 67.52 58.67
N LEU T 97 72.92 67.79 57.83
CA LEU T 97 73.39 66.83 56.86
C LEU T 97 74.61 66.07 57.38
N SER T 98 75.03 65.06 56.61
CA SER T 98 76.14 64.20 56.99
C SER T 98 77.38 64.52 56.16
N ALA T 99 78.54 64.32 56.79
CA ALA T 99 79.83 64.64 56.19
C ALA T 99 79.98 64.09 54.77
N GLY U 1 -59.83 -2.42 -36.12
CA GLY U 1 -58.94 -3.50 -35.79
C GLY U 1 -59.29 -4.18 -34.49
N LYS U 2 -58.27 -4.63 -33.77
CA LYS U 2 -58.49 -5.25 -32.46
C LYS U 2 -59.21 -4.31 -31.50
N GLY U 3 -59.27 -3.02 -31.82
CA GLY U 3 -59.96 -2.08 -30.96
C GLY U 3 -61.46 -2.07 -31.15
N ASP U 4 -61.94 -2.26 -32.37
CA ASP U 4 -63.37 -2.19 -32.64
C ASP U 4 -64.03 -3.44 -32.10
N ARG U 5 -64.86 -3.29 -31.06
CA ARG U 5 -65.48 -4.45 -30.44
C ARG U 5 -66.67 -4.96 -31.24
N ARG U 6 -67.20 -4.18 -32.17
CA ARG U 6 -68.27 -4.64 -33.04
C ARG U 6 -67.74 -5.23 -34.35
N THR U 7 -66.48 -5.67 -34.36
CA THR U 7 -65.95 -6.53 -35.41
C THR U 7 -65.61 -7.90 -34.79
N ARG U 8 -65.47 -8.91 -35.65
CA ARG U 8 -65.11 -10.23 -35.15
C ARG U 8 -63.74 -10.20 -34.50
N ARG U 9 -62.79 -9.45 -35.06
CA ARG U 9 -61.44 -9.43 -34.54
C ARG U 9 -61.37 -8.78 -33.17
N GLY U 10 -62.06 -7.65 -32.99
CA GLY U 10 -62.11 -7.01 -31.70
C GLY U 10 -62.87 -7.80 -30.65
N LYS U 11 -63.63 -8.82 -31.08
CA LYS U 11 -64.29 -9.70 -30.14
C LYS U 11 -63.35 -10.79 -29.64
N ILE U 12 -62.52 -11.34 -30.53
CA ILE U 12 -61.56 -12.35 -30.10
C ILE U 12 -60.44 -11.71 -29.28
N TRP U 13 -60.16 -10.43 -29.51
CA TRP U 13 -59.11 -9.76 -28.74
C TRP U 13 -59.53 -9.57 -27.29
N ARG U 14 -60.79 -9.22 -27.05
CA ARG U 14 -61.28 -9.17 -25.68
C ARG U 14 -61.58 -10.55 -25.11
N GLY U 15 -61.78 -11.56 -25.96
CA GLY U 15 -62.14 -12.87 -25.47
C GLY U 15 -63.60 -13.02 -25.11
N THR U 16 -64.49 -12.41 -25.88
CA THR U 16 -65.93 -12.41 -25.61
C THR U 16 -66.68 -12.82 -26.87
N TYR U 17 -68.00 -12.84 -26.77
CA TYR U 17 -68.89 -13.20 -27.87
C TYR U 17 -70.03 -12.20 -27.96
N GLY U 18 -70.74 -12.25 -29.08
CA GLY U 18 -71.89 -11.40 -29.29
C GLY U 18 -72.48 -11.56 -30.67
N LYS U 19 -73.14 -10.52 -31.16
CA LYS U 19 -73.68 -10.58 -32.52
C LYS U 19 -72.57 -10.64 -33.55
N TYR U 20 -71.46 -9.95 -33.31
CA TYR U 20 -70.39 -9.88 -34.28
C TYR U 20 -69.37 -11.00 -34.13
N ARG U 21 -69.61 -11.95 -33.23
CA ARG U 21 -68.80 -13.16 -33.10
C ARG U 21 -69.57 -14.21 -32.31
N PRO U 22 -70.47 -14.95 -32.94
CA PRO U 22 -71.26 -15.96 -32.23
C PRO U 22 -70.40 -17.19 -31.94
N ARG U 23 -71.01 -18.16 -31.27
CA ARG U 23 -70.29 -19.37 -30.89
C ARG U 23 -70.45 -20.48 -31.94
N LYS U 24 -71.67 -20.93 -32.18
CA LYS U 24 -71.92 -21.99 -33.17
C LYS U 24 -73.39 -22.07 -33.53
#